data_1PKO
# 
_entry.id   1PKO 
# 
_audit_conform.dict_name       mmcif_pdbx.dic 
_audit_conform.dict_version    5.397 
_audit_conform.dict_location   http://mmcif.pdb.org/dictionaries/ascii/mmcif_pdbx.dic 
# 
loop_
_database_2.database_id 
_database_2.database_code 
_database_2.pdbx_database_accession 
_database_2.pdbx_DOI 
PDB   1PKO         pdb_00001pko 10.2210/pdb1pko/pdb 
RCSB  RCSB019394   ?            ?                   
WWPDB D_1000019394 ?            ?                   
# 
loop_
_pdbx_audit_revision_history.ordinal 
_pdbx_audit_revision_history.data_content_type 
_pdbx_audit_revision_history.major_revision 
_pdbx_audit_revision_history.minor_revision 
_pdbx_audit_revision_history.revision_date 
1 'Structure model' 1 0 2003-07-15 
2 'Structure model' 1 1 2008-04-29 
3 'Structure model' 1 2 2011-07-13 
4 'Structure model' 1 3 2024-10-23 
# 
_pdbx_audit_revision_details.ordinal             1 
_pdbx_audit_revision_details.revision_ordinal    1 
_pdbx_audit_revision_details.data_content_type   'Structure model' 
_pdbx_audit_revision_details.provider            repository 
_pdbx_audit_revision_details.type                'Initial release' 
_pdbx_audit_revision_details.description         ? 
_pdbx_audit_revision_details.details             ? 
# 
loop_
_pdbx_audit_revision_group.ordinal 
_pdbx_audit_revision_group.revision_ordinal 
_pdbx_audit_revision_group.data_content_type 
_pdbx_audit_revision_group.group 
1 2 'Structure model' 'Version format compliance' 
2 3 'Structure model' 'Version format compliance' 
3 4 'Structure model' 'Data collection'           
4 4 'Structure model' 'Database references'       
5 4 'Structure model' 'Derived calculations'      
6 4 'Structure model' 'Structure summary'         
# 
loop_
_pdbx_audit_revision_category.ordinal 
_pdbx_audit_revision_category.revision_ordinal 
_pdbx_audit_revision_category.data_content_type 
_pdbx_audit_revision_category.category 
1 4 'Structure model' chem_comp_atom            
2 4 'Structure model' chem_comp_bond            
3 4 'Structure model' database_2                
4 4 'Structure model' pdbx_entry_details        
5 4 'Structure model' pdbx_modification_feature 
6 4 'Structure model' struct_conn               
7 4 'Structure model' struct_ref_seq_dif        
# 
loop_
_pdbx_audit_revision_item.ordinal 
_pdbx_audit_revision_item.revision_ordinal 
_pdbx_audit_revision_item.data_content_type 
_pdbx_audit_revision_item.item 
1 4 'Structure model' '_database_2.pdbx_DOI'                
2 4 'Structure model' '_database_2.pdbx_database_accession' 
3 4 'Structure model' '_struct_conn.pdbx_leaving_atom_flag' 
4 4 'Structure model' '_struct_ref_seq_dif.details'         
# 
_pdbx_database_status.status_code                     REL 
_pdbx_database_status.entry_id                        1PKO 
_pdbx_database_status.recvd_initial_deposition_date   2003-06-06 
_pdbx_database_status.deposit_site                    RCSB 
_pdbx_database_status.process_site                    PDBJ 
_pdbx_database_status.status_code_sf                  REL 
_pdbx_database_status.SG_entry                        . 
_pdbx_database_status.pdb_format_compatible           Y 
_pdbx_database_status.status_code_mr                  ? 
_pdbx_database_status.status_code_cs                  ? 
_pdbx_database_status.status_code_nmr_data            ? 
_pdbx_database_status.methods_development_category    ? 
# 
_pdbx_database_related.db_name        PDB 
_pdbx_database_related.db_id          1PKQ 
_pdbx_database_related.details        'Myelin Oligodendrocyte Glycoprotein-(8-18C5) Fab complex' 
_pdbx_database_related.content_type   unspecified 
# 
loop_
_audit_author.name 
_audit_author.pdbx_ordinal 
'Breithaupt, C.' 1 
'Schubart, A.'   2 
'Zander, H.'     3 
'Skerra, A.'     4 
'Huber, R.'      5 
'Linington, C.'  6 
'Jacob, U.'      7 
# 
_citation.id                        primary 
_citation.title                     'Structural insights into the antigenicity of myelin oligodendrocyte glycoprotein' 
_citation.journal_abbrev            Proc.Natl.Acad.Sci.USA 
_citation.journal_volume            100 
_citation.page_first                9446 
_citation.page_last                 9451 
_citation.year                      2003 
_citation.journal_id_ASTM           PNASA6 
_citation.country                   US 
_citation.journal_id_ISSN           0027-8424 
_citation.journal_id_CSD            0040 
_citation.book_publisher            ? 
_citation.pdbx_database_id_PubMed   12874380 
_citation.pdbx_database_id_DOI      10.1073/pnas.1133443100 
# 
loop_
_citation_author.citation_id 
_citation_author.name 
_citation_author.ordinal 
_citation_author.identifier_ORCID 
primary 'Breithaupt, C.' 1 ? 
primary 'Schubart, A.'   2 ? 
primary 'Zander, H.'     3 ? 
primary 'Skerra, A.'     4 ? 
primary 'Huber, R.'      5 ? 
primary 'Linington, C.'  6 ? 
primary 'Jacob, U.'      7 ? 
# 
loop_
_entity.id 
_entity.type 
_entity.src_method 
_entity.pdbx_description 
_entity.formula_weight 
_entity.pdbx_number_of_molecules 
_entity.pdbx_ec 
_entity.pdbx_mutation 
_entity.pdbx_fragment 
_entity.details 
1 polymer man 'Myelin Oligodendrocyte Glycoprotein' 15975.648 1   ? ? 'N-terminal Ig domain' ? 
2 water   nat water                                 18.015    112 ? ? ?                      ? 
# 
_entity_poly.entity_id                      1 
_entity_poly.type                           'polypeptide(L)' 
_entity_poly.nstd_linkage                   no 
_entity_poly.nstd_monomer                   yes 
_entity_poly.pdbx_seq_one_letter_code       
;MRGSGQFRVIGPGHPIRALVGDEAELPCRISPGKNATG(MSE)EVGWYRSPFSRVVHLYRNGKDQDAEQAPEYRGRTELL
KESIGEGKVALRIQNVRFSDEGGYTCFFRDHSYQEEAAVELKVEDPFYWINPGRSRSHHHHHH
;
_entity_poly.pdbx_seq_one_letter_code_can   
;MRGSGQFRVIGPGHPIRALVGDEAELPCRISPGKNATGMEVGWYRSPFSRVVHLYRNGKDQDAEQAPEYRGRTELLKESI
GEGKVALRIQNVRFSDEGGYTCFFRDHSYQEEAAVELKVEDPFYWINPGRSRSHHHHHH
;
_entity_poly.pdbx_strand_id                 A 
_entity_poly.pdbx_target_identifier         ? 
# 
_pdbx_entity_nonpoly.entity_id   2 
_pdbx_entity_nonpoly.name        water 
_pdbx_entity_nonpoly.comp_id     HOH 
# 
loop_
_entity_poly_seq.entity_id 
_entity_poly_seq.num 
_entity_poly_seq.mon_id 
_entity_poly_seq.hetero 
1 1   MET n 
1 2   ARG n 
1 3   GLY n 
1 4   SER n 
1 5   GLY n 
1 6   GLN n 
1 7   PHE n 
1 8   ARG n 
1 9   VAL n 
1 10  ILE n 
1 11  GLY n 
1 12  PRO n 
1 13  GLY n 
1 14  HIS n 
1 15  PRO n 
1 16  ILE n 
1 17  ARG n 
1 18  ALA n 
1 19  LEU n 
1 20  VAL n 
1 21  GLY n 
1 22  ASP n 
1 23  GLU n 
1 24  ALA n 
1 25  GLU n 
1 26  LEU n 
1 27  PRO n 
1 28  CYS n 
1 29  ARG n 
1 30  ILE n 
1 31  SER n 
1 32  PRO n 
1 33  GLY n 
1 34  LYS n 
1 35  ASN n 
1 36  ALA n 
1 37  THR n 
1 38  GLY n 
1 39  MSE n 
1 40  GLU n 
1 41  VAL n 
1 42  GLY n 
1 43  TRP n 
1 44  TYR n 
1 45  ARG n 
1 46  SER n 
1 47  PRO n 
1 48  PHE n 
1 49  SER n 
1 50  ARG n 
1 51  VAL n 
1 52  VAL n 
1 53  HIS n 
1 54  LEU n 
1 55  TYR n 
1 56  ARG n 
1 57  ASN n 
1 58  GLY n 
1 59  LYS n 
1 60  ASP n 
1 61  GLN n 
1 62  ASP n 
1 63  ALA n 
1 64  GLU n 
1 65  GLN n 
1 66  ALA n 
1 67  PRO n 
1 68  GLU n 
1 69  TYR n 
1 70  ARG n 
1 71  GLY n 
1 72  ARG n 
1 73  THR n 
1 74  GLU n 
1 75  LEU n 
1 76  LEU n 
1 77  LYS n 
1 78  GLU n 
1 79  SER n 
1 80  ILE n 
1 81  GLY n 
1 82  GLU n 
1 83  GLY n 
1 84  LYS n 
1 85  VAL n 
1 86  ALA n 
1 87  LEU n 
1 88  ARG n 
1 89  ILE n 
1 90  GLN n 
1 91  ASN n 
1 92  VAL n 
1 93  ARG n 
1 94  PHE n 
1 95  SER n 
1 96  ASP n 
1 97  GLU n 
1 98  GLY n 
1 99  GLY n 
1 100 TYR n 
1 101 THR n 
1 102 CYS n 
1 103 PHE n 
1 104 PHE n 
1 105 ARG n 
1 106 ASP n 
1 107 HIS n 
1 108 SER n 
1 109 TYR n 
1 110 GLN n 
1 111 GLU n 
1 112 GLU n 
1 113 ALA n 
1 114 ALA n 
1 115 VAL n 
1 116 GLU n 
1 117 LEU n 
1 118 LYS n 
1 119 VAL n 
1 120 GLU n 
1 121 ASP n 
1 122 PRO n 
1 123 PHE n 
1 124 TYR n 
1 125 TRP n 
1 126 ILE n 
1 127 ASN n 
1 128 PRO n 
1 129 GLY n 
1 130 ARG n 
1 131 SER n 
1 132 ARG n 
1 133 SER n 
1 134 HIS n 
1 135 HIS n 
1 136 HIS n 
1 137 HIS n 
1 138 HIS n 
1 139 HIS n 
# 
_entity_src_gen.entity_id                          1 
_entity_src_gen.pdbx_src_id                        1 
_entity_src_gen.pdbx_alt_source_flag               sample 
_entity_src_gen.pdbx_seq_type                      ? 
_entity_src_gen.pdbx_beg_seq_num                   ? 
_entity_src_gen.pdbx_end_seq_num                   ? 
_entity_src_gen.gene_src_common_name               'Norway rat' 
_entity_src_gen.gene_src_genus                     Rattus 
_entity_src_gen.pdbx_gene_src_gene                 MOG 
_entity_src_gen.gene_src_species                   ? 
_entity_src_gen.gene_src_strain                    ? 
_entity_src_gen.gene_src_tissue                    ? 
_entity_src_gen.gene_src_tissue_fraction           ? 
_entity_src_gen.gene_src_details                   ? 
_entity_src_gen.pdbx_gene_src_fragment             ? 
_entity_src_gen.pdbx_gene_src_scientific_name      'Rattus norvegicus' 
_entity_src_gen.pdbx_gene_src_ncbi_taxonomy_id     10116 
_entity_src_gen.pdbx_gene_src_variant              ? 
_entity_src_gen.pdbx_gene_src_cell_line            ? 
_entity_src_gen.pdbx_gene_src_atcc                 ? 
_entity_src_gen.pdbx_gene_src_organ                ? 
_entity_src_gen.pdbx_gene_src_organelle            ? 
_entity_src_gen.pdbx_gene_src_cell                 ? 
_entity_src_gen.pdbx_gene_src_cellular_location    ? 
_entity_src_gen.host_org_common_name               ? 
_entity_src_gen.pdbx_host_org_scientific_name      'Escherichia coli' 
_entity_src_gen.pdbx_host_org_ncbi_taxonomy_id     562 
_entity_src_gen.host_org_genus                     Escherichia 
_entity_src_gen.pdbx_host_org_gene                 ? 
_entity_src_gen.pdbx_host_org_organ                ? 
_entity_src_gen.host_org_species                   ? 
_entity_src_gen.pdbx_host_org_tissue               ? 
_entity_src_gen.pdbx_host_org_tissue_fraction      ? 
_entity_src_gen.pdbx_host_org_strain               'B834(DE3)' 
_entity_src_gen.pdbx_host_org_variant              ? 
_entity_src_gen.pdbx_host_org_cell_line            ? 
_entity_src_gen.pdbx_host_org_atcc                 ? 
_entity_src_gen.pdbx_host_org_culture_collection   ? 
_entity_src_gen.pdbx_host_org_cell                 ? 
_entity_src_gen.pdbx_host_org_organelle            ? 
_entity_src_gen.pdbx_host_org_cellular_location    ? 
_entity_src_gen.pdbx_host_org_vector_type          plasmid 
_entity_src_gen.pdbx_host_org_vector               ? 
_entity_src_gen.host_org_details                   ? 
_entity_src_gen.expression_system_id               ? 
_entity_src_gen.plasmid_name                       pQE-12 
_entity_src_gen.plasmid_details                    ? 
_entity_src_gen.pdbx_description                   ? 
# 
loop_
_chem_comp.id 
_chem_comp.type 
_chem_comp.mon_nstd_flag 
_chem_comp.name 
_chem_comp.pdbx_synonyms 
_chem_comp.formula 
_chem_comp.formula_weight 
ALA 'L-peptide linking' y ALANINE          ? 'C3 H7 N O2'     89.093  
ARG 'L-peptide linking' y ARGININE         ? 'C6 H15 N4 O2 1' 175.209 
ASN 'L-peptide linking' y ASPARAGINE       ? 'C4 H8 N2 O3'    132.118 
ASP 'L-peptide linking' y 'ASPARTIC ACID'  ? 'C4 H7 N O4'     133.103 
CYS 'L-peptide linking' y CYSTEINE         ? 'C3 H7 N O2 S'   121.158 
GLN 'L-peptide linking' y GLUTAMINE        ? 'C5 H10 N2 O3'   146.144 
GLU 'L-peptide linking' y 'GLUTAMIC ACID'  ? 'C5 H9 N O4'     147.129 
GLY 'peptide linking'   y GLYCINE          ? 'C2 H5 N O2'     75.067  
HIS 'L-peptide linking' y HISTIDINE        ? 'C6 H10 N3 O2 1' 156.162 
HOH non-polymer         . WATER            ? 'H2 O'           18.015  
ILE 'L-peptide linking' y ISOLEUCINE       ? 'C6 H13 N O2'    131.173 
LEU 'L-peptide linking' y LEUCINE          ? 'C6 H13 N O2'    131.173 
LYS 'L-peptide linking' y LYSINE           ? 'C6 H15 N2 O2 1' 147.195 
MET 'L-peptide linking' y METHIONINE       ? 'C5 H11 N O2 S'  149.211 
MSE 'L-peptide linking' n SELENOMETHIONINE ? 'C5 H11 N O2 Se' 196.106 
PHE 'L-peptide linking' y PHENYLALANINE    ? 'C9 H11 N O2'    165.189 
PRO 'L-peptide linking' y PROLINE          ? 'C5 H9 N O2'     115.130 
SER 'L-peptide linking' y SERINE           ? 'C3 H7 N O3'     105.093 
THR 'L-peptide linking' y THREONINE        ? 'C4 H9 N O3'     119.119 
TRP 'L-peptide linking' y TRYPTOPHAN       ? 'C11 H12 N2 O2'  204.225 
TYR 'L-peptide linking' y TYROSINE         ? 'C9 H11 N O3'    181.189 
VAL 'L-peptide linking' y VALINE           ? 'C5 H11 N O2'    117.146 
# 
loop_
_pdbx_poly_seq_scheme.asym_id 
_pdbx_poly_seq_scheme.entity_id 
_pdbx_poly_seq_scheme.seq_id 
_pdbx_poly_seq_scheme.mon_id 
_pdbx_poly_seq_scheme.ndb_seq_num 
_pdbx_poly_seq_scheme.pdb_seq_num 
_pdbx_poly_seq_scheme.auth_seq_num 
_pdbx_poly_seq_scheme.pdb_mon_id 
_pdbx_poly_seq_scheme.auth_mon_id 
_pdbx_poly_seq_scheme.pdb_strand_id 
_pdbx_poly_seq_scheme.pdb_ins_code 
_pdbx_poly_seq_scheme.hetero 
A 1 1   MET 1   -3  ?   ?   ?   A . n 
A 1 2   ARG 2   -2  ?   ?   ?   A . n 
A 1 3   GLY 3   -1  ?   ?   ?   A . n 
A 1 4   SER 4   0   ?   ?   ?   A . n 
A 1 5   GLY 5   1   1   GLY GLY A . n 
A 1 6   GLN 6   2   2   GLN GLN A . n 
A 1 7   PHE 7   3   3   PHE PHE A . n 
A 1 8   ARG 8   4   4   ARG ARG A . n 
A 1 9   VAL 9   5   5   VAL VAL A . n 
A 1 10  ILE 10  6   6   ILE ILE A . n 
A 1 11  GLY 11  7   7   GLY GLY A . n 
A 1 12  PRO 12  8   8   PRO PRO A . n 
A 1 13  GLY 13  9   9   GLY GLY A . n 
A 1 14  HIS 14  10  10  HIS HIS A . n 
A 1 15  PRO 15  11  11  PRO PRO A . n 
A 1 16  ILE 16  12  12  ILE ILE A . n 
A 1 17  ARG 17  13  13  ARG ARG A . n 
A 1 18  ALA 18  14  14  ALA ALA A . n 
A 1 19  LEU 19  15  15  LEU LEU A . n 
A 1 20  VAL 20  16  16  VAL VAL A . n 
A 1 21  GLY 21  17  17  GLY GLY A . n 
A 1 22  ASP 22  18  18  ASP ASP A . n 
A 1 23  GLU 23  19  19  GLU GLU A . n 
A 1 24  ALA 24  20  20  ALA ALA A . n 
A 1 25  GLU 25  21  21  GLU GLU A . n 
A 1 26  LEU 26  22  22  LEU LEU A . n 
A 1 27  PRO 27  23  23  PRO PRO A . n 
A 1 28  CYS 28  24  24  CYS CYS A . n 
A 1 29  ARG 29  25  25  ARG ARG A . n 
A 1 30  ILE 30  26  26  ILE ILE A . n 
A 1 31  SER 31  27  27  SER SER A . n 
A 1 32  PRO 32  28  28  PRO CPR A . n 
A 1 33  GLY 33  29  29  GLY GLY A . n 
A 1 34  LYS 34  30  30  LYS LYS A . n 
A 1 35  ASN 35  31  31  ASN ASN A . n 
A 1 36  ALA 36  32  32  ALA ALA A . n 
A 1 37  THR 37  33  33  THR THR A . n 
A 1 38  GLY 38  34  34  GLY GLY A . n 
A 1 39  MSE 39  35  35  MSE MSE A . n 
A 1 40  GLU 40  36  36  GLU GLU A . n 
A 1 41  VAL 41  37  37  VAL VAL A . n 
A 1 42  GLY 42  38  38  GLY GLY A . n 
A 1 43  TRP 43  39  39  TRP TRP A . n 
A 1 44  TYR 44  40  40  TYR TYR A . n 
A 1 45  ARG 45  41  41  ARG ARG A . n 
A 1 46  SER 46  42  42  SER SER A . n 
A 1 47  PRO 47  43  ?   ?   ?   A . n 
A 1 48  PHE 48  44  ?   ?   ?   A . n 
A 1 49  SER 49  45  45  SER ALA A . n 
A 1 50  ARG 50  46  46  ARG ARG A . n 
A 1 51  VAL 51  47  47  VAL VAL A . n 
A 1 52  VAL 52  48  48  VAL VAL A . n 
A 1 53  HIS 53  49  49  HIS HIS A . n 
A 1 54  LEU 54  50  50  LEU LEU A . n 
A 1 55  TYR 55  51  51  TYR TYR A . n 
A 1 56  ARG 56  52  52  ARG ARG A . n 
A 1 57  ASN 57  53  53  ASN ASN A . n 
A 1 58  GLY 58  54  54  GLY GLY A . n 
A 1 59  LYS 59  55  55  LYS LYS A . n 
A 1 60  ASP 60  56  56  ASP ASP A . n 
A 1 61  GLN 61  57  57  GLN GLN A . n 
A 1 62  ASP 62  58  58  ASP ASP A . n 
A 1 63  ALA 63  59  59  ALA ALA A . n 
A 1 64  GLU 64  60  60  GLU GLU A . n 
A 1 65  GLN 65  61  61  GLN GLN A . n 
A 1 66  ALA 66  62  62  ALA ALA A . n 
A 1 67  PRO 67  63  63  PRO PRO A . n 
A 1 68  GLU 68  64  64  GLU GLU A . n 
A 1 69  TYR 69  65  65  TYR TYR A . n 
A 1 70  ARG 70  66  66  ARG ARG A . n 
A 1 71  GLY 71  67  67  GLY GLY A . n 
A 1 72  ARG 72  68  68  ARG ARG A . n 
A 1 73  THR 73  69  69  THR THR A . n 
A 1 74  GLU 74  70  70  GLU GLU A . n 
A 1 75  LEU 75  71  71  LEU LEU A . n 
A 1 76  LEU 76  72  72  LEU LEU A . n 
A 1 77  LYS 77  73  73  LYS LYS A . n 
A 1 78  GLU 78  74  74  GLU GLU A . n 
A 1 79  SER 79  75  75  SER SER A . n 
A 1 80  ILE 80  76  76  ILE ILE A . n 
A 1 81  GLY 81  77  77  GLY GLY A . n 
A 1 82  GLU 82  78  78  GLU GLU A . n 
A 1 83  GLY 83  79  79  GLY GLY A . n 
A 1 84  LYS 84  80  80  LYS LYS A . n 
A 1 85  VAL 85  81  81  VAL VAL A . n 
A 1 86  ALA 86  82  82  ALA ALA A . n 
A 1 87  LEU 87  83  83  LEU LEU A . n 
A 1 88  ARG 88  84  84  ARG ARG A . n 
A 1 89  ILE 89  85  85  ILE ILE A . n 
A 1 90  GLN 90  86  86  GLN GLN A . n 
A 1 91  ASN 91  87  87  ASN ASN A . n 
A 1 92  VAL 92  88  88  VAL VAL A . n 
A 1 93  ARG 93  89  89  ARG ARG A . n 
A 1 94  PHE 94  90  90  PHE PHE A . n 
A 1 95  SER 95  91  91  SER SER A . n 
A 1 96  ASP 96  92  92  ASP ASP A . n 
A 1 97  GLU 97  93  93  GLU GLU A . n 
A 1 98  GLY 98  94  94  GLY GLY A . n 
A 1 99  GLY 99  95  95  GLY GLY A . n 
A 1 100 TYR 100 96  96  TYR TYR A . n 
A 1 101 THR 101 97  97  THR THR A . n 
A 1 102 CYS 102 98  98  CYS CYS A . n 
A 1 103 PHE 103 99  99  PHE PHE A . n 
A 1 104 PHE 104 100 100 PHE PHE A . n 
A 1 105 ARG 105 101 101 ARG ARG A . n 
A 1 106 ASP 106 102 102 ASP ASP A . n 
A 1 107 HIS 107 103 103 HIS HIS A . n 
A 1 108 SER 108 104 104 SER SER A . n 
A 1 109 TYR 109 105 105 TYR TYR A . n 
A 1 110 GLN 110 106 106 GLN GLN A . n 
A 1 111 GLU 111 107 107 GLU GLU A . n 
A 1 112 GLU 112 108 108 GLU GLU A . n 
A 1 113 ALA 113 109 109 ALA ALA A . n 
A 1 114 ALA 114 110 110 ALA ALA A . n 
A 1 115 VAL 115 111 111 VAL VAL A . n 
A 1 116 GLU 116 112 112 GLU GLU A . n 
A 1 117 LEU 117 113 113 LEU LEU A . n 
A 1 118 LYS 118 114 114 LYS LYS A . n 
A 1 119 VAL 119 115 115 VAL VAL A . n 
A 1 120 GLU 120 116 116 GLU GLU A . n 
A 1 121 ASP 121 117 117 ASP ASP A . n 
A 1 122 PRO 122 118 118 PRO PRO A . n 
A 1 123 PHE 123 119 119 PHE PHE A . n 
A 1 124 TYR 124 120 120 TYR TYR A . n 
A 1 125 TRP 125 121 121 TRP TRP A . n 
A 1 126 ILE 126 122 122 ILE ILE A . n 
A 1 127 ASN 127 123 123 ASN ASN A . n 
A 1 128 PRO 128 124 124 PRO PRO A . n 
A 1 129 GLY 129 125 125 GLY GLY A . n 
A 1 130 ARG 130 126 126 ARG ALA A . n 
A 1 131 SER 131 127 ?   ?   ?   A . n 
A 1 132 ARG 132 128 ?   ?   ?   A . n 
A 1 133 SER 133 129 ?   ?   ?   A . n 
A 1 134 HIS 134 130 ?   ?   ?   A . n 
A 1 135 HIS 135 131 ?   ?   ?   A . n 
A 1 136 HIS 136 132 ?   ?   ?   A . n 
A 1 137 HIS 137 133 ?   ?   ?   A . n 
A 1 138 HIS 138 134 ?   ?   ?   A . n 
A 1 139 HIS 139 135 ?   ?   ?   A . n 
# 
loop_
_pdbx_nonpoly_scheme.asym_id 
_pdbx_nonpoly_scheme.entity_id 
_pdbx_nonpoly_scheme.mon_id 
_pdbx_nonpoly_scheme.ndb_seq_num 
_pdbx_nonpoly_scheme.pdb_seq_num 
_pdbx_nonpoly_scheme.auth_seq_num 
_pdbx_nonpoly_scheme.pdb_mon_id 
_pdbx_nonpoly_scheme.auth_mon_id 
_pdbx_nonpoly_scheme.pdb_strand_id 
_pdbx_nonpoly_scheme.pdb_ins_code 
B 2 HOH 1   136 1   HOH HOH A . 
B 2 HOH 2   137 2   HOH HOH A . 
B 2 HOH 3   138 3   HOH HOH A . 
B 2 HOH 4   139 4   HOH HOH A . 
B 2 HOH 5   140 5   HOH HOH A . 
B 2 HOH 6   141 6   HOH HOH A . 
B 2 HOH 7   142 7   HOH HOH A . 
B 2 HOH 8   143 8   HOH HOH A . 
B 2 HOH 9   144 9   HOH HOH A . 
B 2 HOH 10  145 10  HOH HOH A . 
B 2 HOH 11  146 11  HOH HOH A . 
B 2 HOH 12  147 12  HOH HOH A . 
B 2 HOH 13  148 13  HOH HOH A . 
B 2 HOH 14  149 14  HOH HOH A . 
B 2 HOH 15  150 15  HOH HOH A . 
B 2 HOH 16  151 16  HOH HOH A . 
B 2 HOH 17  152 17  HOH HOH A . 
B 2 HOH 18  153 18  HOH HOH A . 
B 2 HOH 19  154 19  HOH HOH A . 
B 2 HOH 20  155 20  HOH HOH A . 
B 2 HOH 21  156 21  HOH HOH A . 
B 2 HOH 22  157 22  HOH HOH A . 
B 2 HOH 23  158 23  HOH HOH A . 
B 2 HOH 24  159 24  HOH HOH A . 
B 2 HOH 25  160 25  HOH HOH A . 
B 2 HOH 26  161 26  HOH HOH A . 
B 2 HOH 27  162 27  HOH HOH A . 
B 2 HOH 28  163 28  HOH HOH A . 
B 2 HOH 29  164 29  HOH HOH A . 
B 2 HOH 30  165 30  HOH HOH A . 
B 2 HOH 31  166 31  HOH HOH A . 
B 2 HOH 32  167 32  HOH HOH A . 
B 2 HOH 33  168 33  HOH HOH A . 
B 2 HOH 34  169 34  HOH HOH A . 
B 2 HOH 35  170 35  HOH HOH A . 
B 2 HOH 36  171 36  HOH HOH A . 
B 2 HOH 37  172 37  HOH HOH A . 
B 2 HOH 38  173 38  HOH HOH A . 
B 2 HOH 39  174 39  HOH HOH A . 
B 2 HOH 40  175 40  HOH HOH A . 
B 2 HOH 41  176 41  HOH HOH A . 
B 2 HOH 42  177 42  HOH HOH A . 
B 2 HOH 43  178 43  HOH HOH A . 
B 2 HOH 44  179 44  HOH HOH A . 
B 2 HOH 45  180 45  HOH HOH A . 
B 2 HOH 46  181 46  HOH HOH A . 
B 2 HOH 47  182 47  HOH HOH A . 
B 2 HOH 48  183 48  HOH HOH A . 
B 2 HOH 49  184 49  HOH HOH A . 
B 2 HOH 50  185 50  HOH HOH A . 
B 2 HOH 51  186 51  HOH HOH A . 
B 2 HOH 52  187 52  HOH HOH A . 
B 2 HOH 53  188 53  HOH HOH A . 
B 2 HOH 54  189 54  HOH HOH A . 
B 2 HOH 55  190 55  HOH HOH A . 
B 2 HOH 56  191 56  HOH HOH A . 
B 2 HOH 57  192 57  HOH HOH A . 
B 2 HOH 58  193 58  HOH HOH A . 
B 2 HOH 59  194 59  HOH HOH A . 
B 2 HOH 60  195 60  HOH HOH A . 
B 2 HOH 61  196 61  HOH HOH A . 
B 2 HOH 62  197 62  HOH HOH A . 
B 2 HOH 63  198 63  HOH HOH A . 
B 2 HOH 64  199 64  HOH HOH A . 
B 2 HOH 65  200 65  HOH HOH A . 
B 2 HOH 66  201 66  HOH HOH A . 
B 2 HOH 67  202 67  HOH HOH A . 
B 2 HOH 68  203 68  HOH HOH A . 
B 2 HOH 69  204 69  HOH HOH A . 
B 2 HOH 70  205 70  HOH HOH A . 
B 2 HOH 71  206 71  HOH HOH A . 
B 2 HOH 72  207 72  HOH HOH A . 
B 2 HOH 73  208 73  HOH HOH A . 
B 2 HOH 74  209 74  HOH HOH A . 
B 2 HOH 75  210 75  HOH HOH A . 
B 2 HOH 76  211 76  HOH HOH A . 
B 2 HOH 77  212 77  HOH HOH A . 
B 2 HOH 78  213 78  HOH HOH A . 
B 2 HOH 79  214 79  HOH HOH A . 
B 2 HOH 80  215 80  HOH HOH A . 
B 2 HOH 81  216 81  HOH HOH A . 
B 2 HOH 82  217 82  HOH HOH A . 
B 2 HOH 83  218 83  HOH HOH A . 
B 2 HOH 84  219 84  HOH HOH A . 
B 2 HOH 85  220 85  HOH HOH A . 
B 2 HOH 86  221 86  HOH HOH A . 
B 2 HOH 87  222 87  HOH HOH A . 
B 2 HOH 88  223 88  HOH HOH A . 
B 2 HOH 89  224 89  HOH HOH A . 
B 2 HOH 90  225 90  HOH HOH A . 
B 2 HOH 91  226 91  HOH HOH A . 
B 2 HOH 92  227 92  HOH HOH A . 
B 2 HOH 93  228 93  HOH HOH A . 
B 2 HOH 94  229 94  HOH HOH A . 
B 2 HOH 95  230 95  HOH HOH A . 
B 2 HOH 96  231 96  HOH HOH A . 
B 2 HOH 97  232 97  HOH HOH A . 
B 2 HOH 98  233 98  HOH HOH A . 
B 2 HOH 99  234 99  HOH HOH A . 
B 2 HOH 100 235 100 HOH HOH A . 
B 2 HOH 101 236 101 HOH HOH A . 
B 2 HOH 102 237 102 HOH HOH A . 
B 2 HOH 103 238 103 HOH HOH A . 
B 2 HOH 104 239 104 HOH HOH A . 
B 2 HOH 105 240 105 HOH HOH A . 
B 2 HOH 106 241 106 HOH HOH A . 
B 2 HOH 107 242 107 HOH HOH A . 
B 2 HOH 108 243 108 HOH HOH A . 
B 2 HOH 109 244 109 HOH HOH A . 
B 2 HOH 110 245 110 HOH HOH A . 
B 2 HOH 111 246 111 HOH HOH A . 
B 2 HOH 112 247 112 HOH HOH A . 
# 
loop_
_pdbx_unobs_or_zero_occ_atoms.id 
_pdbx_unobs_or_zero_occ_atoms.PDB_model_num 
_pdbx_unobs_or_zero_occ_atoms.polymer_flag 
_pdbx_unobs_or_zero_occ_atoms.occupancy_flag 
_pdbx_unobs_or_zero_occ_atoms.auth_asym_id 
_pdbx_unobs_or_zero_occ_atoms.auth_comp_id 
_pdbx_unobs_or_zero_occ_atoms.auth_seq_id 
_pdbx_unobs_or_zero_occ_atoms.PDB_ins_code 
_pdbx_unobs_or_zero_occ_atoms.auth_atom_id 
_pdbx_unobs_or_zero_occ_atoms.label_alt_id 
_pdbx_unobs_or_zero_occ_atoms.label_asym_id 
_pdbx_unobs_or_zero_occ_atoms.label_comp_id 
_pdbx_unobs_or_zero_occ_atoms.label_seq_id 
_pdbx_unobs_or_zero_occ_atoms.label_atom_id 
1  1 Y 1 A SER 45  ? OG  ? A SER 49  OG  
2  1 Y 0 A ARG 66  ? CD  ? A ARG 70  CD  
3  1 Y 0 A ARG 66  ? NE  ? A ARG 70  NE  
4  1 Y 0 A ARG 66  ? CZ  ? A ARG 70  CZ  
5  1 Y 0 A ARG 66  ? NH1 ? A ARG 70  NH1 
6  1 Y 0 A ARG 66  ? NH2 ? A ARG 70  NH2 
7  1 Y 1 A ARG 126 ? CG  ? A ARG 130 CG  
8  1 Y 1 A ARG 126 ? CD  ? A ARG 130 CD  
9  1 Y 1 A ARG 126 ? NE  ? A ARG 130 NE  
10 1 Y 1 A ARG 126 ? CZ  ? A ARG 130 CZ  
11 1 Y 1 A ARG 126 ? NH1 ? A ARG 130 NH1 
12 1 Y 1 A ARG 126 ? NH2 ? A ARG 130 NH2 
# 
loop_
_software.name 
_software.classification 
_software.version 
_software.citation_id 
_software.pdbx_ordinal 
DENZO     'data reduction' . ? 1 
SCALEPACK 'data scaling'   . ? 2 
MLPHARE   phasing          . ? 3 
CNS       refinement       . ? 4 
# 
_cell.entry_id           1PKO 
_cell.length_a           50.234 
_cell.length_b           50.234 
_cell.length_c           76.610 
_cell.angle_alpha        90.00 
_cell.angle_beta         90.00 
_cell.angle_gamma        120.00 
_cell.Z_PDB              6 
_cell.pdbx_unique_axis   ? 
# 
_symmetry.entry_id                         1PKO 
_symmetry.space_group_name_H-M             'P 32 2 1' 
_symmetry.pdbx_full_space_group_name_H-M   ? 
_symmetry.cell_setting                     ? 
_symmetry.Int_Tables_number                154 
# 
_exptl.entry_id          1PKO 
_exptl.method            'X-RAY DIFFRACTION' 
_exptl.crystals_number   1 
# 
_exptl_crystal.id                    1 
_exptl_crystal.density_meas          ? 
_exptl_crystal.density_Matthews      1.72 
_exptl_crystal.density_percent_sol   27.85 
_exptl_crystal.description           ? 
# 
_exptl_crystal_grow.crystal_id      1 
_exptl_crystal_grow.method          'VAPOR DIFFUSION, SITTING DROP' 
_exptl_crystal_grow.temp            291 
_exptl_crystal_grow.temp_details    ? 
_exptl_crystal_grow.pH              7.4 
_exptl_crystal_grow.pdbx_details    'Tris/HCl, PEG8000, MgCl2, NaCl, pH 7.4, VAPOR DIFFUSION, SITTING DROP, temperature 291K' 
_exptl_crystal_grow.pdbx_pH_range   ? 
# 
loop_
_diffrn.id 
_diffrn.ambient_temp 
_diffrn.ambient_temp_details 
_diffrn.crystal_id 
1 100 ? 1 
2 ?   ? 1 
# 
_diffrn_detector.diffrn_id              1 
_diffrn_detector.detector               CCD 
_diffrn_detector.type                   MARRESEARCH 
_diffrn_detector.pdbx_collection_date   2002-11-09 
_diffrn_detector.details                ? 
# 
loop_
_diffrn_radiation.diffrn_id 
_diffrn_radiation.wavelength_id 
_diffrn_radiation.pdbx_monochromatic_or_laue_m_l 
_diffrn_radiation.monochromator 
_diffrn_radiation.pdbx_diffrn_protocol 
_diffrn_radiation.pdbx_scattering_type 
1 1 M 'Si(111) double crystal, non dispersive' MAD                 x-ray 
2 1 M 'Si(111) double crystal, non dispersive' 'SINGLE WAVELENGTH' x-ray 
# 
_diffrn_radiation_wavelength.id           1 
_diffrn_radiation_wavelength.wavelength   1.0500 
_diffrn_radiation_wavelength.wt           1.0 
# 
_diffrn_source.diffrn_id                   1 
_diffrn_source.source                      SYNCHROTRON 
_diffrn_source.type                        'MPG/DESY, HAMBURG BEAMLINE BW6' 
_diffrn_source.pdbx_synchrotron_site       'MPG/DESY, HAMBURG' 
_diffrn_source.pdbx_synchrotron_beamline   BW6 
_diffrn_source.pdbx_wavelength             ? 
_diffrn_source.pdbx_wavelength_list        1.0500 
# 
_reflns.entry_id                     1PKO 
_reflns.observed_criterion_sigma_F   ? 
_reflns.observed_criterion_sigma_I   ? 
_reflns.d_resolution_high            1.45 
_reflns.d_resolution_low             20.0 
_reflns.number_all                   ? 
_reflns.number_obs                   20287 
_reflns.percent_possible_obs         99.3 
_reflns.pdbx_Rmerge_I_obs            0.051 
_reflns.pdbx_Rsym_value              ? 
_reflns.pdbx_netI_over_sigmaI        28.1 
_reflns.B_iso_Wilson_estimate        17.2 
_reflns.pdbx_redundancy              3.9 
_reflns.R_free_details               ? 
_reflns.limit_h_max                  ? 
_reflns.limit_h_min                  ? 
_reflns.limit_k_max                  ? 
_reflns.limit_k_min                  ? 
_reflns.limit_l_max                  ? 
_reflns.limit_l_min                  ? 
_reflns.observed_criterion_F_max     ? 
_reflns.observed_criterion_F_min     ? 
_reflns.pdbx_diffrn_id               1,2 
_reflns.pdbx_ordinal                 1 
# 
_reflns_shell.d_res_high             1.45 
_reflns_shell.d_res_low              1.47 
_reflns_shell.percent_possible_all   99.6 
_reflns_shell.Rmerge_I_obs           0.398 
_reflns_shell.pdbx_Rsym_value        ? 
_reflns_shell.meanI_over_sigI_obs    3.9 
_reflns_shell.pdbx_redundancy        3.8 
_reflns_shell.percent_possible_obs   ? 
_reflns_shell.number_unique_all      801 
_reflns_shell.pdbx_diffrn_id         ? 
_reflns_shell.pdbx_ordinal           1 
# 
_refine.entry_id                                 1PKO 
_refine.ls_d_res_high                            1.45 
_refine.ls_d_res_low                             20.0 
_refine.pdbx_ls_sigma_F                          0 
_refine.pdbx_ls_sigma_I                          ? 
_refine.ls_number_reflns_all                     21284 
_refine.ls_number_reflns_obs                     20287 
_refine.ls_number_reflns_R_free                  997 
_refine.ls_percent_reflns_obs                    99.3 
_refine.ls_R_factor_all                          ? 
_refine.ls_R_factor_obs                          ? 
_refine.ls_R_factor_R_work                       0.194 
_refine.ls_R_factor_R_free                       0.219 
_refine.ls_redundancy_reflns_obs                 ? 
_refine.pdbx_data_cutoff_high_absF               ? 
_refine.pdbx_data_cutoff_low_absF                ? 
_refine.ls_number_parameters                     ? 
_refine.ls_number_restraints                     ? 
_refine.ls_percent_reflns_R_free                 ? 
_refine.ls_R_factor_R_free_error                 ? 
_refine.ls_R_factor_R_free_error_details         ? 
_refine.pdbx_method_to_determine_struct          MAD 
_refine.pdbx_starting_model                      ? 
_refine.pdbx_ls_cross_valid_method               THROUGHOUT 
_refine.pdbx_R_Free_selection_details            random 
_refine.pdbx_stereochem_target_val_spec_case     ? 
_refine.pdbx_stereochemistry_target_values       'Engh & Huber' 
_refine.solvent_model_details                    ? 
_refine.solvent_model_param_bsol                 ? 
_refine.solvent_model_param_ksol                 ? 
_refine.occupancy_max                            ? 
_refine.occupancy_min                            ? 
_refine.pdbx_isotropic_thermal_model             ? 
_refine.B_iso_mean                               20.2 
_refine.aniso_B[1][1]                            ? 
_refine.aniso_B[1][2]                            ? 
_refine.aniso_B[1][3]                            ? 
_refine.aniso_B[2][2]                            ? 
_refine.aniso_B[2][3]                            ? 
_refine.aniso_B[3][3]                            ? 
_refine.details                                  ? 
_refine.B_iso_min                                ? 
_refine.B_iso_max                                ? 
_refine.correlation_coeff_Fo_to_Fc               ? 
_refine.correlation_coeff_Fo_to_Fc_free          ? 
_refine.pdbx_solvent_vdw_probe_radii             ? 
_refine.pdbx_solvent_ion_probe_radii             ? 
_refine.pdbx_solvent_shrinkage_radii             ? 
_refine.overall_SU_R_Cruickshank_DPI             ? 
_refine.overall_SU_R_free                        ? 
_refine.overall_SU_B                             ? 
_refine.overall_SU_ML                            ? 
_refine.pdbx_overall_ESU_R                       ? 
_refine.pdbx_overall_ESU_R_Free                  ? 
_refine.pdbx_data_cutoff_high_rms_absF           ? 
_refine.pdbx_refine_id                           'X-RAY DIFFRACTION' 
_refine.pdbx_diffrn_id                           1 
_refine.pdbx_TLS_residual_ADP_flag               ? 
_refine.pdbx_overall_phase_error                 ? 
_refine.pdbx_overall_SU_R_free_Cruickshank_DPI   ? 
_refine.pdbx_overall_SU_R_Blow_DPI               ? 
_refine.pdbx_overall_SU_R_free_Blow_DPI          ? 
# 
_refine_hist.pdbx_refine_id                   'X-RAY DIFFRACTION' 
_refine_hist.cycle_id                         LAST 
_refine_hist.pdbx_number_atoms_protein        1048 
_refine_hist.pdbx_number_atoms_nucleic_acid   0 
_refine_hist.pdbx_number_atoms_ligand         0 
_refine_hist.number_atoms_solvent             112 
_refine_hist.number_atoms_total               1160 
_refine_hist.d_res_high                       1.45 
_refine_hist.d_res_low                        20.0 
# 
loop_
_refine_ls_restr.type 
_refine_ls_restr.dev_ideal 
_refine_ls_restr.dev_ideal_target 
_refine_ls_restr.weight 
_refine_ls_restr.number 
_refine_ls_restr.pdbx_refine_id 
_refine_ls_restr.pdbx_restraint_function 
c_bond_d    0.011 ? ? ? 'X-RAY DIFFRACTION' ? 
c_angle_deg 1.64  ? ? ? 'X-RAY DIFFRACTION' ? 
# 
_refine_ls_shell.pdbx_total_number_of_bins_used   ? 
_refine_ls_shell.d_res_high                       1.45 
_refine_ls_shell.d_res_low                        1.48 
_refine_ls_shell.number_reflns_R_work             ? 
_refine_ls_shell.R_factor_R_work                  0.238 
_refine_ls_shell.percent_reflns_obs               ? 
_refine_ls_shell.R_factor_R_free                  0.241 
_refine_ls_shell.R_factor_R_free_error            ? 
_refine_ls_shell.percent_reflns_R_free            ? 
_refine_ls_shell.number_reflns_R_free             48 
_refine_ls_shell.number_reflns_obs                1066 
_refine_ls_shell.redundancy_reflns_obs            ? 
_refine_ls_shell.number_reflns_all                ? 
_refine_ls_shell.pdbx_refine_id                   'X-RAY DIFFRACTION' 
_refine_ls_shell.R_factor_all                     ? 
# 
_struct.entry_id                  1PKO 
_struct.title                     'Myelin Oligodendrocyte Glycoprotein (MOG)' 
_struct.pdbx_model_details        ? 
_struct.pdbx_CASP_flag            ? 
_struct.pdbx_model_type_details   ? 
# 
_struct_keywords.entry_id        1PKO 
_struct_keywords.pdbx_keywords   'IMMUNE SYSTEM' 
_struct_keywords.text            'IgV-domain, IMMUNE SYSTEM' 
# 
loop_
_struct_asym.id 
_struct_asym.pdbx_blank_PDB_chainid_flag 
_struct_asym.pdbx_modified 
_struct_asym.entity_id 
_struct_asym.details 
A N N 1 ? 
B N N 2 ? 
# 
_struct_ref.id                         1 
_struct_ref.db_name                    UNP 
_struct_ref.db_code                    MOG_RAT 
_struct_ref.entity_id                  1 
_struct_ref.pdbx_seq_one_letter_code   
;GQFRVIGPGHPIRALVGDEAELPCRISPGKNATGMEVGWYRSPFSRVVHLYRNGKDQDAEQAPEYRGRTELLKESIGEGK
VALRIQNVRFSDEGGYTCFFRDHSYQEEAAVELKVEDPFYWINPG
;
_struct_ref.pdbx_align_begin           28 
_struct_ref.pdbx_db_accession          Q63345 
_struct_ref.pdbx_db_isoform            ? 
# 
_struct_ref_seq.align_id                      1 
_struct_ref_seq.ref_id                        1 
_struct_ref_seq.pdbx_PDB_id_code              1PKO 
_struct_ref_seq.pdbx_strand_id                A 
_struct_ref_seq.seq_align_beg                 5 
_struct_ref_seq.pdbx_seq_align_beg_ins_code   ? 
_struct_ref_seq.seq_align_end                 129 
_struct_ref_seq.pdbx_seq_align_end_ins_code   ? 
_struct_ref_seq.pdbx_db_accession             Q63345 
_struct_ref_seq.db_align_beg                  28 
_struct_ref_seq.pdbx_db_align_beg_ins_code    ? 
_struct_ref_seq.db_align_end                  152 
_struct_ref_seq.pdbx_db_align_end_ins_code    ? 
_struct_ref_seq.pdbx_auth_seq_align_beg       1 
_struct_ref_seq.pdbx_auth_seq_align_end       125 
# 
loop_
_struct_ref_seq_dif.align_id 
_struct_ref_seq_dif.pdbx_pdb_id_code 
_struct_ref_seq_dif.mon_id 
_struct_ref_seq_dif.pdbx_pdb_strand_id 
_struct_ref_seq_dif.seq_num 
_struct_ref_seq_dif.pdbx_pdb_ins_code 
_struct_ref_seq_dif.pdbx_seq_db_name 
_struct_ref_seq_dif.pdbx_seq_db_accession_code 
_struct_ref_seq_dif.db_mon_id 
_struct_ref_seq_dif.pdbx_seq_db_seq_num 
_struct_ref_seq_dif.details 
_struct_ref_seq_dif.pdbx_auth_seq_num 
_struct_ref_seq_dif.pdbx_ordinal 
1 1PKO MET A 1   ? UNP Q63345 ?   ?  'cloning artifact' -3  1  
1 1PKO ARG A 2   ? UNP Q63345 ?   ?  'cloning artifact' -2  2  
1 1PKO GLY A 3   ? UNP Q63345 ?   ?  'cloning artifact' -1  3  
1 1PKO SER A 4   ? UNP Q63345 ?   ?  'cloning artifact' 0   4  
1 1PKO MSE A 39  ? UNP Q63345 MET 62 'modified residue' 35  5  
1 1PKO ARG A 130 ? UNP Q63345 ?   ?  'expression tag'   126 6  
1 1PKO SER A 131 ? UNP Q63345 ?   ?  'expression tag'   127 7  
1 1PKO ARG A 132 ? UNP Q63345 ?   ?  'expression tag'   128 8  
1 1PKO SER A 133 ? UNP Q63345 ?   ?  'expression tag'   129 9  
1 1PKO HIS A 134 ? UNP Q63345 ?   ?  'expression tag'   130 10 
1 1PKO HIS A 135 ? UNP Q63345 ?   ?  'expression tag'   131 11 
1 1PKO HIS A 136 ? UNP Q63345 ?   ?  'expression tag'   132 12 
1 1PKO HIS A 137 ? UNP Q63345 ?   ?  'expression tag'   133 13 
1 1PKO HIS A 138 ? UNP Q63345 ?   ?  'expression tag'   134 14 
1 1PKO HIS A 139 ? UNP Q63345 ?   ?  'expression tag'   135 15 
# 
_pdbx_struct_assembly.id                   1 
_pdbx_struct_assembly.details              author_defined_assembly 
_pdbx_struct_assembly.method_details       ? 
_pdbx_struct_assembly.oligomeric_details   monomeric 
_pdbx_struct_assembly.oligomeric_count     1 
# 
_pdbx_struct_assembly_gen.assembly_id       1 
_pdbx_struct_assembly_gen.oper_expression   1 
_pdbx_struct_assembly_gen.asym_id_list      A,B 
# 
_pdbx_struct_oper_list.id                   1 
_pdbx_struct_oper_list.type                 'identity operation' 
_pdbx_struct_oper_list.name                 1_555 
_pdbx_struct_oper_list.symmetry_operation   x,y,z 
_pdbx_struct_oper_list.matrix[1][1]         1.0000000000 
_pdbx_struct_oper_list.matrix[1][2]         0.0000000000 
_pdbx_struct_oper_list.matrix[1][3]         0.0000000000 
_pdbx_struct_oper_list.vector[1]            0.0000000000 
_pdbx_struct_oper_list.matrix[2][1]         0.0000000000 
_pdbx_struct_oper_list.matrix[2][2]         1.0000000000 
_pdbx_struct_oper_list.matrix[2][3]         0.0000000000 
_pdbx_struct_oper_list.vector[2]            0.0000000000 
_pdbx_struct_oper_list.matrix[3][1]         0.0000000000 
_pdbx_struct_oper_list.matrix[3][2]         0.0000000000 
_pdbx_struct_oper_list.matrix[3][3]         1.0000000000 
_pdbx_struct_oper_list.vector[3]            0.0000000000 
# 
loop_
_struct_conf.conf_type_id 
_struct_conf.id 
_struct_conf.pdbx_PDB_helix_id 
_struct_conf.beg_label_comp_id 
_struct_conf.beg_label_asym_id 
_struct_conf.beg_label_seq_id 
_struct_conf.pdbx_beg_PDB_ins_code 
_struct_conf.end_label_comp_id 
_struct_conf.end_label_asym_id 
_struct_conf.end_label_seq_id 
_struct_conf.pdbx_end_PDB_ins_code 
_struct_conf.beg_auth_comp_id 
_struct_conf.beg_auth_asym_id 
_struct_conf.beg_auth_seq_id 
_struct_conf.end_auth_comp_id 
_struct_conf.end_auth_asym_id 
_struct_conf.end_auth_seq_id 
_struct_conf.pdbx_PDB_helix_class 
_struct_conf.details 
_struct_conf.pdbx_PDB_helix_length 
HELX_P HELX_P1 1 ASP A 62 ? GLN A 65 ? ASP A 58 GLN A 61 5 ? 4 
HELX_P HELX_P2 2 SER A 79 ? GLU A 82 ? SER A 75 GLU A 78 5 ? 4 
HELX_P HELX_P3 3 ARG A 93 ? GLU A 97 ? ARG A 89 GLU A 93 5 ? 5 
# 
_struct_conf_type.id          HELX_P 
_struct_conf_type.criteria    ? 
_struct_conf_type.reference   ? 
# 
loop_
_struct_conn.id 
_struct_conn.conn_type_id 
_struct_conn.pdbx_leaving_atom_flag 
_struct_conn.pdbx_PDB_id 
_struct_conn.ptnr1_label_asym_id 
_struct_conn.ptnr1_label_comp_id 
_struct_conn.ptnr1_label_seq_id 
_struct_conn.ptnr1_label_atom_id 
_struct_conn.pdbx_ptnr1_label_alt_id 
_struct_conn.pdbx_ptnr1_PDB_ins_code 
_struct_conn.pdbx_ptnr1_standard_comp_id 
_struct_conn.ptnr1_symmetry 
_struct_conn.ptnr2_label_asym_id 
_struct_conn.ptnr2_label_comp_id 
_struct_conn.ptnr2_label_seq_id 
_struct_conn.ptnr2_label_atom_id 
_struct_conn.pdbx_ptnr2_label_alt_id 
_struct_conn.pdbx_ptnr2_PDB_ins_code 
_struct_conn.ptnr1_auth_asym_id 
_struct_conn.ptnr1_auth_comp_id 
_struct_conn.ptnr1_auth_seq_id 
_struct_conn.ptnr2_auth_asym_id 
_struct_conn.ptnr2_auth_comp_id 
_struct_conn.ptnr2_auth_seq_id 
_struct_conn.ptnr2_symmetry 
_struct_conn.pdbx_ptnr3_label_atom_id 
_struct_conn.pdbx_ptnr3_label_seq_id 
_struct_conn.pdbx_ptnr3_label_comp_id 
_struct_conn.pdbx_ptnr3_label_asym_id 
_struct_conn.pdbx_ptnr3_label_alt_id 
_struct_conn.pdbx_ptnr3_PDB_ins_code 
_struct_conn.details 
_struct_conn.pdbx_dist_value 
_struct_conn.pdbx_value_order 
_struct_conn.pdbx_role 
disulf1 disulf ?    ? A CYS 28 SG A ? ? 1_555 A CYS 102 SG A ? A CYS 24 A CYS 98 1_555 ? ? ? ? ? ? ? 2.028 ? ? 
disulf2 disulf ?    ? A CYS 28 SG B ? ? 1_555 A CYS 102 SG B ? A CYS 24 A CYS 98 1_555 ? ? ? ? ? ? ? 2.027 ? ? 
covale1 covale both ? A GLY 38 C  ? ? ? 1_555 A MSE 39  N  ? ? A GLY 34 A MSE 35 1_555 ? ? ? ? ? ? ? 1.329 ? ? 
covale2 covale both ? A MSE 39 C  ? ? ? 1_555 A GLU 40  N  ? ? A MSE 35 A GLU 36 1_555 ? ? ? ? ? ? ? 1.327 ? ? 
# 
loop_
_struct_conn_type.id 
_struct_conn_type.criteria 
_struct_conn_type.reference 
disulf ? ? 
covale ? ? 
# 
loop_
_pdbx_modification_feature.ordinal 
_pdbx_modification_feature.label_comp_id 
_pdbx_modification_feature.label_asym_id 
_pdbx_modification_feature.label_seq_id 
_pdbx_modification_feature.label_alt_id 
_pdbx_modification_feature.modified_residue_label_comp_id 
_pdbx_modification_feature.modified_residue_label_asym_id 
_pdbx_modification_feature.modified_residue_label_seq_id 
_pdbx_modification_feature.modified_residue_label_alt_id 
_pdbx_modification_feature.auth_comp_id 
_pdbx_modification_feature.auth_asym_id 
_pdbx_modification_feature.auth_seq_id 
_pdbx_modification_feature.PDB_ins_code 
_pdbx_modification_feature.symmetry 
_pdbx_modification_feature.modified_residue_auth_comp_id 
_pdbx_modification_feature.modified_residue_auth_asym_id 
_pdbx_modification_feature.modified_residue_auth_seq_id 
_pdbx_modification_feature.modified_residue_PDB_ins_code 
_pdbx_modification_feature.modified_residue_symmetry 
_pdbx_modification_feature.comp_id_linking_atom 
_pdbx_modification_feature.modified_residue_id_linking_atom 
_pdbx_modification_feature.modified_residue_id 
_pdbx_modification_feature.ref_pcm_id 
_pdbx_modification_feature.ref_comp_id 
_pdbx_modification_feature.type 
_pdbx_modification_feature.category 
1 MSE A 39 ? .   . .   . MSE A 35 ? 1_555 .   . .  . .     .  .  MET 1 MSE Selenomethionine 'Named protein modification' 
2 CYS A 28 A CYS A 102 A CYS A 24 ? 1_555 CYS A 98 ? 1_555 SG SG .   . .   None             'Disulfide bridge'           
3 CYS A 28 B CYS A 102 B CYS A 24 ? 1_555 CYS A 98 ? 1_555 SG SG .   . .   None             'Disulfide bridge'           
# 
_struct_mon_prot_cis.pdbx_id                1 
_struct_mon_prot_cis.label_comp_id          SER 
_struct_mon_prot_cis.label_seq_id           31 
_struct_mon_prot_cis.label_asym_id          A 
_struct_mon_prot_cis.label_alt_id           . 
_struct_mon_prot_cis.pdbx_PDB_ins_code      ? 
_struct_mon_prot_cis.auth_comp_id           SER 
_struct_mon_prot_cis.auth_seq_id            27 
_struct_mon_prot_cis.auth_asym_id           A 
_struct_mon_prot_cis.pdbx_label_comp_id_2   PRO 
_struct_mon_prot_cis.pdbx_label_seq_id_2    32 
_struct_mon_prot_cis.pdbx_label_asym_id_2   A 
_struct_mon_prot_cis.pdbx_PDB_ins_code_2    ? 
_struct_mon_prot_cis.pdbx_auth_comp_id_2    PRO 
_struct_mon_prot_cis.pdbx_auth_seq_id_2     28 
_struct_mon_prot_cis.pdbx_auth_asym_id_2    A 
_struct_mon_prot_cis.pdbx_PDB_model_num     1 
_struct_mon_prot_cis.pdbx_omega_angle       -0.19 
# 
loop_
_struct_sheet.id 
_struct_sheet.type 
_struct_sheet.number_strands 
_struct_sheet.details 
A ? 4 ? 
B ? 6 ? 
# 
loop_
_struct_sheet_order.sheet_id 
_struct_sheet_order.range_id_1 
_struct_sheet_order.range_id_2 
_struct_sheet_order.offset 
_struct_sheet_order.sense 
A 1 2 ? anti-parallel 
A 2 3 ? anti-parallel 
A 3 4 ? anti-parallel 
B 1 2 ? parallel      
B 2 3 ? anti-parallel 
B 3 4 ? anti-parallel 
B 4 5 ? anti-parallel 
B 5 6 ? anti-parallel 
# 
loop_
_struct_sheet_range.sheet_id 
_struct_sheet_range.id 
_struct_sheet_range.beg_label_comp_id 
_struct_sheet_range.beg_label_asym_id 
_struct_sheet_range.beg_label_seq_id 
_struct_sheet_range.pdbx_beg_PDB_ins_code 
_struct_sheet_range.end_label_comp_id 
_struct_sheet_range.end_label_asym_id 
_struct_sheet_range.end_label_seq_id 
_struct_sheet_range.pdbx_end_PDB_ins_code 
_struct_sheet_range.beg_auth_comp_id 
_struct_sheet_range.beg_auth_asym_id 
_struct_sheet_range.beg_auth_seq_id 
_struct_sheet_range.end_auth_comp_id 
_struct_sheet_range.end_auth_asym_id 
_struct_sheet_range.end_auth_seq_id 
A 1 ARG A 8   ? ILE A 10  ? ARG A 4   ILE A 6   
A 2 ALA A 24  ? SER A 31  ? ALA A 20  SER A 27  
A 3 LYS A 84  ? ILE A 89  ? LYS A 80  ILE A 85  
A 4 THR A 73  ? LEU A 76  ? THR A 69  LEU A 72  
B 1 ILE A 16  ? LEU A 19  ? ILE A 12  LEU A 15  
B 2 TYR A 109 ? GLU A 120 ? TYR A 105 GLU A 116 
B 3 GLY A 98  ? ASP A 106 ? GLY A 94  ASP A 102 
B 4 GLU A 40  ? ARG A 45  ? GLU A 36  ARG A 41  
B 5 VAL A 51  ? ARG A 56  ? VAL A 47  ARG A 52  
B 6 LYS A 59  ? ASP A 60  ? LYS A 55  ASP A 56  
# 
loop_
_pdbx_struct_sheet_hbond.sheet_id 
_pdbx_struct_sheet_hbond.range_id_1 
_pdbx_struct_sheet_hbond.range_id_2 
_pdbx_struct_sheet_hbond.range_1_label_atom_id 
_pdbx_struct_sheet_hbond.range_1_label_comp_id 
_pdbx_struct_sheet_hbond.range_1_label_asym_id 
_pdbx_struct_sheet_hbond.range_1_label_seq_id 
_pdbx_struct_sheet_hbond.range_1_PDB_ins_code 
_pdbx_struct_sheet_hbond.range_1_auth_atom_id 
_pdbx_struct_sheet_hbond.range_1_auth_comp_id 
_pdbx_struct_sheet_hbond.range_1_auth_asym_id 
_pdbx_struct_sheet_hbond.range_1_auth_seq_id 
_pdbx_struct_sheet_hbond.range_2_label_atom_id 
_pdbx_struct_sheet_hbond.range_2_label_comp_id 
_pdbx_struct_sheet_hbond.range_2_label_asym_id 
_pdbx_struct_sheet_hbond.range_2_label_seq_id 
_pdbx_struct_sheet_hbond.range_2_PDB_ins_code 
_pdbx_struct_sheet_hbond.range_2_auth_atom_id 
_pdbx_struct_sheet_hbond.range_2_auth_comp_id 
_pdbx_struct_sheet_hbond.range_2_auth_asym_id 
_pdbx_struct_sheet_hbond.range_2_auth_seq_id 
A 1 2 N ILE A 10  ? N ILE A 6   O ARG A 29  ? O ARG A 25  
A 2 3 N LEU A 26  ? N LEU A 22  O LEU A 87  ? O LEU A 83  
A 3 4 O ALA A 86  ? O ALA A 82  N LEU A 76  ? N LEU A 72  
B 1 2 N ILE A 16  ? N ILE A 12  O LYS A 118 ? O LYS A 114 
B 2 3 O LEU A 117 ? O LEU A 113 N GLY A 98  ? N GLY A 94  
B 3 4 O ARG A 105 ? O ARG A 101 N GLU A 40  ? N GLU A 36  
B 4 5 N VAL A 41  ? N VAL A 37  O TYR A 55  ? O TYR A 51  
B 5 6 N ARG A 56  ? N ARG A 52  O LYS A 59  ? O LYS A 55  
# 
_pdbx_entry_details.entry_id                   1PKO 
_pdbx_entry_details.compound_details           ? 
_pdbx_entry_details.source_details             ? 
_pdbx_entry_details.nonpolymer_details         ? 
_pdbx_entry_details.sequence_details           ? 
_pdbx_entry_details.has_ligand_of_interest     ? 
_pdbx_entry_details.has_protein_modification   Y 
# 
_pdbx_validate_symm_contact.id                1 
_pdbx_validate_symm_contact.PDB_model_num     1 
_pdbx_validate_symm_contact.auth_atom_id_1    O 
_pdbx_validate_symm_contact.auth_asym_id_1    A 
_pdbx_validate_symm_contact.auth_comp_id_1    HOH 
_pdbx_validate_symm_contact.auth_seq_id_1     233 
_pdbx_validate_symm_contact.PDB_ins_code_1    ? 
_pdbx_validate_symm_contact.label_alt_id_1    ? 
_pdbx_validate_symm_contact.site_symmetry_1   1_555 
_pdbx_validate_symm_contact.auth_atom_id_2    O 
_pdbx_validate_symm_contact.auth_asym_id_2    A 
_pdbx_validate_symm_contact.auth_comp_id_2    HOH 
_pdbx_validate_symm_contact.auth_seq_id_2     233 
_pdbx_validate_symm_contact.PDB_ins_code_2    ? 
_pdbx_validate_symm_contact.label_alt_id_2    ? 
_pdbx_validate_symm_contact.site_symmetry_2   4_556 
_pdbx_validate_symm_contact.dist              2.04 
# 
_pdbx_validate_torsion.id              1 
_pdbx_validate_torsion.PDB_model_num   1 
_pdbx_validate_torsion.auth_comp_id    HIS 
_pdbx_validate_torsion.auth_asym_id    A 
_pdbx_validate_torsion.auth_seq_id     103 
_pdbx_validate_torsion.PDB_ins_code    ? 
_pdbx_validate_torsion.label_alt_id    ? 
_pdbx_validate_torsion.phi             66.16 
_pdbx_validate_torsion.psi             -116.45 
# 
_pdbx_struct_mod_residue.id               1 
_pdbx_struct_mod_residue.label_asym_id    A 
_pdbx_struct_mod_residue.label_comp_id    MSE 
_pdbx_struct_mod_residue.label_seq_id     39 
_pdbx_struct_mod_residue.auth_asym_id     A 
_pdbx_struct_mod_residue.auth_comp_id     MSE 
_pdbx_struct_mod_residue.auth_seq_id      35 
_pdbx_struct_mod_residue.PDB_ins_code     ? 
_pdbx_struct_mod_residue.parent_comp_id   MET 
_pdbx_struct_mod_residue.details          SELENOMETHIONINE 
# 
loop_
_pdbx_unobs_or_zero_occ_residues.id 
_pdbx_unobs_or_zero_occ_residues.PDB_model_num 
_pdbx_unobs_or_zero_occ_residues.polymer_flag 
_pdbx_unobs_or_zero_occ_residues.occupancy_flag 
_pdbx_unobs_or_zero_occ_residues.auth_asym_id 
_pdbx_unobs_or_zero_occ_residues.auth_comp_id 
_pdbx_unobs_or_zero_occ_residues.auth_seq_id 
_pdbx_unobs_or_zero_occ_residues.PDB_ins_code 
_pdbx_unobs_or_zero_occ_residues.label_asym_id 
_pdbx_unobs_or_zero_occ_residues.label_comp_id 
_pdbx_unobs_or_zero_occ_residues.label_seq_id 
1  1 Y 1 A MET -3  ? A MET 1   
2  1 Y 1 A ARG -2  ? A ARG 2   
3  1 Y 1 A GLY -1  ? A GLY 3   
4  1 Y 1 A SER 0   ? A SER 4   
5  1 Y 1 A PRO 43  ? A PRO 47  
6  1 Y 1 A PHE 44  ? A PHE 48  
7  1 Y 1 A SER 127 ? A SER 131 
8  1 Y 1 A ARG 128 ? A ARG 132 
9  1 Y 1 A SER 129 ? A SER 133 
10 1 Y 1 A HIS 130 ? A HIS 134 
11 1 Y 1 A HIS 131 ? A HIS 135 
12 1 Y 1 A HIS 132 ? A HIS 136 
13 1 Y 1 A HIS 133 ? A HIS 137 
14 1 Y 1 A HIS 134 ? A HIS 138 
15 1 Y 1 A HIS 135 ? A HIS 139 
# 
loop_
_chem_comp_atom.comp_id 
_chem_comp_atom.atom_id 
_chem_comp_atom.type_symbol 
_chem_comp_atom.pdbx_aromatic_flag 
_chem_comp_atom.pdbx_stereo_config 
_chem_comp_atom.pdbx_ordinal 
ALA N    N  N N 1   
ALA CA   C  N S 2   
ALA C    C  N N 3   
ALA O    O  N N 4   
ALA CB   C  N N 5   
ALA OXT  O  N N 6   
ALA H    H  N N 7   
ALA H2   H  N N 8   
ALA HA   H  N N 9   
ALA HB1  H  N N 10  
ALA HB2  H  N N 11  
ALA HB3  H  N N 12  
ALA HXT  H  N N 13  
ARG N    N  N N 14  
ARG CA   C  N S 15  
ARG C    C  N N 16  
ARG O    O  N N 17  
ARG CB   C  N N 18  
ARG CG   C  N N 19  
ARG CD   C  N N 20  
ARG NE   N  N N 21  
ARG CZ   C  N N 22  
ARG NH1  N  N N 23  
ARG NH2  N  N N 24  
ARG OXT  O  N N 25  
ARG H    H  N N 26  
ARG H2   H  N N 27  
ARG HA   H  N N 28  
ARG HB2  H  N N 29  
ARG HB3  H  N N 30  
ARG HG2  H  N N 31  
ARG HG3  H  N N 32  
ARG HD2  H  N N 33  
ARG HD3  H  N N 34  
ARG HE   H  N N 35  
ARG HH11 H  N N 36  
ARG HH12 H  N N 37  
ARG HH21 H  N N 38  
ARG HH22 H  N N 39  
ARG HXT  H  N N 40  
ASN N    N  N N 41  
ASN CA   C  N S 42  
ASN C    C  N N 43  
ASN O    O  N N 44  
ASN CB   C  N N 45  
ASN CG   C  N N 46  
ASN OD1  O  N N 47  
ASN ND2  N  N N 48  
ASN OXT  O  N N 49  
ASN H    H  N N 50  
ASN H2   H  N N 51  
ASN HA   H  N N 52  
ASN HB2  H  N N 53  
ASN HB3  H  N N 54  
ASN HD21 H  N N 55  
ASN HD22 H  N N 56  
ASN HXT  H  N N 57  
ASP N    N  N N 58  
ASP CA   C  N S 59  
ASP C    C  N N 60  
ASP O    O  N N 61  
ASP CB   C  N N 62  
ASP CG   C  N N 63  
ASP OD1  O  N N 64  
ASP OD2  O  N N 65  
ASP OXT  O  N N 66  
ASP H    H  N N 67  
ASP H2   H  N N 68  
ASP HA   H  N N 69  
ASP HB2  H  N N 70  
ASP HB3  H  N N 71  
ASP HD2  H  N N 72  
ASP HXT  H  N N 73  
CYS N    N  N N 74  
CYS CA   C  N R 75  
CYS C    C  N N 76  
CYS O    O  N N 77  
CYS CB   C  N N 78  
CYS SG   S  N N 79  
CYS OXT  O  N N 80  
CYS H    H  N N 81  
CYS H2   H  N N 82  
CYS HA   H  N N 83  
CYS HB2  H  N N 84  
CYS HB3  H  N N 85  
CYS HG   H  N N 86  
CYS HXT  H  N N 87  
GLN N    N  N N 88  
GLN CA   C  N S 89  
GLN C    C  N N 90  
GLN O    O  N N 91  
GLN CB   C  N N 92  
GLN CG   C  N N 93  
GLN CD   C  N N 94  
GLN OE1  O  N N 95  
GLN NE2  N  N N 96  
GLN OXT  O  N N 97  
GLN H    H  N N 98  
GLN H2   H  N N 99  
GLN HA   H  N N 100 
GLN HB2  H  N N 101 
GLN HB3  H  N N 102 
GLN HG2  H  N N 103 
GLN HG3  H  N N 104 
GLN HE21 H  N N 105 
GLN HE22 H  N N 106 
GLN HXT  H  N N 107 
GLU N    N  N N 108 
GLU CA   C  N S 109 
GLU C    C  N N 110 
GLU O    O  N N 111 
GLU CB   C  N N 112 
GLU CG   C  N N 113 
GLU CD   C  N N 114 
GLU OE1  O  N N 115 
GLU OE2  O  N N 116 
GLU OXT  O  N N 117 
GLU H    H  N N 118 
GLU H2   H  N N 119 
GLU HA   H  N N 120 
GLU HB2  H  N N 121 
GLU HB3  H  N N 122 
GLU HG2  H  N N 123 
GLU HG3  H  N N 124 
GLU HE2  H  N N 125 
GLU HXT  H  N N 126 
GLY N    N  N N 127 
GLY CA   C  N N 128 
GLY C    C  N N 129 
GLY O    O  N N 130 
GLY OXT  O  N N 131 
GLY H    H  N N 132 
GLY H2   H  N N 133 
GLY HA2  H  N N 134 
GLY HA3  H  N N 135 
GLY HXT  H  N N 136 
HIS N    N  N N 137 
HIS CA   C  N S 138 
HIS C    C  N N 139 
HIS O    O  N N 140 
HIS CB   C  N N 141 
HIS CG   C  Y N 142 
HIS ND1  N  Y N 143 
HIS CD2  C  Y N 144 
HIS CE1  C  Y N 145 
HIS NE2  N  Y N 146 
HIS OXT  O  N N 147 
HIS H    H  N N 148 
HIS H2   H  N N 149 
HIS HA   H  N N 150 
HIS HB2  H  N N 151 
HIS HB3  H  N N 152 
HIS HD1  H  N N 153 
HIS HD2  H  N N 154 
HIS HE1  H  N N 155 
HIS HE2  H  N N 156 
HIS HXT  H  N N 157 
HOH O    O  N N 158 
HOH H1   H  N N 159 
HOH H2   H  N N 160 
ILE N    N  N N 161 
ILE CA   C  N S 162 
ILE C    C  N N 163 
ILE O    O  N N 164 
ILE CB   C  N S 165 
ILE CG1  C  N N 166 
ILE CG2  C  N N 167 
ILE CD1  C  N N 168 
ILE OXT  O  N N 169 
ILE H    H  N N 170 
ILE H2   H  N N 171 
ILE HA   H  N N 172 
ILE HB   H  N N 173 
ILE HG12 H  N N 174 
ILE HG13 H  N N 175 
ILE HG21 H  N N 176 
ILE HG22 H  N N 177 
ILE HG23 H  N N 178 
ILE HD11 H  N N 179 
ILE HD12 H  N N 180 
ILE HD13 H  N N 181 
ILE HXT  H  N N 182 
LEU N    N  N N 183 
LEU CA   C  N S 184 
LEU C    C  N N 185 
LEU O    O  N N 186 
LEU CB   C  N N 187 
LEU CG   C  N N 188 
LEU CD1  C  N N 189 
LEU CD2  C  N N 190 
LEU OXT  O  N N 191 
LEU H    H  N N 192 
LEU H2   H  N N 193 
LEU HA   H  N N 194 
LEU HB2  H  N N 195 
LEU HB3  H  N N 196 
LEU HG   H  N N 197 
LEU HD11 H  N N 198 
LEU HD12 H  N N 199 
LEU HD13 H  N N 200 
LEU HD21 H  N N 201 
LEU HD22 H  N N 202 
LEU HD23 H  N N 203 
LEU HXT  H  N N 204 
LYS N    N  N N 205 
LYS CA   C  N S 206 
LYS C    C  N N 207 
LYS O    O  N N 208 
LYS CB   C  N N 209 
LYS CG   C  N N 210 
LYS CD   C  N N 211 
LYS CE   C  N N 212 
LYS NZ   N  N N 213 
LYS OXT  O  N N 214 
LYS H    H  N N 215 
LYS H2   H  N N 216 
LYS HA   H  N N 217 
LYS HB2  H  N N 218 
LYS HB3  H  N N 219 
LYS HG2  H  N N 220 
LYS HG3  H  N N 221 
LYS HD2  H  N N 222 
LYS HD3  H  N N 223 
LYS HE2  H  N N 224 
LYS HE3  H  N N 225 
LYS HZ1  H  N N 226 
LYS HZ2  H  N N 227 
LYS HZ3  H  N N 228 
LYS HXT  H  N N 229 
MET N    N  N N 230 
MET CA   C  N S 231 
MET C    C  N N 232 
MET O    O  N N 233 
MET CB   C  N N 234 
MET CG   C  N N 235 
MET SD   S  N N 236 
MET CE   C  N N 237 
MET OXT  O  N N 238 
MET H    H  N N 239 
MET H2   H  N N 240 
MET HA   H  N N 241 
MET HB2  H  N N 242 
MET HB3  H  N N 243 
MET HG2  H  N N 244 
MET HG3  H  N N 245 
MET HE1  H  N N 246 
MET HE2  H  N N 247 
MET HE3  H  N N 248 
MET HXT  H  N N 249 
MSE N    N  N N 250 
MSE CA   C  N S 251 
MSE C    C  N N 252 
MSE O    O  N N 253 
MSE OXT  O  N N 254 
MSE CB   C  N N 255 
MSE CG   C  N N 256 
MSE SE   SE N N 257 
MSE CE   C  N N 258 
MSE H    H  N N 259 
MSE H2   H  N N 260 
MSE HA   H  N N 261 
MSE HXT  H  N N 262 
MSE HB2  H  N N 263 
MSE HB3  H  N N 264 
MSE HG2  H  N N 265 
MSE HG3  H  N N 266 
MSE HE1  H  N N 267 
MSE HE2  H  N N 268 
MSE HE3  H  N N 269 
PHE N    N  N N 270 
PHE CA   C  N S 271 
PHE C    C  N N 272 
PHE O    O  N N 273 
PHE CB   C  N N 274 
PHE CG   C  Y N 275 
PHE CD1  C  Y N 276 
PHE CD2  C  Y N 277 
PHE CE1  C  Y N 278 
PHE CE2  C  Y N 279 
PHE CZ   C  Y N 280 
PHE OXT  O  N N 281 
PHE H    H  N N 282 
PHE H2   H  N N 283 
PHE HA   H  N N 284 
PHE HB2  H  N N 285 
PHE HB3  H  N N 286 
PHE HD1  H  N N 287 
PHE HD2  H  N N 288 
PHE HE1  H  N N 289 
PHE HE2  H  N N 290 
PHE HZ   H  N N 291 
PHE HXT  H  N N 292 
PRO N    N  N N 293 
PRO CA   C  N S 294 
PRO C    C  N N 295 
PRO O    O  N N 296 
PRO CB   C  N N 297 
PRO CG   C  N N 298 
PRO CD   C  N N 299 
PRO OXT  O  N N 300 
PRO H    H  N N 301 
PRO HA   H  N N 302 
PRO HB2  H  N N 303 
PRO HB3  H  N N 304 
PRO HG2  H  N N 305 
PRO HG3  H  N N 306 
PRO HD2  H  N N 307 
PRO HD3  H  N N 308 
PRO HXT  H  N N 309 
SER N    N  N N 310 
SER CA   C  N S 311 
SER C    C  N N 312 
SER O    O  N N 313 
SER CB   C  N N 314 
SER OG   O  N N 315 
SER OXT  O  N N 316 
SER H    H  N N 317 
SER H2   H  N N 318 
SER HA   H  N N 319 
SER HB2  H  N N 320 
SER HB3  H  N N 321 
SER HG   H  N N 322 
SER HXT  H  N N 323 
THR N    N  N N 324 
THR CA   C  N S 325 
THR C    C  N N 326 
THR O    O  N N 327 
THR CB   C  N R 328 
THR OG1  O  N N 329 
THR CG2  C  N N 330 
THR OXT  O  N N 331 
THR H    H  N N 332 
THR H2   H  N N 333 
THR HA   H  N N 334 
THR HB   H  N N 335 
THR HG1  H  N N 336 
THR HG21 H  N N 337 
THR HG22 H  N N 338 
THR HG23 H  N N 339 
THR HXT  H  N N 340 
TRP N    N  N N 341 
TRP CA   C  N S 342 
TRP C    C  N N 343 
TRP O    O  N N 344 
TRP CB   C  N N 345 
TRP CG   C  Y N 346 
TRP CD1  C  Y N 347 
TRP CD2  C  Y N 348 
TRP NE1  N  Y N 349 
TRP CE2  C  Y N 350 
TRP CE3  C  Y N 351 
TRP CZ2  C  Y N 352 
TRP CZ3  C  Y N 353 
TRP CH2  C  Y N 354 
TRP OXT  O  N N 355 
TRP H    H  N N 356 
TRP H2   H  N N 357 
TRP HA   H  N N 358 
TRP HB2  H  N N 359 
TRP HB3  H  N N 360 
TRP HD1  H  N N 361 
TRP HE1  H  N N 362 
TRP HE3  H  N N 363 
TRP HZ2  H  N N 364 
TRP HZ3  H  N N 365 
TRP HH2  H  N N 366 
TRP HXT  H  N N 367 
TYR N    N  N N 368 
TYR CA   C  N S 369 
TYR C    C  N N 370 
TYR O    O  N N 371 
TYR CB   C  N N 372 
TYR CG   C  Y N 373 
TYR CD1  C  Y N 374 
TYR CD2  C  Y N 375 
TYR CE1  C  Y N 376 
TYR CE2  C  Y N 377 
TYR CZ   C  Y N 378 
TYR OH   O  N N 379 
TYR OXT  O  N N 380 
TYR H    H  N N 381 
TYR H2   H  N N 382 
TYR HA   H  N N 383 
TYR HB2  H  N N 384 
TYR HB3  H  N N 385 
TYR HD1  H  N N 386 
TYR HD2  H  N N 387 
TYR HE1  H  N N 388 
TYR HE2  H  N N 389 
TYR HH   H  N N 390 
TYR HXT  H  N N 391 
VAL N    N  N N 392 
VAL CA   C  N S 393 
VAL C    C  N N 394 
VAL O    O  N N 395 
VAL CB   C  N N 396 
VAL CG1  C  N N 397 
VAL CG2  C  N N 398 
VAL OXT  O  N N 399 
VAL H    H  N N 400 
VAL H2   H  N N 401 
VAL HA   H  N N 402 
VAL HB   H  N N 403 
VAL HG11 H  N N 404 
VAL HG12 H  N N 405 
VAL HG13 H  N N 406 
VAL HG21 H  N N 407 
VAL HG22 H  N N 408 
VAL HG23 H  N N 409 
VAL HXT  H  N N 410 
# 
loop_
_chem_comp_bond.comp_id 
_chem_comp_bond.atom_id_1 
_chem_comp_bond.atom_id_2 
_chem_comp_bond.value_order 
_chem_comp_bond.pdbx_aromatic_flag 
_chem_comp_bond.pdbx_stereo_config 
_chem_comp_bond.pdbx_ordinal 
ALA N   CA   sing N N 1   
ALA N   H    sing N N 2   
ALA N   H2   sing N N 3   
ALA CA  C    sing N N 4   
ALA CA  CB   sing N N 5   
ALA CA  HA   sing N N 6   
ALA C   O    doub N N 7   
ALA C   OXT  sing N N 8   
ALA CB  HB1  sing N N 9   
ALA CB  HB2  sing N N 10  
ALA CB  HB3  sing N N 11  
ALA OXT HXT  sing N N 12  
ARG N   CA   sing N N 13  
ARG N   H    sing N N 14  
ARG N   H2   sing N N 15  
ARG CA  C    sing N N 16  
ARG CA  CB   sing N N 17  
ARG CA  HA   sing N N 18  
ARG C   O    doub N N 19  
ARG C   OXT  sing N N 20  
ARG CB  CG   sing N N 21  
ARG CB  HB2  sing N N 22  
ARG CB  HB3  sing N N 23  
ARG CG  CD   sing N N 24  
ARG CG  HG2  sing N N 25  
ARG CG  HG3  sing N N 26  
ARG CD  NE   sing N N 27  
ARG CD  HD2  sing N N 28  
ARG CD  HD3  sing N N 29  
ARG NE  CZ   sing N N 30  
ARG NE  HE   sing N N 31  
ARG CZ  NH1  sing N N 32  
ARG CZ  NH2  doub N N 33  
ARG NH1 HH11 sing N N 34  
ARG NH1 HH12 sing N N 35  
ARG NH2 HH21 sing N N 36  
ARG NH2 HH22 sing N N 37  
ARG OXT HXT  sing N N 38  
ASN N   CA   sing N N 39  
ASN N   H    sing N N 40  
ASN N   H2   sing N N 41  
ASN CA  C    sing N N 42  
ASN CA  CB   sing N N 43  
ASN CA  HA   sing N N 44  
ASN C   O    doub N N 45  
ASN C   OXT  sing N N 46  
ASN CB  CG   sing N N 47  
ASN CB  HB2  sing N N 48  
ASN CB  HB3  sing N N 49  
ASN CG  OD1  doub N N 50  
ASN CG  ND2  sing N N 51  
ASN ND2 HD21 sing N N 52  
ASN ND2 HD22 sing N N 53  
ASN OXT HXT  sing N N 54  
ASP N   CA   sing N N 55  
ASP N   H    sing N N 56  
ASP N   H2   sing N N 57  
ASP CA  C    sing N N 58  
ASP CA  CB   sing N N 59  
ASP CA  HA   sing N N 60  
ASP C   O    doub N N 61  
ASP C   OXT  sing N N 62  
ASP CB  CG   sing N N 63  
ASP CB  HB2  sing N N 64  
ASP CB  HB3  sing N N 65  
ASP CG  OD1  doub N N 66  
ASP CG  OD2  sing N N 67  
ASP OD2 HD2  sing N N 68  
ASP OXT HXT  sing N N 69  
CYS N   CA   sing N N 70  
CYS N   H    sing N N 71  
CYS N   H2   sing N N 72  
CYS CA  C    sing N N 73  
CYS CA  CB   sing N N 74  
CYS CA  HA   sing N N 75  
CYS C   O    doub N N 76  
CYS C   OXT  sing N N 77  
CYS CB  SG   sing N N 78  
CYS CB  HB2  sing N N 79  
CYS CB  HB3  sing N N 80  
CYS SG  HG   sing N N 81  
CYS OXT HXT  sing N N 82  
GLN N   CA   sing N N 83  
GLN N   H    sing N N 84  
GLN N   H2   sing N N 85  
GLN CA  C    sing N N 86  
GLN CA  CB   sing N N 87  
GLN CA  HA   sing N N 88  
GLN C   O    doub N N 89  
GLN C   OXT  sing N N 90  
GLN CB  CG   sing N N 91  
GLN CB  HB2  sing N N 92  
GLN CB  HB3  sing N N 93  
GLN CG  CD   sing N N 94  
GLN CG  HG2  sing N N 95  
GLN CG  HG3  sing N N 96  
GLN CD  OE1  doub N N 97  
GLN CD  NE2  sing N N 98  
GLN NE2 HE21 sing N N 99  
GLN NE2 HE22 sing N N 100 
GLN OXT HXT  sing N N 101 
GLU N   CA   sing N N 102 
GLU N   H    sing N N 103 
GLU N   H2   sing N N 104 
GLU CA  C    sing N N 105 
GLU CA  CB   sing N N 106 
GLU CA  HA   sing N N 107 
GLU C   O    doub N N 108 
GLU C   OXT  sing N N 109 
GLU CB  CG   sing N N 110 
GLU CB  HB2  sing N N 111 
GLU CB  HB3  sing N N 112 
GLU CG  CD   sing N N 113 
GLU CG  HG2  sing N N 114 
GLU CG  HG3  sing N N 115 
GLU CD  OE1  doub N N 116 
GLU CD  OE2  sing N N 117 
GLU OE2 HE2  sing N N 118 
GLU OXT HXT  sing N N 119 
GLY N   CA   sing N N 120 
GLY N   H    sing N N 121 
GLY N   H2   sing N N 122 
GLY CA  C    sing N N 123 
GLY CA  HA2  sing N N 124 
GLY CA  HA3  sing N N 125 
GLY C   O    doub N N 126 
GLY C   OXT  sing N N 127 
GLY OXT HXT  sing N N 128 
HIS N   CA   sing N N 129 
HIS N   H    sing N N 130 
HIS N   H2   sing N N 131 
HIS CA  C    sing N N 132 
HIS CA  CB   sing N N 133 
HIS CA  HA   sing N N 134 
HIS C   O    doub N N 135 
HIS C   OXT  sing N N 136 
HIS CB  CG   sing N N 137 
HIS CB  HB2  sing N N 138 
HIS CB  HB3  sing N N 139 
HIS CG  ND1  sing Y N 140 
HIS CG  CD2  doub Y N 141 
HIS ND1 CE1  doub Y N 142 
HIS ND1 HD1  sing N N 143 
HIS CD2 NE2  sing Y N 144 
HIS CD2 HD2  sing N N 145 
HIS CE1 NE2  sing Y N 146 
HIS CE1 HE1  sing N N 147 
HIS NE2 HE2  sing N N 148 
HIS OXT HXT  sing N N 149 
HOH O   H1   sing N N 150 
HOH O   H2   sing N N 151 
ILE N   CA   sing N N 152 
ILE N   H    sing N N 153 
ILE N   H2   sing N N 154 
ILE CA  C    sing N N 155 
ILE CA  CB   sing N N 156 
ILE CA  HA   sing N N 157 
ILE C   O    doub N N 158 
ILE C   OXT  sing N N 159 
ILE CB  CG1  sing N N 160 
ILE CB  CG2  sing N N 161 
ILE CB  HB   sing N N 162 
ILE CG1 CD1  sing N N 163 
ILE CG1 HG12 sing N N 164 
ILE CG1 HG13 sing N N 165 
ILE CG2 HG21 sing N N 166 
ILE CG2 HG22 sing N N 167 
ILE CG2 HG23 sing N N 168 
ILE CD1 HD11 sing N N 169 
ILE CD1 HD12 sing N N 170 
ILE CD1 HD13 sing N N 171 
ILE OXT HXT  sing N N 172 
LEU N   CA   sing N N 173 
LEU N   H    sing N N 174 
LEU N   H2   sing N N 175 
LEU CA  C    sing N N 176 
LEU CA  CB   sing N N 177 
LEU CA  HA   sing N N 178 
LEU C   O    doub N N 179 
LEU C   OXT  sing N N 180 
LEU CB  CG   sing N N 181 
LEU CB  HB2  sing N N 182 
LEU CB  HB3  sing N N 183 
LEU CG  CD1  sing N N 184 
LEU CG  CD2  sing N N 185 
LEU CG  HG   sing N N 186 
LEU CD1 HD11 sing N N 187 
LEU CD1 HD12 sing N N 188 
LEU CD1 HD13 sing N N 189 
LEU CD2 HD21 sing N N 190 
LEU CD2 HD22 sing N N 191 
LEU CD2 HD23 sing N N 192 
LEU OXT HXT  sing N N 193 
LYS N   CA   sing N N 194 
LYS N   H    sing N N 195 
LYS N   H2   sing N N 196 
LYS CA  C    sing N N 197 
LYS CA  CB   sing N N 198 
LYS CA  HA   sing N N 199 
LYS C   O    doub N N 200 
LYS C   OXT  sing N N 201 
LYS CB  CG   sing N N 202 
LYS CB  HB2  sing N N 203 
LYS CB  HB3  sing N N 204 
LYS CG  CD   sing N N 205 
LYS CG  HG2  sing N N 206 
LYS CG  HG3  sing N N 207 
LYS CD  CE   sing N N 208 
LYS CD  HD2  sing N N 209 
LYS CD  HD3  sing N N 210 
LYS CE  NZ   sing N N 211 
LYS CE  HE2  sing N N 212 
LYS CE  HE3  sing N N 213 
LYS NZ  HZ1  sing N N 214 
LYS NZ  HZ2  sing N N 215 
LYS NZ  HZ3  sing N N 216 
LYS OXT HXT  sing N N 217 
MET N   CA   sing N N 218 
MET N   H    sing N N 219 
MET N   H2   sing N N 220 
MET CA  C    sing N N 221 
MET CA  CB   sing N N 222 
MET CA  HA   sing N N 223 
MET C   O    doub N N 224 
MET C   OXT  sing N N 225 
MET CB  CG   sing N N 226 
MET CB  HB2  sing N N 227 
MET CB  HB3  sing N N 228 
MET CG  SD   sing N N 229 
MET CG  HG2  sing N N 230 
MET CG  HG3  sing N N 231 
MET SD  CE   sing N N 232 
MET CE  HE1  sing N N 233 
MET CE  HE2  sing N N 234 
MET CE  HE3  sing N N 235 
MET OXT HXT  sing N N 236 
MSE N   CA   sing N N 237 
MSE N   H    sing N N 238 
MSE N   H2   sing N N 239 
MSE CA  C    sing N N 240 
MSE CA  CB   sing N N 241 
MSE CA  HA   sing N N 242 
MSE C   O    doub N N 243 
MSE C   OXT  sing N N 244 
MSE OXT HXT  sing N N 245 
MSE CB  CG   sing N N 246 
MSE CB  HB2  sing N N 247 
MSE CB  HB3  sing N N 248 
MSE CG  SE   sing N N 249 
MSE CG  HG2  sing N N 250 
MSE CG  HG3  sing N N 251 
MSE SE  CE   sing N N 252 
MSE CE  HE1  sing N N 253 
MSE CE  HE2  sing N N 254 
MSE CE  HE3  sing N N 255 
PHE N   CA   sing N N 256 
PHE N   H    sing N N 257 
PHE N   H2   sing N N 258 
PHE CA  C    sing N N 259 
PHE CA  CB   sing N N 260 
PHE CA  HA   sing N N 261 
PHE C   O    doub N N 262 
PHE C   OXT  sing N N 263 
PHE CB  CG   sing N N 264 
PHE CB  HB2  sing N N 265 
PHE CB  HB3  sing N N 266 
PHE CG  CD1  doub Y N 267 
PHE CG  CD2  sing Y N 268 
PHE CD1 CE1  sing Y N 269 
PHE CD1 HD1  sing N N 270 
PHE CD2 CE2  doub Y N 271 
PHE CD2 HD2  sing N N 272 
PHE CE1 CZ   doub Y N 273 
PHE CE1 HE1  sing N N 274 
PHE CE2 CZ   sing Y N 275 
PHE CE2 HE2  sing N N 276 
PHE CZ  HZ   sing N N 277 
PHE OXT HXT  sing N N 278 
PRO N   CA   sing N N 279 
PRO N   CD   sing N N 280 
PRO N   H    sing N N 281 
PRO CA  C    sing N N 282 
PRO CA  CB   sing N N 283 
PRO CA  HA   sing N N 284 
PRO C   O    doub N N 285 
PRO C   OXT  sing N N 286 
PRO CB  CG   sing N N 287 
PRO CB  HB2  sing N N 288 
PRO CB  HB3  sing N N 289 
PRO CG  CD   sing N N 290 
PRO CG  HG2  sing N N 291 
PRO CG  HG3  sing N N 292 
PRO CD  HD2  sing N N 293 
PRO CD  HD3  sing N N 294 
PRO OXT HXT  sing N N 295 
SER N   CA   sing N N 296 
SER N   H    sing N N 297 
SER N   H2   sing N N 298 
SER CA  C    sing N N 299 
SER CA  CB   sing N N 300 
SER CA  HA   sing N N 301 
SER C   O    doub N N 302 
SER C   OXT  sing N N 303 
SER CB  OG   sing N N 304 
SER CB  HB2  sing N N 305 
SER CB  HB3  sing N N 306 
SER OG  HG   sing N N 307 
SER OXT HXT  sing N N 308 
THR N   CA   sing N N 309 
THR N   H    sing N N 310 
THR N   H2   sing N N 311 
THR CA  C    sing N N 312 
THR CA  CB   sing N N 313 
THR CA  HA   sing N N 314 
THR C   O    doub N N 315 
THR C   OXT  sing N N 316 
THR CB  OG1  sing N N 317 
THR CB  CG2  sing N N 318 
THR CB  HB   sing N N 319 
THR OG1 HG1  sing N N 320 
THR CG2 HG21 sing N N 321 
THR CG2 HG22 sing N N 322 
THR CG2 HG23 sing N N 323 
THR OXT HXT  sing N N 324 
TRP N   CA   sing N N 325 
TRP N   H    sing N N 326 
TRP N   H2   sing N N 327 
TRP CA  C    sing N N 328 
TRP CA  CB   sing N N 329 
TRP CA  HA   sing N N 330 
TRP C   O    doub N N 331 
TRP C   OXT  sing N N 332 
TRP CB  CG   sing N N 333 
TRP CB  HB2  sing N N 334 
TRP CB  HB3  sing N N 335 
TRP CG  CD1  doub Y N 336 
TRP CG  CD2  sing Y N 337 
TRP CD1 NE1  sing Y N 338 
TRP CD1 HD1  sing N N 339 
TRP CD2 CE2  doub Y N 340 
TRP CD2 CE3  sing Y N 341 
TRP NE1 CE2  sing Y N 342 
TRP NE1 HE1  sing N N 343 
TRP CE2 CZ2  sing Y N 344 
TRP CE3 CZ3  doub Y N 345 
TRP CE3 HE3  sing N N 346 
TRP CZ2 CH2  doub Y N 347 
TRP CZ2 HZ2  sing N N 348 
TRP CZ3 CH2  sing Y N 349 
TRP CZ3 HZ3  sing N N 350 
TRP CH2 HH2  sing N N 351 
TRP OXT HXT  sing N N 352 
TYR N   CA   sing N N 353 
TYR N   H    sing N N 354 
TYR N   H2   sing N N 355 
TYR CA  C    sing N N 356 
TYR CA  CB   sing N N 357 
TYR CA  HA   sing N N 358 
TYR C   O    doub N N 359 
TYR C   OXT  sing N N 360 
TYR CB  CG   sing N N 361 
TYR CB  HB2  sing N N 362 
TYR CB  HB3  sing N N 363 
TYR CG  CD1  doub Y N 364 
TYR CG  CD2  sing Y N 365 
TYR CD1 CE1  sing Y N 366 
TYR CD1 HD1  sing N N 367 
TYR CD2 CE2  doub Y N 368 
TYR CD2 HD2  sing N N 369 
TYR CE1 CZ   doub Y N 370 
TYR CE1 HE1  sing N N 371 
TYR CE2 CZ   sing Y N 372 
TYR CE2 HE2  sing N N 373 
TYR CZ  OH   sing N N 374 
TYR OH  HH   sing N N 375 
TYR OXT HXT  sing N N 376 
VAL N   CA   sing N N 377 
VAL N   H    sing N N 378 
VAL N   H2   sing N N 379 
VAL CA  C    sing N N 380 
VAL CA  CB   sing N N 381 
VAL CA  HA   sing N N 382 
VAL C   O    doub N N 383 
VAL C   OXT  sing N N 384 
VAL CB  CG1  sing N N 385 
VAL CB  CG2  sing N N 386 
VAL CB  HB   sing N N 387 
VAL CG1 HG11 sing N N 388 
VAL CG1 HG12 sing N N 389 
VAL CG1 HG13 sing N N 390 
VAL CG2 HG21 sing N N 391 
VAL CG2 HG22 sing N N 392 
VAL CG2 HG23 sing N N 393 
VAL OXT HXT  sing N N 394 
# 
_atom_sites.entry_id                    1PKO 
_atom_sites.fract_transf_matrix[1][1]   0.00291910 
_atom_sites.fract_transf_matrix[1][2]   -0.02175877 
_atom_sites.fract_transf_matrix[1][3]   -0.00681269 
_atom_sites.fract_transf_matrix[2][1]   0.01872481 
_atom_sites.fract_transf_matrix[2][2]   -0.00588340 
_atom_sites.fract_transf_matrix[2][3]   -0.01196341 
_atom_sites.fract_transf_matrix[3][1]   0.00628220 
_atom_sites.fract_transf_matrix[3][2]   -0.00264276 
_atom_sites.fract_transf_matrix[3][3]   0.01113241 
_atom_sites.fract_transf_vector[1]      0.284790 
_atom_sites.fract_transf_vector[2]      0.421314 
_atom_sites.fract_transf_vector[3]      0.222006 
# 
loop_
_atom_type.symbol 
C  
N  
O  
S  
SE 
# 
loop_
_atom_site.group_PDB 
_atom_site.id 
_atom_site.type_symbol 
_atom_site.label_atom_id 
_atom_site.label_alt_id 
_atom_site.label_comp_id 
_atom_site.label_asym_id 
_atom_site.label_entity_id 
_atom_site.label_seq_id 
_atom_site.pdbx_PDB_ins_code 
_atom_site.Cartn_x 
_atom_site.Cartn_y 
_atom_site.Cartn_z 
_atom_site.occupancy 
_atom_site.B_iso_or_equiv 
_atom_site.pdbx_formal_charge 
_atom_site.auth_seq_id 
_atom_site.auth_comp_id 
_atom_site.auth_asym_id 
_atom_site.auth_atom_id 
_atom_site.pdbx_PDB_model_num 
ATOM   1    N  N   . GLY A 1 5   ? 1.020   2.811   22.613  1.00 39.33 ? 1   GLY A N   1 
ATOM   2    C  CA  . GLY A 1 5   ? 2.323   2.122   22.723  1.00 38.39 ? 1   GLY A CA  1 
ATOM   3    C  C   . GLY A 1 5   ? 2.238   0.626   22.493  1.00 38.04 ? 1   GLY A C   1 
ATOM   4    O  O   . GLY A 1 5   ? 3.161   -0.110  22.861  1.00 39.51 ? 1   GLY A O   1 
ATOM   5    N  N   . GLN A 1 6   ? 1.144   0.160   21.896  1.00 36.29 ? 2   GLN A N   1 
ATOM   6    C  CA  . GLN A 1 6   ? 1.008   -1.267  21.636  1.00 34.71 ? 2   GLN A CA  1 
ATOM   7    C  C   . GLN A 1 6   ? 2.012   -1.661  20.567  1.00 32.12 ? 2   GLN A C   1 
ATOM   8    O  O   . GLN A 1 6   ? 2.733   -2.646  20.700  1.00 33.72 ? 2   GLN A O   1 
ATOM   9    C  CB  . GLN A 1 6   ? -0.406  -1.606  21.169  1.00 36.22 ? 2   GLN A CB  1 
ATOM   10   C  CG  . GLN A 1 6   ? -1.475  -1.411  22.226  1.00 38.46 ? 2   GLN A CG  1 
ATOM   11   C  CD  . GLN A 1 6   ? -2.827  -1.911  21.765  1.00 41.37 ? 2   GLN A CD  1 
ATOM   12   O  OE1 . GLN A 1 6   ? -2.947  -3.032  21.263  1.00 43.39 ? 2   GLN A OE1 1 
ATOM   13   N  NE2 . GLN A 1 6   ? -3.860  -1.086  21.939  1.00 42.57 ? 2   GLN A NE2 1 
ATOM   14   N  N   . PHE A 1 7   ? 2.077   -0.867  19.506  1.00 27.62 ? 3   PHE A N   1 
ATOM   15   C  CA  . PHE A 1 7   ? 3.001   -1.172  18.429  1.00 22.96 ? 3   PHE A CA  1 
ATOM   16   C  C   . PHE A 1 7   ? 3.241   0.023   17.536  1.00 20.09 ? 3   PHE A C   1 
ATOM   17   O  O   . PHE A 1 7   ? 2.509   1.016   17.590  1.00 22.86 ? 3   PHE A O   1 
ATOM   18   C  CB  . PHE A 1 7   ? 2.430   -2.321  17.560  1.00 21.83 ? 3   PHE A CB  1 
ATOM   19   C  CG  . PHE A 1 7   ? 1.096   -2.002  16.881  1.00 19.84 ? 3   PHE A CG  1 
ATOM   20   C  CD1 . PHE A 1 7   ? 1.024   -1.110  15.823  1.00 20.10 ? 3   PHE A CD1 1 
ATOM   21   C  CD2 . PHE A 1 7   ? -0.088  -2.596  17.321  1.00 20.57 ? 3   PHE A CD2 1 
ATOM   22   C  CE1 . PHE A 1 7   ? -0.180  -0.806  15.220  1.00 20.49 ? 3   PHE A CE1 1 
ATOM   23   C  CE2 . PHE A 1 7   ? -1.311  -2.297  16.709  1.00 19.89 ? 3   PHE A CE2 1 
ATOM   24   C  CZ  . PHE A 1 7   ? -1.352  -1.400  15.658  1.00 19.10 ? 3   PHE A CZ  1 
ATOM   25   N  N   A ARG A 1 8   ? 4.291   -0.059  16.727  0.50 18.09 ? 4   ARG A N   1 
ATOM   26   N  N   B ARG A 1 8   ? 4.295   -0.074  16.732  0.50 17.81 ? 4   ARG A N   1 
ATOM   27   C  CA  A ARG A 1 8   ? 4.535   0.989   15.758  0.50 18.12 ? 4   ARG A CA  1 
ATOM   28   C  CA  B ARG A 1 8   ? 4.584   0.956   15.756  0.50 17.87 ? 4   ARG A CA  1 
ATOM   29   C  C   A ARG A 1 8   ? 4.419   0.294   14.406  0.50 16.80 ? 4   ARG A C   1 
ATOM   30   C  C   B ARG A 1 8   ? 4.445   0.282   14.396  0.50 16.61 ? 4   ARG A C   1 
ATOM   31   O  O   A ARG A 1 8   ? 4.393   -0.941  14.333  0.50 16.55 ? 4   ARG A O   1 
ATOM   32   O  O   B ARG A 1 8   ? 4.426   -0.953  14.307  0.50 16.57 ? 4   ARG A O   1 
ATOM   33   C  CB  A ARG A 1 8   ? 5.907   1.640   15.954  0.50 22.20 ? 4   ARG A CB  1 
ATOM   34   C  CB  B ARG A 1 8   ? 5.988   1.536   15.950  0.50 21.43 ? 4   ARG A CB  1 
ATOM   35   C  CG  A ARG A 1 8   ? 7.106   0.835   15.567  0.50 23.90 ? 4   ARG A CG  1 
ATOM   36   C  CG  B ARG A 1 8   ? 7.128   0.559   16.022  0.50 24.42 ? 4   ARG A CG  1 
ATOM   37   C  CD  A ARG A 1 8   ? 8.349   1.409   16.242  0.50 27.49 ? 4   ARG A CD  1 
ATOM   38   C  CD  B ARG A 1 8   ? 8.412   1.305   16.385  0.50 26.56 ? 4   ARG A CD  1 
ATOM   39   N  NE  A ARG A 1 8   ? 8.597   2.810   15.902  0.50 27.91 ? 4   ARG A NE  1 
ATOM   40   N  NE  B ARG A 1 8   ? 9.614   0.595   15.964  0.50 28.28 ? 4   ARG A NE  1 
ATOM   41   C  CZ  A ARG A 1 8   ? 9.164   3.216   14.768  0.50 30.22 ? 4   ARG A CZ  1 
ATOM   42   C  CZ  B ARG A 1 8   ? 10.038  -0.550  16.491  0.50 25.35 ? 4   ARG A CZ  1 
ATOM   43   N  NH1 A ARG A 1 8   ? 9.536   2.332   13.855  0.50 31.57 ? 4   ARG A NH1 1 
ATOM   44   N  NH1 B ARG A 1 8   ? 9.360   -1.127  17.473  0.50 29.51 ? 4   ARG A NH1 1 
ATOM   45   N  NH2 A ARG A 1 8   ? 9.385   4.504   14.558  0.50 30.07 ? 4   ARG A NH2 1 
ATOM   46   N  NH2 B ARG A 1 8   ? 11.138  -1.120  16.028  0.50 28.31 ? 4   ARG A NH2 1 
ATOM   47   N  N   . VAL A 1 9   ? 4.304   1.087   13.351  1.00 14.98 ? 5   VAL A N   1 
ATOM   48   C  CA  . VAL A 1 9   ? 4.173   0.567   11.987  1.00 14.31 ? 5   VAL A CA  1 
ATOM   49   C  C   . VAL A 1 9   ? 5.386   1.075   11.245  1.00 13.47 ? 5   VAL A C   1 
ATOM   50   O  O   . VAL A 1 9   ? 5.736   2.245   11.348  1.00 13.96 ? 5   VAL A O   1 
ATOM   51   C  CB  . VAL A 1 9   ? 2.879   1.065   11.365  1.00 13.96 ? 5   VAL A CB  1 
ATOM   52   C  CG1 . VAL A 1 9   ? 2.822   0.721   9.889   1.00 15.49 ? 5   VAL A CG1 1 
ATOM   53   C  CG2 . VAL A 1 9   ? 1.705   0.433   12.073  1.00 16.70 ? 5   VAL A CG2 1 
ATOM   54   N  N   . ILE A 1 10  ? 6.034   0.179   10.505  1.00 13.32 ? 6   ILE A N   1 
ATOM   55   C  CA  . ILE A 1 10  ? 7.272   0.530   9.821   1.00 12.97 ? 6   ILE A CA  1 
ATOM   56   C  C   . ILE A 1 10  ? 7.204   0.134   8.359   1.00 11.77 ? 6   ILE A C   1 
ATOM   57   O  O   . ILE A 1 10  ? 6.753   -0.970  8.025   1.00 12.32 ? 6   ILE A O   1 
ATOM   58   C  CB  . ILE A 1 10  ? 8.475   -0.237  10.490  1.00 13.16 ? 6   ILE A CB  1 
ATOM   59   C  CG1 . ILE A 1 10  ? 8.485   -0.052  12.017  1.00 17.28 ? 6   ILE A CG1 1 
ATOM   60   C  CG2 . ILE A 1 10  ? 9.813   0.299   9.952   1.00 13.27 ? 6   ILE A CG2 1 
ATOM   61   C  CD1 . ILE A 1 10  ? 9.655   -0.730  12.708  1.00 22.12 ? 6   ILE A CD1 1 
ATOM   62   N  N   . GLY A 1 11  ? 7.671   1.031   7.490   1.00 12.42 ? 7   GLY A N   1 
ATOM   63   C  CA  . GLY A 1 11  ? 7.730   0.751   6.062   1.00 13.58 ? 7   GLY A CA  1 
ATOM   64   C  C   . GLY A 1 11  ? 9.112   0.247   5.689   1.00 13.76 ? 7   GLY A C   1 
ATOM   65   O  O   . GLY A 1 11  ? 9.891   -0.148  6.569   1.00 15.07 ? 7   GLY A O   1 
ATOM   66   N  N   . PRO A 1 12  ? 9.483   0.283   4.402   1.00 13.24 ? 8   PRO A N   1 
ATOM   67   C  CA  . PRO A 1 12  ? 10.814  -0.183  3.981   1.00 14.98 ? 8   PRO A CA  1 
ATOM   68   C  C   . PRO A 1 12  ? 11.930  0.804   4.364   1.00 14.61 ? 8   PRO A C   1 
ATOM   69   O  O   . PRO A 1 12  ? 13.094  0.417   4.471   1.00 17.98 ? 8   PRO A O   1 
ATOM   70   C  CB  . PRO A 1 12  ? 10.674  -0.348  2.462   1.00 14.78 ? 8   PRO A CB  1 
ATOM   71   C  CG  . PRO A 1 12  ? 9.695   0.756   2.110   1.00 15.18 ? 8   PRO A CG  1 
ATOM   72   C  CD  . PRO A 1 12  ? 8.661   0.696   3.245   1.00 13.87 ? 8   PRO A CD  1 
ATOM   73   N  N   . GLY A 1 13  ? 11.573  2.061   4.600   1.00 13.94 ? 9   GLY A N   1 
ATOM   74   C  CA  . GLY A 1 13  ? 12.550  3.056   5.011   1.00 17.15 ? 9   GLY A CA  1 
ATOM   75   C  C   . GLY A 1 13  ? 13.247  3.779   3.892   1.00 18.64 ? 9   GLY A C   1 
ATOM   76   O  O   . GLY A 1 13  ? 13.970  4.743   4.137   1.00 20.24 ? 9   GLY A O   1 
ATOM   77   N  N   . HIS A 1 14  ? 13.066  3.305   2.667   1.00 16.53 ? 10  HIS A N   1 
ATOM   78   C  CA  . HIS A 1 14  ? 13.677  3.915   1.475   1.00 18.40 ? 10  HIS A CA  1 
ATOM   79   C  C   . HIS A 1 14  ? 12.631  3.736   0.375   1.00 17.42 ? 10  HIS A C   1 
ATOM   80   O  O   . HIS A 1 14  ? 11.750  2.876   0.460   1.00 15.00 ? 10  HIS A O   1 
ATOM   81   C  CB  . HIS A 1 14  ? 14.988  3.193   1.101   1.00 23.16 ? 10  HIS A CB  1 
ATOM   82   C  CG  . HIS A 1 14  ? 14.827  1.722   0.864   1.00 29.53 ? 10  HIS A CG  1 
ATOM   83   N  ND1 . HIS A 1 14  ? 14.104  1.211   -0.195  1.00 33.25 ? 10  HIS A ND1 1 
ATOM   84   C  CD2 . HIS A 1 14  ? 15.258  0.653   1.577   1.00 31.33 ? 10  HIS A CD2 1 
ATOM   85   C  CE1 . HIS A 1 14  ? 14.096  -0.108  -0.121  1.00 33.91 ? 10  HIS A CE1 1 
ATOM   86   N  NE2 . HIS A 1 14  ? 14.788  -0.473  0.944   1.00 33.81 ? 10  HIS A NE2 1 
ATOM   87   N  N   . PRO A 1 15  ? 12.695  4.541   -0.675  1.00 15.21 ? 11  PRO A N   1 
ATOM   88   C  CA  . PRO A 1 15  ? 11.721  4.424   -1.765  1.00 14.75 ? 11  PRO A CA  1 
ATOM   89   C  C   . PRO A 1 15  ? 11.736  3.123   -2.560  1.00 14.75 ? 11  PRO A C   1 
ATOM   90   O  O   . PRO A 1 15  ? 12.778  2.508   -2.773  1.00 17.12 ? 11  PRO A O   1 
ATOM   91   C  CB  . PRO A 1 15  ? 12.075  5.603   -2.683  1.00 16.78 ? 11  PRO A CB  1 
ATOM   92   C  CG  . PRO A 1 15  ? 12.675  6.615   -1.732  1.00 17.56 ? 11  PRO A CG  1 
ATOM   93   C  CD  . PRO A 1 15  ? 13.498  5.779   -0.787  1.00 16.97 ? 11  PRO A CD  1 
ATOM   94   N  N   . ILE A 1 16  ? 10.543  2.714   -2.987  1.00 14.62 ? 12  ILE A N   1 
ATOM   95   C  CA  . ILE A 1 16  ? 10.384  1.557   -3.864  1.00 14.31 ? 12  ILE A CA  1 
ATOM   96   C  C   . ILE A 1 16  ? 10.422  2.211   -5.262  1.00 14.39 ? 12  ILE A C   1 
ATOM   97   O  O   . ILE A 1 16  ? 9.817   3.257   -5.484  1.00 15.48 ? 12  ILE A O   1 
ATOM   98   C  CB  . ILE A 1 16  ? 9.008   0.887   -3.632  1.00 15.30 ? 12  ILE A CB  1 
ATOM   99   C  CG1 . ILE A 1 16  ? 8.944   0.316   -2.209  1.00 15.67 ? 12  ILE A CG1 1 
ATOM   100  C  CG2 . ILE A 1 16  ? 8.735   -0.193  -4.670  1.00 17.44 ? 12  ILE A CG2 1 
ATOM   101  C  CD1 . ILE A 1 16  ? 9.951   -0.761  -1.871  1.00 17.41 ? 12  ILE A CD1 1 
ATOM   102  N  N   . ARG A 1 17  ? 11.147  1.604   -6.183  1.00 14.49 ? 13  ARG A N   1 
ATOM   103  C  CA  . ARG A 1 17  ? 11.262  2.112   -7.549  1.00 15.98 ? 13  ARG A CA  1 
ATOM   104  C  C   . ARG A 1 17  ? 10.534  1.164   -8.506  1.00 15.71 ? 13  ARG A C   1 
ATOM   105  O  O   . ARG A 1 17  ? 10.574  -0.062  -8.347  1.00 19.27 ? 13  ARG A O   1 
ATOM   106  C  CB  . ARG A 1 17  ? 12.742  2.213   -7.941  1.00 19.06 ? 13  ARG A CB  1 
ATOM   107  C  CG  . ARG A 1 17  ? 13.480  3.267   -7.144  1.00 21.56 ? 13  ARG A CG  1 
ATOM   108  C  CD  . ARG A 1 17  ? 15.000  3.239   -7.337  1.00 26.69 ? 13  ARG A CD  1 
ATOM   109  N  NE  . ARG A 1 17  ? 15.620  3.939   -6.215  1.00 31.18 ? 13  ARG A NE  1 
ATOM   110  C  CZ  . ARG A 1 17  ? 15.707  5.264   -6.116  1.00 33.50 ? 13  ARG A CZ  1 
ATOM   111  N  NH1 . ARG A 1 17  ? 15.232  6.038   -7.090  1.00 36.49 ? 13  ARG A NH1 1 
ATOM   112  N  NH2 . ARG A 1 17  ? 16.215  5.815   -5.019  1.00 33.28 ? 13  ARG A NH2 1 
ATOM   113  N  N   . ALA A 1 18  ? 9.817   1.736   -9.466  1.00 14.26 ? 14  ALA A N   1 
ATOM   114  C  CA  . ALA A 1 18  ? 9.099   0.933   -10.438 1.00 14.54 ? 14  ALA A CA  1 
ATOM   115  C  C   . ALA A 1 18  ? 9.120   1.627   -11.784 1.00 15.13 ? 14  ALA A C   1 
ATOM   116  O  O   . ALA A 1 18  ? 9.307   2.846   -11.872 1.00 15.34 ? 14  ALA A O   1 
ATOM   117  C  CB  . ALA A 1 18  ? 7.649   0.719   -10.007 1.00 18.20 ? 14  ALA A CB  1 
ATOM   118  N  N   . LEU A 1 19  ? 8.996   0.826   -12.833 1.00 15.94 ? 15  LEU A N   1 
ATOM   119  C  CA  . LEU A 1 19  ? 8.872   1.373   -14.187 1.00 15.33 ? 15  LEU A CA  1 
ATOM   120  C  C   . LEU A 1 19  ? 7.368   1.465   -14.523 1.00 15.81 ? 15  LEU A C   1 
ATOM   121  O  O   . LEU A 1 19  ? 6.541   0.673   -14.028 1.00 14.37 ? 15  LEU A O   1 
ATOM   122  C  CB  . LEU A 1 19  ? 9.546   0.468   -15.220 1.00 16.70 ? 15  LEU A CB  1 
ATOM   123  C  CG  . LEU A 1 19  ? 11.037  0.210   -15.040 1.00 18.34 ? 15  LEU A CG  1 
ATOM   124  C  CD1 . LEU A 1 19  ? 11.525  -0.777  -16.100 1.00 20.72 ? 15  LEU A CD1 1 
ATOM   125  C  CD2 . LEU A 1 19  ? 11.770  1.534   -15.140 1.00 21.21 ? 15  LEU A CD2 1 
ATOM   126  N  N   . VAL A 1 20  ? 7.000   2.426   -15.368 1.00 14.01 ? 16  VAL A N   1 
ATOM   127  C  CA  . VAL A 1 20  ? 5.614   2.558   -15.827 1.00 13.85 ? 16  VAL A CA  1 
ATOM   128  C  C   . VAL A 1 20  ? 5.242   1.234   -16.486 1.00 13.01 ? 16  VAL A C   1 
ATOM   129  O  O   . VAL A 1 20  ? 5.975   0.697   -17.341 1.00 15.14 ? 16  VAL A O   1 
ATOM   130  C  CB  . VAL A 1 20  ? 5.487   3.683   -16.879 1.00 13.48 ? 16  VAL A CB  1 
ATOM   131  C  CG1 . VAL A 1 20  ? 4.127   3.646   -17.566 1.00 12.88 ? 16  VAL A CG1 1 
ATOM   132  C  CG2 . VAL A 1 20  ? 5.724   5.021   -16.229 1.00 13.99 ? 16  VAL A CG2 1 
ATOM   133  N  N   . GLY A 1 21  ? 4.091   0.707   -16.075 1.00 12.52 ? 17  GLY A N   1 
ATOM   134  C  CA  . GLY A 1 21  ? 3.597   -0.573  -16.566 1.00 14.21 ? 17  GLY A CA  1 
ATOM   135  C  C   . GLY A 1 21  ? 3.923   -1.736  -15.626 1.00 14.27 ? 17  GLY A C   1 
ATOM   136  O  O   . GLY A 1 21  ? 3.313   -2.818  -15.725 1.00 15.96 ? 17  GLY A O   1 
ATOM   137  N  N   . ASP A 1 22  ? 4.914   -1.579  -14.753 1.00 13.65 ? 18  ASP A N   1 
ATOM   138  C  CA  . ASP A 1 22  ? 5.263   -2.653  -13.804 1.00 13.93 ? 18  ASP A CA  1 
ATOM   139  C  C   . ASP A 1 22  ? 4.201   -2.712  -12.701 1.00 13.92 ? 18  ASP A C   1 
ATOM   140  O  O   . ASP A 1 22  ? 3.298   -1.895  -12.607 1.00 14.30 ? 18  ASP A O   1 
ATOM   141  C  CB  . ASP A 1 22  ? 6.561   -2.344  -13.020 1.00 17.58 ? 18  ASP A CB  1 
ATOM   142  C  CG  . ASP A 1 22  ? 7.851   -2.598  -13.791 1.00 19.64 ? 18  ASP A CG  1 
ATOM   143  O  OD1 . ASP A 1 22  ? 7.891   -3.388  -14.761 1.00 21.74 ? 18  ASP A OD1 1 
ATOM   144  O  OD2 . ASP A 1 22  ? 8.877   -2.020  -13.335 1.00 25.85 ? 18  ASP A OD2 1 
ATOM   145  N  N   . GLU A 1 23  ? 4.366   -3.719  -11.855 1.00 15.23 ? 19  GLU A N   1 
ATOM   146  C  CA  . GLU A 1 23  ? 3.592   -3.836  -10.621 1.00 13.67 ? 19  GLU A CA  1 
ATOM   147  C  C   . GLU A 1 23  ? 4.618   -3.317  -9.597  1.00 16.36 ? 19  GLU A C   1 
ATOM   148  O  O   . GLU A 1 23  ? 5.835   -3.446  -9.789  1.00 16.40 ? 19  GLU A O   1 
ATOM   149  C  CB  . GLU A 1 23  ? 3.271   -5.290  -10.272 1.00 17.87 ? 19  GLU A CB  1 
ATOM   150  C  CG  . GLU A 1 23  ? 2.467   -6.065  -11.293 1.00 26.28 ? 19  GLU A CG  1 
ATOM   151  C  CD  . GLU A 1 23  ? 2.203   -7.499  -10.827 1.00 32.10 ? 19  GLU A CD  1 
ATOM   152  O  OE1 . GLU A 1 23  ? 3.136   -8.122  -10.267 1.00 34.57 ? 19  GLU A OE1 1 
ATOM   153  O  OE2 . GLU A 1 23  ? 1.068   -8.000  -11.021 1.00 36.49 ? 19  GLU A OE2 1 
ATOM   154  N  N   . ALA A 1 24  ? 4.153   -2.708  -8.527  1.00 12.37 ? 20  ALA A N   1 
ATOM   155  C  CA  . ALA A 1 24  ? 5.055   -2.258  -7.463  1.00 12.83 ? 20  ALA A CA  1 
ATOM   156  C  C   . ALA A 1 24  ? 4.492   -2.752  -6.122  1.00 12.00 ? 20  ALA A C   1 
ATOM   157  O  O   . ALA A 1 24  ? 3.298   -2.610  -5.878  1.00 13.55 ? 20  ALA A O   1 
ATOM   158  C  CB  . ALA A 1 24  ? 5.146   -0.739  -7.443  1.00 16.26 ? 20  ALA A CB  1 
ATOM   159  N  N   . GLU A 1 25  ? 5.346   -3.313  -5.270  1.00 11.82 ? 21  GLU A N   1 
ATOM   160  C  CA  . GLU A 1 25  ? 4.938   -3.798  -3.952  1.00 11.63 ? 21  GLU A CA  1 
ATOM   161  C  C   . GLU A 1 25  ? 5.538   -2.912  -2.871  1.00 10.81 ? 21  GLU A C   1 
ATOM   162  O  O   . GLU A 1 25  ? 6.751   -2.711  -2.819  1.00 11.97 ? 21  GLU A O   1 
ATOM   163  C  CB  . GLU A 1 25  ? 5.358   -5.259  -3.775  1.00 12.79 ? 21  GLU A CB  1 
ATOM   164  C  CG  . GLU A 1 25  ? 4.604   -6.153  -4.768  1.00 12.80 ? 21  GLU A CG  1 
ATOM   165  C  CD  . GLU A 1 25  ? 5.069   -7.598  -4.836  1.00 13.88 ? 21  GLU A CD  1 
ATOM   166  O  OE1 . GLU A 1 25  ? 6.033   -7.980  -4.172  1.00 13.82 ? 21  GLU A OE1 1 
ATOM   167  O  OE2 . GLU A 1 25  ? 4.460   -8.382  -5.599  1.00 14.71 ? 21  GLU A OE2 1 
ATOM   168  N  N   . LEU A 1 26  ? 4.656   -2.360  -2.046  1.00 10.82 ? 22  LEU A N   1 
ATOM   169  C  CA  . LEU A 1 26  ? 5.014   -1.437  -0.959  1.00 10.61 ? 22  LEU A CA  1 
ATOM   170  C  C   . LEU A 1 26  ? 4.743   -2.182  0.336   1.00 11.47 ? 22  LEU A C   1 
ATOM   171  O  O   . LEU A 1 26  ? 3.605   -2.530  0.621   1.00 11.27 ? 22  LEU A O   1 
ATOM   172  C  CB  . LEU A 1 26  ? 4.131   -0.189  -1.022  1.00 12.72 ? 22  LEU A CB  1 
ATOM   173  C  CG  . LEU A 1 26  ? 4.180   0.656   -2.305  1.00 14.61 ? 22  LEU A CG  1 
ATOM   174  C  CD1 . LEU A 1 26  ? 3.517   2.002   -2.051  1.00 15.43 ? 22  LEU A CD1 1 
ATOM   175  C  CD2 . LEU A 1 26  ? 5.580   0.874   -2.775  1.00 19.63 ? 22  LEU A CD2 1 
ATOM   176  N  N   . PRO A 1 27  ? 5.780   -2.395  1.143   1.00 10.73 ? 23  PRO A N   1 
ATOM   177  C  CA  . PRO A 1 27  ? 5.610   -3.133  2.396   1.00 10.71 ? 23  PRO A CA  1 
ATOM   178  C  C   . PRO A 1 27  ? 5.406   -2.319  3.639   1.00 10.37 ? 23  PRO A C   1 
ATOM   179  O  O   . PRO A 1 27  ? 5.838   -1.186  3.739   1.00 12.41 ? 23  PRO A O   1 
ATOM   180  C  CB  . PRO A 1 27  ? 6.918   -3.919  2.514   1.00 10.97 ? 23  PRO A CB  1 
ATOM   181  C  CG  . PRO A 1 27  ? 7.944   -2.828  2.011   1.00 13.00 ? 23  PRO A CG  1 
ATOM   182  C  CD  . PRO A 1 27  ? 7.209   -2.150  0.835   1.00 13.31 ? 23  PRO A CD  1 
ATOM   183  N  N   A CYS A 1 28  ? 4.800   -2.976  4.616   0.50 12.99 ? 24  CYS A N   1 
ATOM   184  N  N   B CYS A 1 28  ? 4.729   -2.914  4.617   0.50 9.60  ? 24  CYS A N   1 
ATOM   185  C  CA  A CYS A 1 28  ? 4.523   -2.356  5.887   0.50 14.63 ? 24  CYS A CA  1 
ATOM   186  C  CA  B CYS A 1 28  ? 4.597   -2.319  5.955   0.50 10.32 ? 24  CYS A CA  1 
ATOM   187  C  C   A CYS A 1 28  ? 4.349   -3.452  6.949   0.50 13.29 ? 24  CYS A C   1 
ATOM   188  C  C   B CYS A 1 28  ? 4.378   -3.441  6.948   0.50 10.52 ? 24  CYS A C   1 
ATOM   189  O  O   A CYS A 1 28  ? 3.749   -4.489  6.677   0.50 13.10 ? 24  CYS A O   1 
ATOM   190  O  O   B CYS A 1 28  ? 3.768   -4.463  6.641   0.50 10.85 ? 24  CYS A O   1 
ATOM   191  C  CB  A CYS A 1 28  ? 3.260   -1.571  5.689   0.50 19.69 ? 24  CYS A CB  1 
ATOM   192  C  CB  B CYS A 1 28  ? 3.457   -1.327  6.096   0.50 11.14 ? 24  CYS A CB  1 
ATOM   193  S  SG  A CYS A 1 28  ? 2.745   -0.476  7.007   0.50 23.30 ? 24  CYS A SG  1 
ATOM   194  S  SG  B CYS A 1 28  ? 3.833   0.318   5.438   0.50 10.60 ? 24  CYS A SG  1 
ATOM   195  N  N   . ARG A 1 29  ? 4.879   -3.226  8.152   1.00 11.92 ? 25  ARG A N   1 
ATOM   196  C  CA  . ARG A 1 29  ? 4.769   -4.213  9.225   1.00 11.33 ? 25  ARG A CA  1 
ATOM   197  C  C   . ARG A 1 29  ? 4.571   -3.567  10.552  1.00 12.12 ? 25  ARG A C   1 
ATOM   198  O  O   . ARG A 1 29  ? 4.945   -2.407  10.755  1.00 13.38 ? 25  ARG A O   1 
ATOM   199  C  CB  . ARG A 1 29  ? 6.043   -5.067  9.316   1.00 11.74 ? 25  ARG A CB  1 
ATOM   200  C  CG  . ARG A 1 29  ? 7.323   -4.267  9.607   1.00 11.63 ? 25  ARG A CG  1 
ATOM   201  C  CD  . ARG A 1 29  ? 8.591   -5.120  9.474   1.00 13.51 ? 25  ARG A CD  1 
ATOM   202  N  NE  . ARG A 1 29  ? 9.778   -4.274  9.433   1.00 14.68 ? 25  ARG A NE  1 
ATOM   203  C  CZ  . ARG A 1 29  ? 10.422  -3.856  10.508  1.00 16.36 ? 25  ARG A CZ  1 
ATOM   204  N  NH1 . ARG A 1 29  ? 10.005  -4.222  11.711  1.00 17.08 ? 25  ARG A NH1 1 
ATOM   205  N  NH2 . ARG A 1 29  ? 11.453  -3.032  10.362  1.00 17.59 ? 25  ARG A NH2 1 
ATOM   206  N  N   . ILE A 1 30  ? 3.968   -4.309  11.471  1.00 12.16 ? 26  ILE A N   1 
ATOM   207  C  CA  . ILE A 1 30  ? 3.855   -3.801  12.831  1.00 12.65 ? 26  ILE A CA  1 
ATOM   208  C  C   . ILE A 1 30  ? 5.059   -4.339  13.595  1.00 12.79 ? 26  ILE A C   1 
ATOM   209  O  O   . ILE A 1 30  ? 5.602   -5.419  13.296  1.00 13.07 ? 26  ILE A O   1 
ATOM   210  C  CB  . ILE A 1 30  ? 2.535   -4.236  13.520  1.00 14.91 ? 26  ILE A CB  1 
ATOM   211  C  CG1 . ILE A 1 30  ? 2.334   -5.736  13.467  1.00 16.36 ? 26  ILE A CG1 1 
ATOM   212  C  CG2 . ILE A 1 30  ? 1.360   -3.496  12.874  1.00 17.61 ? 26  ILE A CG2 1 
ATOM   213  C  CD1 . ILE A 1 30  ? 1.085   -6.193  14.255  1.00 20.54 ? 26  ILE A CD1 1 
ATOM   214  N  N   . SER A 1 31  ? 5.499   -3.540  14.569  1.00 13.80 ? 27  SER A N   1 
ATOM   215  C  CA  . SER A 1 31  ? 6.642   -3.874  15.416  1.00 15.53 ? 27  SER A CA  1 
ATOM   216  C  C   . SER A 1 31  ? 6.248   -3.509  16.848  1.00 15.03 ? 27  SER A C   1 
ATOM   217  O  O   . SER A 1 31  ? 5.816   -2.401  17.100  1.00 15.65 ? 27  SER A O   1 
ATOM   218  C  CB  . SER A 1 31  ? 7.841   -3.041  14.974  1.00 16.27 ? 27  SER A CB  1 
ATOM   219  O  OG  . SER A 1 31  ? 8.966   -3.234  15.815  1.00 20.29 ? 27  SER A OG  1 
ATOM   220  N  N   . PRO A 1 32  ? 6.365   -4.453  17.797  1.00 16.87 ? 28  PRO A N   1 
ATOM   221  C  CA  . PRO A 1 32  ? 6.839   -5.824  17.584  1.00 15.96 ? 28  PRO A CA  1 
ATOM   222  C  C   . PRO A 1 32  ? 5.855   -6.607  16.719  1.00 15.56 ? 28  PRO A C   1 
ATOM   223  O  O   . PRO A 1 32  ? 4.656   -6.310  16.685  1.00 16.87 ? 28  PRO A O   1 
ATOM   224  C  CB  . PRO A 1 32  ? 6.909   -6.398  19.005  1.00 18.54 ? 28  PRO A CB  1 
ATOM   225  C  CG  . PRO A 1 32  ? 7.070   -5.200  19.874  1.00 22.46 ? 28  PRO A CG  1 
ATOM   226  C  CD  . PRO A 1 32  ? 6.202   -4.157  19.230  1.00 18.93 ? 28  PRO A CD  1 
ATOM   227  N  N   . GLY A 1 33  ? 6.371   -7.610  16.026  1.00 15.44 ? 29  GLY A N   1 
ATOM   228  C  CA  . GLY A 1 33  ? 5.521   -8.419  15.189  1.00 15.59 ? 29  GLY A CA  1 
ATOM   229  C  C   . GLY A 1 33  ? 4.518   -9.193  16.009  1.00 15.62 ? 29  GLY A C   1 
ATOM   230  O  O   . GLY A 1 33  ? 4.816   -9.678  17.095  1.00 18.66 ? 29  GLY A O   1 
ATOM   231  N  N   . LYS A 1 34  ? 3.300   -9.252  15.494  1.00 16.07 ? 30  LYS A N   1 
ATOM   232  C  CA  . LYS A 1 34  ? 2.241   -10.051 16.093  1.00 15.97 ? 30  LYS A CA  1 
ATOM   233  C  C   . LYS A 1 34  ? 1.164   -10.205 15.036  1.00 17.09 ? 30  LYS A C   1 
ATOM   234  O  O   . LYS A 1 34  ? 1.208   -9.559  13.991  1.00 16.00 ? 30  LYS A O   1 
ATOM   235  C  CB  . LYS A 1 34  ? 1.674   -9.429  17.370  1.00 21.04 ? 30  LYS A CB  1 
ATOM   236  C  CG  . LYS A 1 34  ? 0.984   -8.115  17.228  1.00 21.06 ? 30  LYS A CG  1 
ATOM   237  C  CD  . LYS A 1 34  ? 0.367   -7.807  18.597  1.00 26.04 ? 30  LYS A CD  1 
ATOM   238  C  CE  . LYS A 1 34  ? -0.300  -6.452  18.627  1.00 26.49 ? 30  LYS A CE  1 
ATOM   239  N  NZ  . LYS A 1 34  ? -0.968  -6.252  19.946  1.00 29.24 ? 30  LYS A NZ  1 
ATOM   240  N  N   . ASN A 1 35  ? 0.197   -11.075 15.309  1.00 15.45 ? 31  ASN A N   1 
ATOM   241  C  CA  . ASN A 1 35  ? -0.876  -11.361 14.372  1.00 14.95 ? 31  ASN A CA  1 
ATOM   242  C  C   . ASN A 1 35  ? -1.711  -10.142 14.018  1.00 15.43 ? 31  ASN A C   1 
ATOM   243  O  O   . ASN A 1 35  ? -2.344  -9.551  14.896  1.00 18.02 ? 31  ASN A O   1 
ATOM   244  C  CB  . ASN A 1 35  ? -1.779  -12.412 15.000  1.00 14.45 ? 31  ASN A CB  1 
ATOM   245  C  CG  . ASN A 1 35  ? -2.730  -13.017 14.016  1.00 15.63 ? 31  ASN A CG  1 
ATOM   246  O  OD1 . ASN A 1 35  ? -2.726  -12.680 12.815  1.00 13.03 ? 31  ASN A OD1 1 
ATOM   247  N  ND2 . ASN A 1 35  ? -3.573  -13.932 14.505  1.00 15.85 ? 31  ASN A ND2 1 
ATOM   248  N  N   . ALA A 1 36  ? -1.759  -9.770  12.736  1.00 12.66 ? 32  ALA A N   1 
ATOM   249  C  CA  . ALA A 1 36  ? -2.572  -8.626  12.289  1.00 10.92 ? 32  ALA A CA  1 
ATOM   250  C  C   . ALA A 1 36  ? -3.765  -9.100  11.483  1.00 11.45 ? 32  ALA A C   1 
ATOM   251  O  O   . ALA A 1 36  ? -4.474  -8.286  10.910  1.00 12.79 ? 32  ALA A O   1 
ATOM   252  C  CB  . ALA A 1 36  ? -1.711  -7.671  11.443  1.00 12.88 ? 32  ALA A CB  1 
ATOM   253  N  N   . THR A 1 37  ? -4.014  -10.412 11.448  1.00 11.45 ? 33  THR A N   1 
ATOM   254  C  CA  . THR A 1 37  ? -5.134  -10.926 10.652  1.00 11.97 ? 33  THR A CA  1 
ATOM   255  C  C   . THR A 1 37  ? -6.467  -10.298 11.023  1.00 12.43 ? 33  THR A C   1 
ATOM   256  O  O   . THR A 1 37  ? -7.329  -10.094 10.169  1.00 12.74 ? 33  THR A O   1 
ATOM   257  C  CB  . THR A 1 37  ? -5.244  -12.465 10.805  1.00 11.59 ? 33  THR A CB  1 
ATOM   258  O  OG1 . THR A 1 37  ? -3.974  -13.064 10.509  1.00 11.57 ? 33  THR A OG1 1 
ATOM   259  C  CG2 . THR A 1 37  ? -6.319  -13.028 9.880   1.00 13.19 ? 33  THR A CG2 1 
ATOM   260  N  N   . GLY A 1 38  ? -6.619  -9.960  12.300  1.00 12.96 ? 34  GLY A N   1 
ATOM   261  C  CA  . GLY A 1 38  ? -7.885  -9.410  12.758  1.00 13.75 ? 34  GLY A CA  1 
ATOM   262  C  C   . GLY A 1 38  ? -7.990  -7.905  12.777  1.00 13.51 ? 34  GLY A C   1 
ATOM   263  O  O   . GLY A 1 38  ? -9.010  -7.347  13.203  1.00 14.62 ? 34  GLY A O   1 
HETATM 264  N  N   . MSE A 1 39  ? -6.930  -7.246  12.318  1.00 13.67 ? 35  MSE A N   1 
HETATM 265  C  CA  . MSE A 1 39  ? -6.902  -5.775  12.314  1.00 12.69 ? 35  MSE A CA  1 
HETATM 266  C  C   . MSE A 1 39  ? -7.430  -5.162  11.036  1.00 14.59 ? 35  MSE A C   1 
HETATM 267  O  O   . MSE A 1 39  ? -7.722  -5.866  10.070  1.00 13.54 ? 35  MSE A O   1 
HETATM 268  C  CB  . MSE A 1 39  ? -5.460  -5.280  12.499  1.00 13.36 ? 35  MSE A CB  1 
HETATM 269  C  CG  . MSE A 1 39  ? -4.821  -5.759  13.786  1.00 13.88 ? 35  MSE A CG  1 
HETATM 270  SE SE  . MSE A 1 39  ? -3.114  -4.907  14.054  1.00 17.63 ? 35  MSE A SE  1 
HETATM 271  C  CE  . MSE A 1 39  ? -2.601  -5.784  15.696  1.00 15.03 ? 35  MSE A CE  1 
ATOM   272  N  N   . GLU A 1 40  ? -7.650  -3.854  11.076  1.00 12.92 ? 36  GLU A N   1 
ATOM   273  C  CA  . GLU A 1 40  ? -8.016  -3.104  9.884   1.00 13.35 ? 36  GLU A CA  1 
ATOM   274  C  C   . GLU A 1 40  ? -6.648  -2.648  9.368   1.00 12.43 ? 36  GLU A C   1 
ATOM   275  O  O   . GLU A 1 40  ? -5.830  -2.092  10.116  1.00 13.61 ? 36  GLU A O   1 
ATOM   276  C  CB  . GLU A 1 40  ? -8.865  -1.880  10.231  1.00 15.13 ? 36  GLU A CB  1 
ATOM   277  C  CG  . GLU A 1 40  ? -9.218  -1.044  8.987   1.00 19.32 ? 36  GLU A CG  1 
ATOM   278  C  CD  . GLU A 1 40  ? -10.093 0.142   9.310   1.00 21.36 ? 36  GLU A CD  1 
ATOM   279  O  OE1 . GLU A 1 40  ? -11.255 0.166   8.848   1.00 29.09 ? 36  GLU A OE1 1 
ATOM   280  O  OE2 . GLU A 1 40  ? -9.616  1.044   10.023  1.00 26.05 ? 36  GLU A OE2 1 
ATOM   281  N  N   . VAL A 1 41  ? -6.379  -2.892  8.091   1.00 13.14 ? 37  VAL A N   1 
ATOM   282  C  CA  . VAL A 1 41  ? -5.071  -2.544  7.522   1.00 14.07 ? 37  VAL A CA  1 
ATOM   283  C  C   . VAL A 1 41  ? -5.394  -1.792  6.257   1.00 14.87 ? 37  VAL A C   1 
ATOM   284  O  O   . VAL A 1 41  ? -6.133  -2.278  5.400   1.00 15.48 ? 37  VAL A O   1 
ATOM   285  C  CB  . VAL A 1 41  ? -4.234  -3.831  7.227   1.00 14.54 ? 37  VAL A CB  1 
ATOM   286  C  CG1 . VAL A 1 41  ? -2.844  -3.443  6.707   1.00 16.59 ? 37  VAL A CG1 1 
ATOM   287  C  CG2 . VAL A 1 41  ? -4.115  -4.691  8.479   1.00 16.24 ? 37  VAL A CG2 1 
ATOM   288  N  N   . GLY A 1 42  ? -4.849  -0.589  6.142   1.00 15.16 ? 38  GLY A N   1 
ATOM   289  C  CA  . GLY A 1 42  ? -5.166  0.196   4.962   1.00 16.42 ? 38  GLY A CA  1 
ATOM   290  C  C   . GLY A 1 42  ? -4.017  0.984   4.417   1.00 15.75 ? 38  GLY A C   1 
ATOM   291  O  O   . GLY A 1 42  ? -2.976  1.152   5.046   1.00 14.89 ? 38  GLY A O   1 
ATOM   292  N  N   . TRP A 1 43  ? -4.244  1.446   3.197   1.00 14.35 ? 39  TRP A N   1 
ATOM   293  C  CA  . TRP A 1 43  ? -3.273  2.263   2.498   1.00 13.96 ? 39  TRP A CA  1 
ATOM   294  C  C   . TRP A 1 43  ? -3.997  3.476   1.937   1.00 15.29 ? 39  TRP A C   1 
ATOM   295  O  O   . TRP A 1 43  ? -5.084  3.353   1.377   1.00 14.85 ? 39  TRP A O   1 
ATOM   296  C  CB  . TRP A 1 43  ? -2.670  1.482   1.337   1.00 13.07 ? 39  TRP A CB  1 
ATOM   297  C  CG  . TRP A 1 43  ? -1.731  0.445   1.775   1.00 13.46 ? 39  TRP A CG  1 
ATOM   298  C  CD1 . TRP A 1 43  ? -2.042  -0.818  2.179   1.00 12.39 ? 39  TRP A CD1 1 
ATOM   299  C  CD2 . TRP A 1 43  ? -0.317  0.558   1.844   1.00 12.01 ? 39  TRP A CD2 1 
ATOM   300  N  NE1 . TRP A 1 43  ? -0.897  -1.504  2.483   1.00 14.34 ? 39  TRP A NE1 1 
ATOM   301  C  CE2 . TRP A 1 43  ? 0.182   -0.681  2.284   1.00 12.51 ? 39  TRP A CE2 1 
ATOM   302  C  CE3 . TRP A 1 43  ? 0.586   1.586   1.564   1.00 12.41 ? 39  TRP A CE3 1 
ATOM   303  C  CZ2 . TRP A 1 43  ? 1.539   -0.919  2.449   1.00 12.31 ? 39  TRP A CZ2 1 
ATOM   304  C  CZ3 . TRP A 1 43  ? 1.946   1.344   1.723   1.00 12.57 ? 39  TRP A CZ3 1 
ATOM   305  C  CH2 . TRP A 1 43  ? 2.410   0.107   2.159   1.00 11.56 ? 39  TRP A CH2 1 
ATOM   306  N  N   . TYR A 1 44  ? -3.415  4.653   2.101   1.00 16.92 ? 40  TYR A N   1 
ATOM   307  C  CA  . TYR A 1 44  ? -4.050  5.813   1.488   1.00 18.77 ? 40  TYR A CA  1 
ATOM   308  C  C   . TYR A 1 44  ? -3.000  6.726   0.906   1.00 19.29 ? 40  TYR A C   1 
ATOM   309  O  O   . TYR A 1 44  ? -1.820  6.568   1.185   1.00 17.94 ? 40  TYR A O   1 
ATOM   310  C  CB  . TYR A 1 44  ? -5.056  6.495   2.429   1.00 25.13 ? 40  TYR A CB  1 
ATOM   311  C  CG  . TYR A 1 44  ? -4.555  6.963   3.751   1.00 26.46 ? 40  TYR A CG  1 
ATOM   312  C  CD1 . TYR A 1 44  ? -3.996  8.230   3.895   1.00 30.60 ? 40  TYR A CD1 1 
ATOM   313  C  CD2 . TYR A 1 44  ? -4.691  6.170   4.885   1.00 28.13 ? 40  TYR A CD2 1 
ATOM   314  C  CE1 . TYR A 1 44  ? -3.592  8.699   5.143   1.00 33.50 ? 40  TYR A CE1 1 
ATOM   315  C  CE2 . TYR A 1 44  ? -4.289  6.629   6.136   1.00 31.88 ? 40  TYR A CE2 1 
ATOM   316  C  CZ  . TYR A 1 44  ? -3.740  7.892   6.256   1.00 32.69 ? 40  TYR A CZ  1 
ATOM   317  O  OH  . TYR A 1 44  ? -3.337  8.349   7.495   1.00 35.66 ? 40  TYR A OH  1 
ATOM   318  N  N   . ARG A 1 45  ? -3.420  7.626   0.013   1.00 21.39 ? 41  ARG A N   1 
ATOM   319  C  CA  . ARG A 1 45  ? -2.447  8.496   -0.653  1.00 25.27 ? 41  ARG A CA  1 
ATOM   320  C  C   . ARG A 1 45  ? -2.105  9.719   0.138   1.00 29.15 ? 41  ARG A C   1 
ATOM   321  O  O   . ARG A 1 45  ? -2.992  10.397  0.656   1.00 29.91 ? 41  ARG A O   1 
ATOM   322  C  CB  . ARG A 1 45  ? -2.935  8.981   -2.020  1.00 25.14 ? 41  ARG A CB  1 
ATOM   323  C  CG  . ARG A 1 45  ? -2.901  8.017   -3.199  1.00 28.42 ? 41  ARG A CG  1 
ATOM   324  C  CD  . ARG A 1 45  ? -1.587  7.277   -3.409  1.00 24.57 ? 41  ARG A CD  1 
ATOM   325  N  NE  . ARG A 1 45  ? -0.383  8.104   -3.420  1.00 20.20 ? 41  ARG A NE  1 
ATOM   326  C  CZ  . ARG A 1 45  ? 0.188   8.602   -4.514  1.00 21.61 ? 41  ARG A CZ  1 
ATOM   327  N  NH1 . ARG A 1 45  ? -0.347  8.361   -5.702  1.00 23.91 ? 41  ARG A NH1 1 
ATOM   328  N  NH2 . ARG A 1 45  ? 1.315   9.304   -4.406  1.00 17.48 ? 41  ARG A NH2 1 
ATOM   329  N  N   . SER A 1 46  ? -0.810  10.013  0.198   1.00 32.05 ? 42  SER A N   1 
ATOM   330  C  CA  . SER A 1 46  ? -0.311  11.178  0.912   1.00 35.05 ? 42  SER A CA  1 
ATOM   331  C  C   . SER A 1 46  ? 0.016   12.247  -0.117  1.00 37.03 ? 42  SER A C   1 
ATOM   332  O  O   . SER A 1 46  ? 0.631   11.946  -1.147  1.00 39.23 ? 42  SER A O   1 
ATOM   333  C  CB  . SER A 1 46  ? 0.950   10.793  1.684   1.00 35.63 ? 42  SER A CB  1 
ATOM   334  O  OG  . SER A 1 46  ? 0.719   9.582   2.379   1.00 39.01 ? 42  SER A OG  1 
ATOM   335  N  N   . SER A 1 49  ? -7.656  10.771  3.638   1.00 37.89 ? 45  SER A N   1 
ATOM   336  C  CA  . SER A 1 49  ? -7.011  10.799  2.327   1.00 37.39 ? 45  SER A CA  1 
ATOM   337  C  C   . SER A 1 49  ? -7.568  9.689   1.438   1.00 35.26 ? 45  SER A C   1 
ATOM   338  O  O   . SER A 1 49  ? -8.240  8.787   1.930   1.00 37.35 ? 45  SER A O   1 
ATOM   339  C  CB  . SER A 1 49  ? -5.505  10.645  2.494   1.00 37.05 ? 45  SER A CB  1 
ATOM   340  N  N   . ARG A 1 50  ? -7.293  9.764   0.136   1.00 32.39 ? 46  ARG A N   1 
ATOM   341  C  CA  . ARG A 1 50  ? -7.781  8.783   -0.833  1.00 29.75 ? 46  ARG A CA  1 
ATOM   342  C  C   . ARG A 1 50  ? -7.388  7.369   -0.429  1.00 25.05 ? 46  ARG A C   1 
ATOM   343  O  O   . ARG A 1 50  ? -6.211  7.075   -0.235  1.00 23.33 ? 46  ARG A O   1 
ATOM   344  C  CB  . ARG A 1 50  ? -7.225  9.079   -2.232  1.00 33.40 ? 46  ARG A CB  1 
ATOM   345  C  CG  . ARG A 1 50  ? -7.586  10.459  -2.777  1.00 36.50 ? 46  ARG A CG  1 
ATOM   346  C  CD  . ARG A 1 50  ? -9.087  10.596  -3.043  1.00 37.33 ? 46  ARG A CD  1 
ATOM   347  N  NE  . ARG A 1 50  ? -9.516  9.964   -4.289  1.00 38.04 ? 46  ARG A NE  1 
ATOM   348  C  CZ  . ARG A 1 50  ? -10.782 9.897   -4.688  1.00 37.32 ? 46  ARG A CZ  1 
ATOM   349  N  NH1 . ARG A 1 50  ? -11.735 10.422  -3.933  1.00 37.46 ? 46  ARG A NH1 1 
ATOM   350  N  NH2 . ARG A 1 50  ? -11.099 9.317   -5.840  1.00 37.44 ? 46  ARG A NH2 1 
ATOM   351  N  N   . VAL A 1 51  ? -8.386  6.504   -0.310  1.00 23.71 ? 47  VAL A N   1 
ATOM   352  C  CA  . VAL A 1 51  ? -8.161  5.116   0.078   1.00 22.56 ? 47  VAL A CA  1 
ATOM   353  C  C   . VAL A 1 51  ? -7.693  4.284   -1.098  1.00 21.05 ? 47  VAL A C   1 
ATOM   354  O  O   . VAL A 1 51  ? -8.432  4.051   -2.054  1.00 21.04 ? 47  VAL A O   1 
ATOM   355  C  CB  . VAL A 1 51  ? -9.441  4.490   0.662   1.00 23.31 ? 47  VAL A CB  1 
ATOM   356  C  CG1 . VAL A 1 51  ? -9.198  2.999   0.987   1.00 24.99 ? 47  VAL A CG1 1 
ATOM   357  C  CG2 . VAL A 1 51  ? -9.840  5.243   1.917   1.00 25.97 ? 47  VAL A CG2 1 
ATOM   358  N  N   . VAL A 1 52  ? -6.461  3.801   -1.005  1.00 17.61 ? 48  VAL A N   1 
ATOM   359  C  CA  . VAL A 1 52  ? -5.893  2.985   -2.061  1.00 17.00 ? 48  VAL A CA  1 
ATOM   360  C  C   . VAL A 1 52  ? -6.357  1.538   -1.907  1.00 16.13 ? 48  VAL A C   1 
ATOM   361  O  O   . VAL A 1 52  ? -6.710  0.905   -2.881  1.00 15.91 ? 48  VAL A O   1 
ATOM   362  C  CB  . VAL A 1 52  ? -4.351  3.051   -2.039  1.00 17.47 ? 48  VAL A CB  1 
ATOM   363  C  CG1 . VAL A 1 52  ? -3.769  2.125   -3.127  1.00 16.48 ? 48  VAL A CG1 1 
ATOM   364  C  CG2 . VAL A 1 52  ? -3.872  4.518   -2.239  1.00 14.22 ? 48  VAL A CG2 1 
ATOM   365  N  N   . HIS A 1 53  ? -6.351  1.030   -0.673  1.00 14.70 ? 49  HIS A N   1 
ATOM   366  C  CA  . HIS A 1 53  ? -6.777  -0.331  -0.427  1.00 14.75 ? 49  HIS A CA  1 
ATOM   367  C  C   . HIS A 1 53  ? -7.095  -0.443  1.041   1.00 12.67 ? 49  HIS A C   1 
ATOM   368  O  O   . HIS A 1 53  ? -6.390  0.133   1.858   1.00 16.63 ? 49  HIS A O   1 
ATOM   369  C  CB  . HIS A 1 53  ? -5.645  -1.298  -0.755  1.00 14.51 ? 49  HIS A CB  1 
ATOM   370  C  CG  . HIS A 1 53  ? -6.076  -2.725  -0.769  1.00 15.25 ? 49  HIS A CG  1 
ATOM   371  N  ND1 . HIS A 1 53  ? -6.369  -3.402  -1.931  1.00 14.77 ? 49  HIS A ND1 1 
ATOM   372  C  CD2 . HIS A 1 53  ? -6.331  -3.586  0.249   1.00 16.15 ? 49  HIS A CD2 1 
ATOM   373  C  CE1 . HIS A 1 53  ? -6.788  -4.620  -1.630  1.00 16.58 ? 49  HIS A CE1 1 
ATOM   374  N  NE2 . HIS A 1 53  ? -6.776  -4.754  -0.317  1.00 16.57 ? 49  HIS A NE2 1 
ATOM   375  N  N   A LEU A 1 54  ? -8.143  -1.191  1.392   0.50 13.43 ? 50  LEU A N   1 
ATOM   376  N  N   B LEU A 1 54  ? -8.136  -1.203  1.377   0.50 12.86 ? 50  LEU A N   1 
ATOM   377  C  CA  A LEU A 1 54  ? -8.522  -1.341  2.800   0.50 14.50 ? 50  LEU A CA  1 
ATOM   378  C  CA  B LEU A 1 54  ? -8.521  -1.378  2.771   0.50 13.64 ? 50  LEU A CA  1 
ATOM   379  C  C   A LEU A 1 54  ? -8.947  -2.780  3.075   0.50 15.44 ? 50  LEU A C   1 
ATOM   380  C  C   B LEU A 1 54  ? -8.882  -2.829  3.025   0.50 14.63 ? 50  LEU A C   1 
ATOM   381  O  O   A LEU A 1 54  ? -9.742  -3.358  2.327   0.50 16.27 ? 50  LEU A O   1 
ATOM   382  O  O   B LEU A 1 54  ? -9.563  -3.467  2.213   0.50 15.12 ? 50  LEU A O   1 
ATOM   383  C  CB  A LEU A 1 54  ? -9.670  -0.368  3.143   0.50 16.10 ? 50  LEU A CB  1 
ATOM   384  C  CB  B LEU A 1 54  ? -9.729  -0.490  3.115   0.50 14.64 ? 50  LEU A CB  1 
ATOM   385  C  CG  A LEU A 1 54  ? -10.039 -0.079  4.610   0.50 17.72 ? 50  LEU A CG  1 
ATOM   386  C  CG  B LEU A 1 54  ? -10.297 -0.674  4.528   0.50 15.23 ? 50  LEU A CG  1 
ATOM   387  C  CD1 A LEU A 1 54  ? -10.754 -1.268  5.235   0.50 17.54 ? 50  LEU A CD1 1 
ATOM   388  C  CD1 B LEU A 1 54  ? -9.263  -0.300  5.558   0.50 17.43 ? 50  LEU A CD1 1 
ATOM   389  C  CD2 A LEU A 1 54  ? -8.797  0.299   5.386   0.50 20.46 ? 50  LEU A CD2 1 
ATOM   390  C  CD2 B LEU A 1 54  ? -11.536 0.199   4.697   0.50 14.92 ? 50  LEU A CD2 1 
ATOM   391  N  N   . TYR A 1 55  ? -8.400  -3.342  4.151   1.00 14.80 ? 51  TYR A N   1 
ATOM   392  C  CA  . TYR A 1 55  ? -8.685  -4.715  4.586   1.00 14.53 ? 51  TYR A CA  1 
ATOM   393  C  C   . TYR A 1 55  ? -9.248  -4.618  6.011   1.00 13.31 ? 51  TYR A C   1 
ATOM   394  O  O   . TYR A 1 55  ? -8.708  -3.887  6.856   1.00 13.87 ? 51  TYR A O   1 
ATOM   395  C  CB  . TYR A 1 55  ? -7.383  -5.530  4.583   1.00 12.53 ? 51  TYR A CB  1 
ATOM   396  C  CG  . TYR A 1 55  ? -7.435  -6.832  5.367   1.00 12.22 ? 51  TYR A CG  1 
ATOM   397  C  CD1 . TYR A 1 55  ? -7.875  -8.012  4.784   1.00 12.37 ? 51  TYR A CD1 1 
ATOM   398  C  CD2 . TYR A 1 55  ? -6.992  -6.880  6.698   1.00 12.73 ? 51  TYR A CD2 1 
ATOM   399  C  CE1 . TYR A 1 55  ? -7.870  -9.223  5.504   1.00 12.46 ? 51  TYR A CE1 1 
ATOM   400  C  CE2 . TYR A 1 55  ? -6.994  -8.079  7.416   1.00 11.38 ? 51  TYR A CE2 1 
ATOM   401  C  CZ  . TYR A 1 55  ? -7.433  -9.242  6.810   1.00 12.19 ? 51  TYR A CZ  1 
ATOM   402  O  OH  . TYR A 1 55  ? -7.447  -10.438 7.489   1.00 12.79 ? 51  TYR A OH  1 
ATOM   403  N  N   . ARG A 1 56  ? -10.361 -5.312  6.254   1.00 13.69 ? 52  ARG A N   1 
ATOM   404  C  CA  . ARG A 1 56  ? -10.974 -5.303  7.578   1.00 14.69 ? 52  ARG A CA  1 
ATOM   405  C  C   . ARG A 1 56  ? -11.868 -6.514  7.711   1.00 15.18 ? 52  ARG A C   1 
ATOM   406  O  O   . ARG A 1 56  ? -12.428 -6.979  6.724   1.00 14.69 ? 52  ARG A O   1 
ATOM   407  C  CB  . ARG A 1 56  ? -11.804 -4.020  7.784   1.00 17.97 ? 52  ARG A CB  1 
ATOM   408  C  CG  . ARG A 1 56  ? -12.297 -3.855  9.217   1.00 22.23 ? 52  ARG A CG  1 
ATOM   409  C  CD  . ARG A 1 56  ? -13.126 -2.586  9.386   1.00 24.72 ? 52  ARG A CD  1 
ATOM   410  N  NE  . ARG A 1 56  ? -14.295 -2.615  8.522   1.00 27.57 ? 52  ARG A NE  1 
ATOM   411  C  CZ  . ARG A 1 56  ? -14.460 -1.830  7.464   1.00 29.38 ? 52  ARG A CZ  1 
ATOM   412  N  NH1 . ARG A 1 56  ? -13.528 -0.943  7.136   1.00 31.40 ? 52  ARG A NH1 1 
ATOM   413  N  NH2 . ARG A 1 56  ? -15.555 -1.942  6.730   1.00 32.37 ? 52  ARG A NH2 1 
ATOM   414  N  N   . ASN A 1 57  ? -12.008 -7.011  8.941   1.00 14.65 ? 53  ASN A N   1 
ATOM   415  C  CA  . ASN A 1 57  ? -12.869 -8.164  9.177   1.00 16.12 ? 53  ASN A CA  1 
ATOM   416  C  C   . ASN A 1 57  ? -12.555 -9.332  8.241   1.00 13.36 ? 53  ASN A C   1 
ATOM   417  O  O   . ASN A 1 57  ? -13.441 -10.014 7.698   1.00 15.88 ? 53  ASN A O   1 
ATOM   418  C  CB  . ASN A 1 57  ? -14.331 -7.745  9.038   1.00 19.60 ? 53  ASN A CB  1 
ATOM   419  C  CG  . ASN A 1 57  ? -14.755 -6.742  10.106  1.00 23.83 ? 53  ASN A CG  1 
ATOM   420  O  OD1 . ASN A 1 57  ? -15.700 -5.985  9.901   1.00 31.49 ? 53  ASN A OD1 1 
ATOM   421  N  ND2 . ASN A 1 57  ? -14.073 -6.741  11.242  1.00 23.02 ? 53  ASN A ND2 1 
ATOM   422  N  N   . GLY A 1 58  ? -11.262 -9.567  8.059   1.00 12.55 ? 54  GLY A N   1 
ATOM   423  C  CA  . GLY A 1 58  ? -10.828 -10.706 7.273   1.00 12.70 ? 54  GLY A CA  1 
ATOM   424  C  C   . GLY A 1 58  ? -10.852 -10.654 5.769   1.00 13.33 ? 54  GLY A C   1 
ATOM   425  O  O   . GLY A 1 58  ? -10.573 -11.655 5.131   1.00 13.64 ? 54  GLY A O   1 
ATOM   426  N  N   . LYS A 1 59  ? -11.138 -9.500  5.193   1.00 13.38 ? 55  LYS A N   1 
ATOM   427  C  CA  . LYS A 1 59  ? -11.150 -9.432  3.736   1.00 14.88 ? 55  LYS A CA  1 
ATOM   428  C  C   . LYS A 1 59  ? -10.971 -8.031  3.212   1.00 14.85 ? 55  LYS A C   1 
ATOM   429  O  O   . LYS A 1 59  ? -11.172 -7.038  3.923   1.00 14.99 ? 55  LYS A O   1 
ATOM   430  C  CB  . LYS A 1 59  ? -12.454 -10.010 3.201   1.00 17.69 ? 55  LYS A CB  1 
ATOM   431  C  CG  . LYS A 1 59  ? -13.606 -9.484  3.982   1.00 24.20 ? 55  LYS A CG  1 
ATOM   432  C  CD  . LYS A 1 59  ? -14.258 -8.378  3.312   1.00 30.26 ? 55  LYS A CD  1 
ATOM   433  C  CE  . LYS A 1 59  ? -15.502 -8.917  2.658   1.00 30.06 ? 55  LYS A CE  1 
ATOM   434  N  NZ  . LYS A 1 59  ? -15.080 -9.870  1.609   1.00 34.03 ? 55  LYS A NZ  1 
ATOM   435  N  N   . ASP A 1 60  ? -10.545 -7.961  1.953   1.00 15.19 ? 56  ASP A N   1 
ATOM   436  C  CA  . ASP A 1 60  ? -10.399 -6.677  1.291   1.00 13.93 ? 56  ASP A CA  1 
ATOM   437  C  C   . ASP A 1 60  ? -11.797 -6.050  1.194   1.00 16.12 ? 56  ASP A C   1 
ATOM   438  O  O   . ASP A 1 60  ? -12.781 -6.737  0.899   1.00 17.01 ? 56  ASP A O   1 
ATOM   439  C  CB  . ASP A 1 60  ? -9.856  -6.873  -0.134  1.00 15.20 ? 56  ASP A CB  1 
ATOM   440  C  CG  . ASP A 1 60  ? -8.469  -7.462  -0.169  1.00 18.21 ? 56  ASP A CG  1 
ATOM   441  O  OD1 . ASP A 1 60  ? -7.690  -7.258  0.781   1.00 16.90 ? 56  ASP A OD1 1 
ATOM   442  O  OD2 . ASP A 1 60  ? -8.139  -8.129  -1.177  1.00 22.57 ? 56  ASP A OD2 1 
ATOM   443  N  N   . GLN A 1 61  ? -11.866 -4.748  1.437   1.00 17.23 ? 57  GLN A N   1 
ATOM   444  C  CA  . GLN A 1 61  ? -13.113 -3.987  1.375   1.00 18.54 ? 57  GLN A CA  1 
ATOM   445  C  C   . GLN A 1 61  ? -13.096 -3.196  0.060   1.00 20.66 ? 57  GLN A C   1 
ATOM   446  O  O   . GLN A 1 61  ? -12.674 -2.033  0.023   1.00 19.44 ? 57  GLN A O   1 
ATOM   447  C  CB  . GLN A 1 61  ? -13.194 -3.046  2.587   1.00 18.33 ? 57  GLN A CB  1 
ATOM   448  C  CG  . GLN A 1 61  ? -13.257 -3.767  3.938   1.00 20.92 ? 57  GLN A CG  1 
ATOM   449  C  CD  . GLN A 1 61  ? -14.458 -4.692  4.049   1.00 22.20 ? 57  GLN A CD  1 
ATOM   450  O  OE1 . GLN A 1 61  ? -15.493 -4.452  3.429   1.00 24.49 ? 57  GLN A OE1 1 
ATOM   451  N  NE2 . GLN A 1 61  ? -14.330 -5.755  4.849   1.00 20.42 ? 57  GLN A NE2 1 
ATOM   452  N  N   . ASP A 1 62  ? -13.559 -3.839  -1.013  1.00 25.09 ? 58  ASP A N   1 
ATOM   453  C  CA  . ASP A 1 62  ? -13.573 -3.230  -2.341  1.00 28.11 ? 58  ASP A CA  1 
ATOM   454  C  C   . ASP A 1 62  ? -14.398 -1.959  -2.450  1.00 29.81 ? 58  ASP A C   1 
ATOM   455  O  O   . ASP A 1 62  ? -14.026 -1.040  -3.184  1.00 30.90 ? 58  ASP A O   1 
ATOM   456  C  CB  . ASP A 1 62  ? -14.094 -4.218  -3.391  1.00 30.74 ? 58  ASP A CB  1 
ATOM   457  C  CG  . ASP A 1 62  ? -13.200 -5.433  -3.554  1.00 33.68 ? 58  ASP A CG  1 
ATOM   458  O  OD1 . ASP A 1 62  ? -11.978 -5.330  -3.320  1.00 33.44 ? 58  ASP A OD1 1 
ATOM   459  O  OD2 . ASP A 1 62  ? -13.722 -6.500  -3.942  1.00 36.54 ? 58  ASP A OD2 1 
ATOM   460  N  N   . ALA A 1 63  ? -15.508 -1.905  -1.726  1.00 31.27 ? 59  ALA A N   1 
ATOM   461  C  CA  . ALA A 1 63  ? -16.395 -0.744  -1.781  1.00 33.62 ? 59  ALA A CA  1 
ATOM   462  C  C   . ALA A 1 63  ? -15.839 0.503   -1.125  1.00 35.16 ? 59  ALA A C   1 
ATOM   463  O  O   . ALA A 1 63  ? -16.391 1.588   -1.310  1.00 35.85 ? 59  ALA A O   1 
ATOM   464  C  CB  . ALA A 1 63  ? -17.749 -1.089  -1.156  1.00 33.13 ? 59  ALA A CB  1 
ATOM   465  N  N   . GLU A 1 64  ? -14.742 0.364   -0.383  1.00 34.21 ? 60  GLU A N   1 
ATOM   466  C  CA  . GLU A 1 64  ? -14.159 1.508   0.304   1.00 33.92 ? 60  GLU A CA  1 
ATOM   467  C  C   . GLU A 1 64  ? -12.901 2.128   -0.309  1.00 33.62 ? 60  GLU A C   1 
ATOM   468  O  O   . GLU A 1 64  ? -12.351 3.075   0.250   1.00 34.89 ? 60  GLU A O   1 
ATOM   469  C  CB  . GLU A 1 64  ? -13.912 1.139   1.769   1.00 35.26 ? 60  GLU A CB  1 
ATOM   470  C  CG  . GLU A 1 64  ? -15.193 1.137   2.601   1.00 38.61 ? 60  GLU A CG  1 
ATOM   471  C  CD  . GLU A 1 64  ? -15.197 0.098   3.706   1.00 39.61 ? 60  GLU A CD  1 
ATOM   472  O  OE1 . GLU A 1 64  ? -14.402 0.216   4.662   1.00 42.00 ? 60  GLU A OE1 1 
ATOM   473  O  OE2 . GLU A 1 64  ? -16.010 -0.845  3.615   1.00 41.31 ? 60  GLU A OE2 1 
ATOM   474  N  N   . GLN A 1 65  ? -12.436 1.619   -1.448  1.00 33.30 ? 61  GLN A N   1 
ATOM   475  C  CA  . GLN A 1 65  ? -11.248 2.216   -2.073  1.00 32.99 ? 61  GLN A CA  1 
ATOM   476  C  C   . GLN A 1 65  ? -11.661 3.211   -3.160  1.00 33.28 ? 61  GLN A C   1 
ATOM   477  O  O   . GLN A 1 65  ? -12.783 3.138   -3.688  1.00 34.68 ? 61  GLN A O   1 
ATOM   478  C  CB  . GLN A 1 65  ? -10.325 1.140   -2.674  1.00 33.45 ? 61  GLN A CB  1 
ATOM   479  C  CG  . GLN A 1 65  ? -10.928 0.401   -3.833  1.00 30.99 ? 61  GLN A CG  1 
ATOM   480  C  CD  . GLN A 1 65  ? -10.022 -0.652  -4.474  1.00 29.37 ? 61  GLN A CD  1 
ATOM   481  O  OE1 . GLN A 1 65  ? -10.503 -1.465  -5.248  1.00 31.47 ? 61  GLN A OE1 1 
ATOM   482  N  NE2 . GLN A 1 65  ? -8.728  -0.637  -4.170  1.00 24.13 ? 61  GLN A NE2 1 
ATOM   483  N  N   . ALA A 1 66  ? -10.757 4.138   -3.478  1.00 32.36 ? 62  ALA A N   1 
ATOM   484  C  CA  . ALA A 1 66  ? -10.995 5.161   -4.499  1.00 31.96 ? 62  ALA A CA  1 
ATOM   485  C  C   . ALA A 1 66  ? -11.155 4.532   -5.885  1.00 32.72 ? 62  ALA A C   1 
ATOM   486  O  O   . ALA A 1 66  ? -10.969 3.328   -6.045  1.00 33.06 ? 62  ALA A O   1 
ATOM   487  C  CB  . ALA A 1 66  ? -9.847  6.151   -4.515  1.00 31.45 ? 62  ALA A CB  1 
ATOM   488  N  N   . PRO A 1 67  ? -11.529 5.342   -6.902  1.00 31.37 ? 63  PRO A N   1 
ATOM   489  C  CA  . PRO A 1 67  ? -11.719 4.874   -8.283  1.00 29.41 ? 63  PRO A CA  1 
ATOM   490  C  C   . PRO A 1 67  ? -10.447 4.661   -9.107  1.00 28.22 ? 63  PRO A C   1 
ATOM   491  O  O   . PRO A 1 67  ? -10.385 3.741   -9.918  1.00 28.56 ? 63  PRO A O   1 
ATOM   492  C  CB  . PRO A 1 67  ? -12.592 5.964   -8.906  1.00 30.08 ? 63  PRO A CB  1 
ATOM   493  C  CG  . PRO A 1 67  ? -13.343 6.497   -7.746  1.00 31.68 ? 63  PRO A CG  1 
ATOM   494  C  CD  . PRO A 1 67  ? -12.253 6.608   -6.705  1.00 31.46 ? 63  PRO A CD  1 
ATOM   495  N  N   . GLU A 1 68  ? -9.467  5.539   -8.941  1.00 28.58 ? 64  GLU A N   1 
ATOM   496  C  CA  . GLU A 1 68  ? -8.218  5.411   -9.673  1.00 29.85 ? 64  GLU A CA  1 
ATOM   497  C  C   . GLU A 1 68  ? -7.457  4.146   -9.245  1.00 29.37 ? 64  GLU A C   1 
ATOM   498  O  O   . GLU A 1 68  ? -6.410  3.828   -9.820  1.00 28.42 ? 64  GLU A O   1 
ATOM   499  C  CB  . GLU A 1 68  ? -7.351  6.666   -9.465  1.00 32.06 ? 64  GLU A CB  1 
ATOM   500  C  CG  . GLU A 1 68  ? -7.050  7.018   -8.000  1.00 34.53 ? 64  GLU A CG  1 
ATOM   501  C  CD  . GLU A 1 68  ? -8.180  7.753   -7.293  1.00 36.38 ? 64  GLU A CD  1 
ATOM   502  O  OE1 . GLU A 1 68  ? -9.354  7.602   -7.679  1.00 38.07 ? 64  GLU A OE1 1 
ATOM   503  O  OE2 . GLU A 1 68  ? -7.893  8.481   -6.318  1.00 37.62 ? 64  GLU A OE2 1 
ATOM   504  N  N   A TYR A 1 69  ? -7.965  3.439   -8.235  0.50 28.83 ? 65  TYR A N   1 
ATOM   505  N  N   B TYR A 1 69  ? -8.014  3.424   -8.265  0.50 29.52 ? 65  TYR A N   1 
ATOM   506  C  CA  A TYR A 1 69  ? -7.315  2.217   -7.784  0.50 27.13 ? 65  TYR A CA  1 
ATOM   507  C  CA  B TYR A 1 69  ? -7.423  2.197   -7.715  0.50 28.13 ? 65  TYR A CA  1 
ATOM   508  C  C   A TYR A 1 69  ? -8.213  0.949   -7.826  0.50 27.01 ? 65  TYR A C   1 
ATOM   509  C  C   B TYR A 1 69  ? -8.216  0.927   -7.904  0.50 27.69 ? 65  TYR A C   1 
ATOM   510  O  O   A TYR A 1 69  ? -7.735  -0.140  -7.522  0.50 27.32 ? 65  TYR A O   1 
ATOM   511  O  O   B TYR A 1 69  ? -7.677  -0.173  -7.772  0.50 27.68 ? 65  TYR A O   1 
ATOM   512  C  CB  A TYR A 1 69  ? -6.679  2.441   -6.387  0.50 25.16 ? 65  TYR A CB  1 
ATOM   513  C  CB  B TYR A 1 69  ? -7.218  2.356   -6.215  0.50 27.12 ? 65  TYR A CB  1 
ATOM   514  C  CG  A TYR A 1 69  ? -5.399  3.300   -6.391  0.50 21.12 ? 65  TYR A CG  1 
ATOM   515  C  CG  B TYR A 1 69  ? -6.325  3.497   -5.921  0.50 25.14 ? 65  TYR A CG  1 
ATOM   516  C  CD1 A TYR A 1 69  ? -4.173  2.772   -6.821  0.50 21.57 ? 65  TYR A CD1 1 
ATOM   517  C  CD1 B TYR A 1 69  ? -5.027  3.498   -6.407  0.50 25.03 ? 65  TYR A CD1 1 
ATOM   518  C  CD2 A TYR A 1 69  ? -5.418  4.645   -5.979  0.50 19.63 ? 65  TYR A CD2 1 
ATOM   519  C  CD2 B TYR A 1 69  ? -6.789  4.621   -5.247  0.50 24.37 ? 65  TYR A CD2 1 
ATOM   520  C  CE1 A TYR A 1 69  ? -3.006  3.556   -6.843  0.50 19.33 ? 65  TYR A CE1 1 
ATOM   521  C  CE1 B TYR A 1 69  ? -4.212  4.580   -6.248  0.50 25.34 ? 65  TYR A CE1 1 
ATOM   522  C  CE2 A TYR A 1 69  ? -4.257  5.440   -6.000  0.50 20.48 ? 65  TYR A CE2 1 
ATOM   523  C  CE2 B TYR A 1 69  ? -5.973  5.723   -5.078  0.50 24.02 ? 65  TYR A CE2 1 
ATOM   524  C  CZ  A TYR A 1 69  ? -3.050  4.888   -6.438  0.50 20.05 ? 65  TYR A CZ  1 
ATOM   525  C  CZ  B TYR A 1 69  ? -4.685  5.691   -5.589  0.50 23.92 ? 65  TYR A CZ  1 
ATOM   526  O  OH  A TYR A 1 69  ? -1.900  5.669   -6.511  0.50 17.85 ? 65  TYR A OH  1 
ATOM   527  O  OH  B TYR A 1 69  ? -3.868  6.778   -5.492  0.50 23.64 ? 65  TYR A OH  1 
ATOM   528  N  N   . ARG A 1 70  ? -9.493  1.069   -8.212  1.00 27.51 ? 66  ARG A N   1 
ATOM   529  C  CA  . ARG A 1 70  ? -10.359 -0.102  -8.344  1.00 26.02 ? 66  ARG A CA  1 
ATOM   530  C  C   . ARG A 1 70  ? -9.797  -1.099  -9.365  1.00 25.52 ? 66  ARG A C   1 
ATOM   531  O  O   . ARG A 1 70  ? -9.451  -0.718  -10.483 1.00 26.85 ? 66  ARG A O   1 
ATOM   532  C  CB  . ARG A 1 70  ? -11.788 0.299   -8.733  1.00 28.57 ? 66  ARG A CB  1 
ATOM   533  C  CG  . ARG A 1 70  ? -12.576 0.922   -7.592  1.00 28.44 ? 66  ARG A CG  1 
ATOM   534  C  CD  . ARG A 1 70  ? -13.969 1.340   -8.039  0.00 25.90 ? 66  ARG A CD  1 
ATOM   535  N  NE  . ARG A 1 70  ? -14.670 2.106   -7.011  0.00 24.27 ? 66  ARG A NE  1 
ATOM   536  C  CZ  . ARG A 1 70  ? -14.971 1.641   -5.802  0.00 23.30 ? 66  ARG A CZ  1 
ATOM   537  N  NH1 . ARG A 1 70  ? -14.636 0.404   -5.459  0.00 22.75 ? 66  ARG A NH1 1 
ATOM   538  N  NH2 . ARG A 1 70  ? -15.610 2.415   -4.934  0.00 22.75 ? 66  ARG A NH2 1 
ATOM   539  N  N   . GLY A 1 71  ? -9.714  -2.369  -8.965  1.00 21.85 ? 67  GLY A N   1 
ATOM   540  C  CA  . GLY A 1 71  ? -9.180  -3.430  -9.812  1.00 20.78 ? 67  GLY A CA  1 
ATOM   541  C  C   . GLY A 1 71  ? -7.683  -3.281  -10.101 1.00 20.73 ? 67  GLY A C   1 
ATOM   542  O  O   . GLY A 1 71  ? -7.132  -3.995  -10.951 1.00 21.48 ? 67  GLY A O   1 
ATOM   543  N  N   A ARG A 1 72  ? -7.016  -2.399  -9.369  0.50 20.07 ? 68  ARG A N   1 
ATOM   544  N  N   B ARG A 1 72  ? -7.027  -2.372  -9.382  0.50 19.87 ? 68  ARG A N   1 
ATOM   545  C  CA  A ARG A 1 72  ? -5.602  -2.166  -9.614  0.50 19.54 ? 68  ARG A CA  1 
ATOM   546  C  CA  B ARG A 1 72  ? -5.603  -2.088  -9.588  0.50 19.17 ? 68  ARG A CA  1 
ATOM   547  C  C   A ARG A 1 72  ? -4.733  -2.397  -8.384  0.50 18.00 ? 68  ARG A C   1 
ATOM   548  C  C   B ARG A 1 72  ? -4.721  -2.479  -8.412  0.50 17.95 ? 68  ARG A C   1 
ATOM   549  O  O   A ARG A 1 72  ? -3.549  -2.067  -8.378  0.50 16.36 ? 68  ARG A O   1 
ATOM   550  O  O   B ARG A 1 72  ? -3.501  -2.364  -8.486  0.50 17.44 ? 68  ARG A O   1 
ATOM   551  C  CB  A ARG A 1 72  ? -5.422  -0.738  -10.128 0.50 21.55 ? 68  ARG A CB  1 
ATOM   552  C  CB  B ARG A 1 72  ? -5.386  -0.578  -9.793  0.50 20.01 ? 68  ARG A CB  1 
ATOM   553  C  CG  A ARG A 1 72  ? -4.269  -0.566  -11.077 0.50 20.54 ? 68  ARG A CG  1 
ATOM   554  C  CG  B ARG A 1 72  ? -6.219  0.099   -10.870 0.50 17.48 ? 68  ARG A CG  1 
ATOM   555  C  CD  A ARG A 1 72  ? -4.442  0.677   -11.940 0.50 15.74 ? 68  ARG A CD  1 
ATOM   556  C  CD  B ARG A 1 72  ? -5.637  1.478   -11.154 0.50 16.47 ? 68  ARG A CD  1 
ATOM   557  N  NE  A ARG A 1 72  ? -4.391  1.921   -11.173 0.50 13.59 ? 68  ARG A NE  1 
ATOM   558  N  NE  B ARG A 1 72  ? -4.219  1.378   -11.479 0.50 16.95 ? 68  ARG A NE  1 
ATOM   559  C  CZ  A ARG A 1 72  ? -3.268  2.513   -10.770 0.50 13.21 ? 68  ARG A CZ  1 
ATOM   560  C  CZ  B ARG A 1 72  ? -3.294  2.264   -11.115 0.50 16.27 ? 68  ARG A CZ  1 
ATOM   561  N  NH1 A ARG A 1 72  ? -2.074  1.982   -11.040 0.50 13.06 ? 68  ARG A NH1 1 
ATOM   562  N  NH1 B ARG A 1 72  ? -3.631  3.330   -10.406 0.50 14.39 ? 68  ARG A NH1 1 
ATOM   563  N  NH2 A ARG A 1 72  ? -3.337  3.671   -10.141 0.50 12.70 ? 68  ARG A NH2 1 
ATOM   564  N  NH2 B ARG A 1 72  ? -2.021  2.076   -11.446 0.50 15.94 ? 68  ARG A NH2 1 
ATOM   565  N  N   . THR A 1 73  ? -5.329  -2.941  -7.328  1.00 15.79 ? 69  THR A N   1 
ATOM   566  C  CA  . THR A 1 73  ? -4.571  -3.215  -6.123  1.00 14.13 ? 69  THR A CA  1 
ATOM   567  C  C   . THR A 1 73  ? -4.821  -4.566  -5.496  1.00 15.12 ? 69  THR A C   1 
ATOM   568  O  O   . THR A 1 73  ? -5.882  -5.178  -5.680  1.00 17.03 ? 69  THR A O   1 
ATOM   569  C  CB  . THR A 1 73  ? -4.908  -2.174  -5.035  1.00 16.98 ? 69  THR A CB  1 
ATOM   570  O  OG1 . THR A 1 73  ? -6.272  -2.347  -4.617  1.00 18.81 ? 69  THR A OG1 1 
ATOM   571  C  CG2 . THR A 1 73  ? -4.698  -0.744  -5.547  1.00 17.55 ? 69  THR A CG2 1 
ATOM   572  N  N   . GLU A 1 74  ? -3.824  -5.018  -4.748  1.00 14.16 ? 70  GLU A N   1 
ATOM   573  C  CA  . GLU A 1 74  ? -3.920  -6.254  -3.993  1.00 14.38 ? 70  GLU A CA  1 
ATOM   574  C  C   . GLU A 1 74  ? -3.189  -6.008  -2.702  1.00 14.35 ? 70  GLU A C   1 
ATOM   575  O  O   . GLU A 1 74  ? -2.289  -5.171  -2.649  1.00 15.10 ? 70  GLU A O   1 
ATOM   576  C  CB  . GLU A 1 74  ? -3.219  -7.406  -4.699  1.00 15.14 ? 70  GLU A CB  1 
ATOM   577  C  CG  . GLU A 1 74  ? -3.830  -7.762  -6.048  1.00 18.98 ? 70  GLU A CG  1 
ATOM   578  C  CD  . GLU A 1 74  ? -3.078  -8.884  -6.707  1.00 21.91 ? 70  GLU A CD  1 
ATOM   579  O  OE1 . GLU A 1 74  ? -3.385  -10.073 -6.449  1.00 21.92 ? 70  GLU A OE1 1 
ATOM   580  O  OE2 . GLU A 1 74  ? -2.147  -8.577  -7.483  1.00 24.04 ? 70  GLU A OE2 1 
ATOM   581  N  N   . LEU A 1 75  ? -3.617  -6.691  -1.647  1.00 12.61 ? 71  LEU A N   1 
ATOM   582  C  CA  . LEU A 1 75  ? -2.897  -6.633  -0.374  1.00 13.03 ? 71  LEU A CA  1 
ATOM   583  C  C   . LEU A 1 75  ? -2.415  -8.059  -0.167  1.00 11.90 ? 71  LEU A C   1 
ATOM   584  O  O   . LEU A 1 75  ? -3.220  -8.994  0.003   1.00 11.94 ? 71  LEU A O   1 
ATOM   585  C  CB  . LEU A 1 75  ? -3.794  -6.194  0.786   1.00 12.52 ? 71  LEU A CB  1 
ATOM   586  C  CG  . LEU A 1 75  ? -3.006  -5.957  2.084   1.00 12.98 ? 71  LEU A CG  1 
ATOM   587  C  CD1 . LEU A 1 75  ? -2.120  -4.709  1.947   1.00 14.29 ? 71  LEU A CD1 1 
ATOM   588  C  CD2 . LEU A 1 75  ? -3.950  -5.800  3.256   1.00 14.00 ? 71  LEU A CD2 1 
ATOM   589  N  N   A LEU A 1 76  ? -1.096  -8.228  -0.179  0.50 11.43 ? 72  LEU A N   1 
ATOM   590  N  N   B LEU A 1 76  ? -1.098  -8.233  -0.178  0.50 10.36 ? 72  LEU A N   1 
ATOM   591  C  CA  A LEU A 1 76  ? -0.483  -9.534  -0.006  0.50 12.82 ? 72  LEU A CA  1 
ATOM   592  C  CA  B LEU A 1 76  ? -0.477  -9.543  -0.032  0.50 11.06 ? 72  LEU A CA  1 
ATOM   593  C  C   A LEU A 1 76  ? -0.547  -9.827  1.475   0.50 12.42 ? 72  LEU A C   1 
ATOM   594  C  C   B LEU A 1 76  ? -0.485  -9.876  1.454   0.50 11.23 ? 72  LEU A C   1 
ATOM   595  O  O   A LEU A 1 76  ? 0.089   -9.142  2.274   0.50 13.74 ? 72  LEU A O   1 
ATOM   596  O  O   B LEU A 1 76  ? 0.263   -9.280  2.227   0.50 12.81 ? 72  LEU A O   1 
ATOM   597  C  CB  A LEU A 1 76  ? 0.976   -9.504  -0.477  0.50 14.43 ? 72  LEU A CB  1 
ATOM   598  C  CB  B LEU A 1 76  ? 0.951   -9.479  -0.596  0.50 11.04 ? 72  LEU A CB  1 
ATOM   599  C  CG  A LEU A 1 76  ? 1.229   -9.427  -1.991  0.50 17.06 ? 72  LEU A CG  1 
ATOM   600  C  CG  B LEU A 1 76  ? 1.027   -8.780  -1.977  0.50 9.70  ? 72  LEU A CG  1 
ATOM   601  C  CD1 A LEU A 1 76  ? 0.562   -8.216  -2.576  0.50 18.85 ? 72  LEU A CD1 1 
ATOM   602  C  CD1 B LEU A 1 76  ? 2.430   -8.857  -2.557  0.50 11.61 ? 72  LEU A CD1 1 
ATOM   603  C  CD2 A LEU A 1 76  ? 2.732   -9.399  -2.252  0.50 17.43 ? 72  LEU A CD2 1 
ATOM   604  C  CD2 B LEU A 1 76  ? 0.055   -9.442  -2.947  0.50 10.85 ? 72  LEU A CD2 1 
ATOM   605  N  N   . LYS A 1 77  ? -1.321  -10.851 1.826   1.00 12.23 ? 73  LYS A N   1 
ATOM   606  C  CA  . LYS A 1 77  ? -1.535  -11.233 3.217   1.00 12.75 ? 73  LYS A CA  1 
ATOM   607  C  C   . LYS A 1 77  ? -0.955  -12.536 3.686   1.00 13.82 ? 73  LYS A C   1 
ATOM   608  O  O   . LYS A 1 77  ? -1.222  -12.963 4.823   1.00 13.00 ? 73  LYS A O   1 
ATOM   609  C  CB  . LYS A 1 77  ? -3.044  -11.173 3.476   1.00 11.61 ? 73  LYS A CB  1 
ATOM   610  C  CG  . LYS A 1 77  ? -3.616  -9.770  3.206   1.00 14.76 ? 73  LYS A CG  1 
ATOM   611  C  CD  . LYS A 1 77  ? -5.106  -9.655  3.451   1.00 19.77 ? 73  LYS A CD  1 
ATOM   612  C  CE  . LYS A 1 77  ? -5.919  -10.260 2.345   1.00 14.87 ? 73  LYS A CE  1 
ATOM   613  N  NZ  . LYS A 1 77  ? -5.873  -9.511  1.005   1.00 15.42 ? 73  LYS A NZ  1 
ATOM   614  N  N   . GLU A 1 78  ? -0.126  -13.162 2.864   1.00 13.33 ? 74  GLU A N   1 
ATOM   615  C  CA  . GLU A 1 78  ? 0.500   -14.427 3.272   1.00 15.49 ? 74  GLU A CA  1 
ATOM   616  C  C   . GLU A 1 78  ? 1.215   -14.347 4.620   1.00 15.28 ? 74  GLU A C   1 
ATOM   617  O  O   . GLU A 1 78  ? 1.287   -15.336 5.362   1.00 16.89 ? 74  GLU A O   1 
ATOM   618  C  CB  . GLU A 1 78  ? 1.508   -14.896 2.199   1.00 18.53 ? 74  GLU A CB  1 
ATOM   619  C  CG  . GLU A 1 78  ? 2.493   -15.959 2.690   1.00 23.93 ? 74  GLU A CG  1 
ATOM   620  C  CD  . GLU A 1 78  ? 3.152   -16.763 1.567   1.00 29.39 ? 74  GLU A CD  1 
ATOM   621  O  OE1 . GLU A 1 78  ? 3.208   -16.279 0.415   1.00 30.62 ? 74  GLU A OE1 1 
ATOM   622  O  OE2 . GLU A 1 78  ? 3.623   -17.891 1.850   1.00 33.26 ? 74  GLU A OE2 1 
ATOM   623  N  N   . SER A 1 79  ? 1.782   -13.189 4.937   1.00 13.32 ? 75  SER A N   1 
ATOM   624  C  CA  . SER A 1 79  ? 2.495   -13.022 6.206   1.00 13.13 ? 75  SER A CA  1 
ATOM   625  C  C   . SER A 1 79  ? 1.763   -12.124 7.207   1.00 12.37 ? 75  SER A C   1 
ATOM   626  O  O   . SER A 1 79  ? 2.386   -11.632 8.168   1.00 13.00 ? 75  SER A O   1 
ATOM   627  C  CB  . SER A 1 79  ? 3.870   -12.411 5.940   1.00 13.14 ? 75  SER A CB  1 
ATOM   628  O  OG  . SER A 1 79  ? 4.703   -13.385 5.284   1.00 17.97 ? 75  SER A OG  1 
ATOM   629  N  N   . ILE A 1 80  ? 0.469   -11.914 7.010   1.00 13.49 ? 76  ILE A N   1 
ATOM   630  C  CA  . ILE A 1 80  ? -0.243  -11.025 7.925   1.00 13.64 ? 76  ILE A CA  1 
ATOM   631  C  C   . ILE A 1 80  ? -0.285  -11.582 9.359   1.00 13.35 ? 76  ILE A C   1 
ATOM   632  O  O   . ILE A 1 80  ? -0.410  -10.813 10.317  1.00 13.17 ? 76  ILE A O   1 
ATOM   633  C  CB  . ILE A 1 80  ? -1.643  -10.681 7.383   1.00 11.63 ? 76  ILE A CB  1 
ATOM   634  C  CG1 . ILE A 1 80  ? -2.213  -9.450  8.102   1.00 12.95 ? 76  ILE A CG1 1 
ATOM   635  C  CG2 . ILE A 1 80  ? -2.591  -11.889 7.543   1.00 13.65 ? 76  ILE A CG2 1 
ATOM   636  C  CD1 . ILE A 1 80  ? -3.495  -8.882  7.392   1.00 14.93 ? 76  ILE A CD1 1 
ATOM   637  N  N   . GLY A 1 81  ? -0.145  -12.900 9.502   1.00 13.46 ? 77  GLY A N   1 
ATOM   638  C  CA  . GLY A 1 81  ? -0.140  -13.522 10.830  1.00 12.47 ? 77  GLY A CA  1 
ATOM   639  C  C   . GLY A 1 81  ? 1.128   -13.184 11.590  1.00 13.56 ? 77  GLY A C   1 
ATOM   640  O  O   . GLY A 1 81  ? 1.224   -13.416 12.802  1.00 15.22 ? 77  GLY A O   1 
ATOM   641  N  N   . GLU A 1 82  ? 2.114   -12.635 10.879  1.00 13.56 ? 78  GLU A N   1 
ATOM   642  C  CA  . GLU A 1 82  ? 3.368   -12.207 11.465  1.00 15.07 ? 78  GLU A CA  1 
ATOM   643  C  C   . GLU A 1 82  ? 3.422   -10.670 11.526  1.00 14.42 ? 78  GLU A C   1 
ATOM   644  O  O   . GLU A 1 82  ? 4.455   -10.098 11.906  1.00 16.93 ? 78  GLU A O   1 
ATOM   645  C  CB  . GLU A 1 82  ? 4.564   -12.711 10.639  1.00 20.00 ? 78  GLU A CB  1 
ATOM   646  C  CG  . GLU A 1 82  ? 4.760   -14.227 10.593  1.00 26.91 ? 78  GLU A CG  1 
ATOM   647  C  CD  . GLU A 1 82  ? 5.703   -14.646 9.458   1.00 33.36 ? 78  GLU A CD  1 
ATOM   648  O  OE1 . GLU A 1 82  ? 6.835   -14.116 9.391   1.00 36.45 ? 78  GLU A OE1 1 
ATOM   649  O  OE2 . GLU A 1 82  ? 5.318   -15.505 8.631   1.00 38.28 ? 78  GLU A OE2 1 
ATOM   650  N  N   . GLY A 1 83  ? 2.324   -10.020 11.140  1.00 12.75 ? 79  GLY A N   1 
ATOM   651  C  CA  . GLY A 1 83  ? 2.244   -8.560  11.165  1.00 12.65 ? 79  GLY A CA  1 
ATOM   652  C  C   . GLY A 1 83  ? 2.791   -7.853  9.946   1.00 12.09 ? 79  GLY A C   1 
ATOM   653  O  O   . GLY A 1 83  ? 3.041   -6.664  10.028  1.00 12.93 ? 79  GLY A O   1 
ATOM   654  N  N   . LYS A 1 84  ? 2.922   -8.560  8.832   1.00 12.38 ? 80  LYS A N   1 
ATOM   655  C  CA  . LYS A 1 84  ? 3.495   -7.990  7.622   1.00 11.65 ? 80  LYS A CA  1 
ATOM   656  C  C   . LYS A 1 84  ? 2.528   -8.052  6.471   1.00 12.78 ? 80  LYS A C   1 
ATOM   657  O  O   . LYS A 1 84  ? 1.877   -9.075  6.271   1.00 13.67 ? 80  LYS A O   1 
ATOM   658  C  CB  . LYS A 1 84  ? 4.739   -8.781  7.229   1.00 14.83 ? 80  LYS A CB  1 
ATOM   659  C  CG  . LYS A 1 84  ? 5.823   -8.857  8.274   1.00 16.03 ? 80  LYS A CG  1 
ATOM   660  C  CD  . LYS A 1 84  ? 6.973   -9.695  7.748   1.00 19.47 ? 80  LYS A CD  1 
ATOM   661  C  CE  . LYS A 1 84  ? 8.075   -9.835  8.749   1.00 22.60 ? 80  LYS A CE  1 
ATOM   662  N  NZ  . LYS A 1 84  ? 9.084   -10.779 8.165   1.00 24.77 ? 80  LYS A NZ  1 
ATOM   663  N  N   . VAL A 1 85  ? 2.472   -6.968  5.703   1.00 12.27 ? 81  VAL A N   1 
ATOM   664  C  CA  . VAL A 1 85  ? 1.626   -6.924  4.516   1.00 10.88 ? 81  VAL A CA  1 
ATOM   665  C  C   . VAL A 1 85  ? 2.366   -6.150  3.433   1.00 11.55 ? 81  VAL A C   1 
ATOM   666  O  O   . VAL A 1 85  ? 3.351   -5.463  3.704   1.00 12.11 ? 81  VAL A O   1 
ATOM   667  C  CB  . VAL A 1 85  ? 0.267   -6.208  4.735   1.00 12.08 ? 81  VAL A CB  1 
ATOM   668  C  CG1 . VAL A 1 85  ? -0.506  -6.907  5.837   1.00 13.99 ? 81  VAL A CG1 1 
ATOM   669  C  CG2 . VAL A 1 85  ? 0.471   -4.729  5.002   1.00 12.73 ? 81  VAL A CG2 1 
ATOM   670  N  N   . ALA A 1 86  ? 1.926   -6.310  2.192   1.00 11.01 ? 82  ALA A N   1 
ATOM   671  C  CA  . ALA A 1 86  ? 2.455   -5.482  1.115   1.00 11.62 ? 82  ALA A CA  1 
ATOM   672  C  C   . ALA A 1 86  ? 1.321   -5.118  0.173   1.00 11.89 ? 82  ALA A C   1 
ATOM   673  O  O   . ALA A 1 86  ? 0.475   -5.950  -0.158  1.00 13.48 ? 82  ALA A O   1 
ATOM   674  C  CB  . ALA A 1 86  ? 3.549   -6.204  0.331   1.00 13.74 ? 82  ALA A CB  1 
ATOM   675  N  N   . LEU A 1 87  ? 1.273   -3.849  -0.202  1.00 11.71 ? 83  LEU A N   1 
ATOM   676  C  CA  . LEU A 1 87  ? 0.319   -3.367  -1.185  1.00 11.10 ? 83  LEU A CA  1 
ATOM   677  C  C   . LEU A 1 87  ? 0.927   -3.589  -2.561  1.00 11.96 ? 83  LEU A C   1 
ATOM   678  O  O   . LEU A 1 87  ? 2.068   -3.164  -2.791  1.00 13.75 ? 83  LEU A O   1 
ATOM   679  C  CB  . LEU A 1 87  ? 0.105   -1.855  -0.994  1.00 12.32 ? 83  LEU A CB  1 
ATOM   680  C  CG  . LEU A 1 87  ? -0.612  -1.146  -2.154  1.00 15.13 ? 83  LEU A CG  1 
ATOM   681  C  CD1 . LEU A 1 87  ? -2.076  -1.554  -2.144  1.00 17.43 ? 83  LEU A CD1 1 
ATOM   682  C  CD2 . LEU A 1 87  ? -0.472  0.364   -2.020  1.00 15.47 ? 83  LEU A CD2 1 
ATOM   683  N  N   . ARG A 1 88  ? 0.206   -4.250  -3.464  1.00 11.53 ? 84  ARG A N   1 
ATOM   684  C  CA  . ARG A 1 88  ? 0.695   -4.397  -4.836  1.00 11.79 ? 84  ARG A CA  1 
ATOM   685  C  C   . ARG A 1 88  ? -0.157  -3.499  -5.725  1.00 11.91 ? 84  ARG A C   1 
ATOM   686  O  O   . ARG A 1 88  ? -1.377  -3.605  -5.747  1.00 13.67 ? 84  ARG A O   1 
ATOM   687  C  CB  . ARG A 1 88  ? 0.578   -5.836  -5.318  1.00 12.29 ? 84  ARG A CB  1 
ATOM   688  C  CG  . ARG A 1 88  ? 1.051   -6.001  -6.780  1.00 11.89 ? 84  ARG A CG  1 
ATOM   689  C  CD  . ARG A 1 88  ? 0.918   -7.429  -7.250  1.00 11.83 ? 84  ARG A CD  1 
ATOM   690  N  NE  . ARG A 1 88  ? 1.818   -8.357  -6.584  1.00 13.69 ? 84  ARG A NE  1 
ATOM   691  C  CZ  . ARG A 1 88  ? 1.543   -9.638  -6.327  1.00 15.51 ? 84  ARG A CZ  1 
ATOM   692  N  NH1 . ARG A 1 88  ? 0.363   -10.168 -6.666  1.00 18.84 ? 84  ARG A NH1 1 
ATOM   693  N  NH2 . ARG A 1 88  ? 2.463   -10.390 -5.764  1.00 18.10 ? 84  ARG A NH2 1 
ATOM   694  N  N   . ILE A 1 89  ? 0.500   -2.575  -6.411  1.00 11.56 ? 85  ILE A N   1 
ATOM   695  C  CA  . ILE A 1 89  ? -0.176  -1.689  -7.349  1.00 13.37 ? 85  ILE A CA  1 
ATOM   696  C  C   . ILE A 1 89  ? 0.170   -2.206  -8.734  1.00 13.48 ? 85  ILE A C   1 
ATOM   697  O  O   . ILE A 1 89  ? 1.352   -2.364  -9.086  1.00 14.31 ? 85  ILE A O   1 
ATOM   698  C  CB  . ILE A 1 89  ? 0.326   -0.238  -7.235  1.00 13.00 ? 85  ILE A CB  1 
ATOM   699  C  CG1 . ILE A 1 89  ? 0.136   0.270   -5.812  1.00 15.49 ? 85  ILE A CG1 1 
ATOM   700  C  CG2 . ILE A 1 89  ? -0.415  0.655   -8.226  1.00 15.67 ? 85  ILE A CG2 1 
ATOM   701  C  CD1 . ILE A 1 89  ? 0.894   1.575   -5.515  1.00 18.65 ? 85  ILE A CD1 1 
ATOM   702  N  N   . GLN A 1 90  ? -0.864  -2.480  -9.511  1.00 13.66 ? 86  GLN A N   1 
ATOM   703  C  CA  . GLN A 1 90  ? -0.709  -2.977  -10.870 1.00 15.01 ? 86  GLN A CA  1 
ATOM   704  C  C   . GLN A 1 90  ? -0.701  -1.812  -11.861 1.00 13.27 ? 86  GLN A C   1 
ATOM   705  O  O   . GLN A 1 90  ? -1.302  -0.770  -11.627 1.00 13.00 ? 86  GLN A O   1 
ATOM   706  C  CB  . GLN A 1 90  ? -1.886  -3.912  -11.217 1.00 19.03 ? 86  GLN A CB  1 
ATOM   707  C  CG  . GLN A 1 90  ? -2.087  -5.025  -10.188 1.00 27.61 ? 86  GLN A CG  1 
ATOM   708  C  CD  . GLN A 1 90  ? -3.360  -5.818  -10.417 1.00 30.56 ? 86  GLN A CD  1 
ATOM   709  O  OE1 . GLN A 1 90  ? -4.453  -5.250  -10.523 1.00 33.82 ? 86  GLN A OE1 1 
ATOM   710  N  NE2 . GLN A 1 90  ? -3.227  -7.141  -10.492 1.00 36.20 ? 86  GLN A NE2 1 
ATOM   711  N  N   . ASN A 1 91  ? -0.008  -2.016  -12.967 1.00 13.69 ? 87  ASN A N   1 
ATOM   712  C  CA  . ASN A 1 91  ? 0.036   -1.030  -14.037 1.00 14.99 ? 87  ASN A CA  1 
ATOM   713  C  C   . ASN A 1 91  ? 0.393   0.344   -13.521 1.00 13.89 ? 87  ASN A C   1 
ATOM   714  O  O   . ASN A 1 91  ? -0.326  1.324   -13.708 1.00 15.22 ? 87  ASN A O   1 
ATOM   715  C  CB  . ASN A 1 91  ? -1.306  -0.962  -14.768 1.00 15.73 ? 87  ASN A CB  1 
ATOM   716  C  CG  . ASN A 1 91  ? -1.751  -2.315  -15.290 1.00 15.65 ? 87  ASN A CG  1 
ATOM   717  O  OD1 . ASN A 1 91  ? -0.950  -3.084  -15.823 1.00 18.29 ? 87  ASN A OD1 1 
ATOM   718  N  ND2 . ASN A 1 91  ? -3.038  -2.621  -15.116 1.00 19.21 ? 87  ASN A ND2 1 
ATOM   719  N  N   . VAL A 1 92  ? 1.564   0.407   -12.916 1.00 11.87 ? 88  VAL A N   1 
ATOM   720  C  CA  . VAL A 1 92  ? 2.040   1.651   -12.357 1.00 12.86 ? 88  VAL A CA  1 
ATOM   721  C  C   . VAL A 1 92  ? 2.109   2.745   -13.421 1.00 12.34 ? 88  VAL A C   1 
ATOM   722  O  O   . VAL A 1 92  ? 2.495   2.501   -14.590 1.00 14.01 ? 88  VAL A O   1 
ATOM   723  C  CB  . VAL A 1 92  ? 3.446   1.440   -11.754 1.00 12.50 ? 88  VAL A CB  1 
ATOM   724  C  CG1 . VAL A 1 92  ? 4.086   2.784   -11.433 1.00 13.38 ? 88  VAL A CG1 1 
ATOM   725  C  CG2 . VAL A 1 92  ? 3.337   0.613   -10.466 1.00 14.08 ? 88  VAL A CG2 1 
ATOM   726  N  N   . ARG A 1 93  ? 1.738   3.948   -13.032 1.00 12.94 ? 89  ARG A N   1 
ATOM   727  C  CA  . ARG A 1 93  ? 1.815   5.085   -13.951 1.00 14.88 ? 89  ARG A CA  1 
ATOM   728  C  C   . ARG A 1 93  ? 2.335   6.290   -13.172 1.00 13.94 ? 89  ARG A C   1 
ATOM   729  O  O   . ARG A 1 93  ? 2.470   6.239   -11.957 1.00 12.88 ? 89  ARG A O   1 
ATOM   730  C  CB  . ARG A 1 93  ? 0.441   5.359   -14.556 1.00 17.66 ? 89  ARG A CB  1 
ATOM   731  C  CG  . ARG A 1 93  ? -0.629  5.666   -13.557 1.00 20.33 ? 89  ARG A CG  1 
ATOM   732  C  CD  . ARG A 1 93  ? -1.988  5.685   -14.250 1.00 24.90 ? 89  ARG A CD  1 
ATOM   733  N  NE  . ARG A 1 93  ? -3.071  6.051   -13.339 1.00 30.13 ? 89  ARG A NE  1 
ATOM   734  C  CZ  . ARG A 1 93  ? -4.195  5.353   -13.217 1.00 31.89 ? 89  ARG A CZ  1 
ATOM   735  N  NH1 . ARG A 1 93  ? -4.370  4.255   -13.945 1.00 30.66 ? 89  ARG A NH1 1 
ATOM   736  N  NH2 . ARG A 1 93  ? -5.134  5.750   -12.376 1.00 30.37 ? 89  ARG A NH2 1 
ATOM   737  N  N   . PHE A 1 94  ? 2.646   7.390   -13.849 1.00 13.87 ? 90  PHE A N   1 
ATOM   738  C  CA  . PHE A 1 94  ? 3.186   8.534   -13.128 1.00 13.70 ? 90  PHE A CA  1 
ATOM   739  C  C   . PHE A 1 94  ? 2.309   9.088   -12.018 1.00 13.59 ? 90  PHE A C   1 
ATOM   740  O  O   . PHE A 1 94  ? 2.841   9.599   -11.011 1.00 14.53 ? 90  PHE A O   1 
ATOM   741  C  CB  . PHE A 1 94  ? 3.553   9.672   -14.104 1.00 14.48 ? 90  PHE A CB  1 
ATOM   742  C  CG  . PHE A 1 94  ? 4.894   9.506   -14.772 1.00 14.92 ? 90  PHE A CG  1 
ATOM   743  C  CD1 . PHE A 1 94  ? 6.054   9.210   -14.043 1.00 13.88 ? 90  PHE A CD1 1 
ATOM   744  C  CD2 . PHE A 1 94  ? 5.010   9.698   -16.141 1.00 15.46 ? 90  PHE A CD2 1 
ATOM   745  C  CE1 . PHE A 1 94  ? 7.300   9.110   -14.679 1.00 16.51 ? 90  PHE A CE1 1 
ATOM   746  C  CE2 . PHE A 1 94  ? 6.257   9.599   -16.775 1.00 15.84 ? 90  PHE A CE2 1 
ATOM   747  C  CZ  . PHE A 1 94  ? 7.385   9.306   -16.054 1.00 15.89 ? 90  PHE A CZ  1 
ATOM   748  N  N   . SER A 1 95  ? 0.986   9.033   -12.173 1.00 13.71 ? 91  SER A N   1 
ATOM   749  C  CA  . SER A 1 95  ? 0.141   9.542   -11.093 1.00 16.18 ? 91  SER A CA  1 
ATOM   750  C  C   . SER A 1 95  ? 0.285   8.725   -9.802  1.00 15.33 ? 91  SER A C   1 
ATOM   751  O  O   . SER A 1 95  ? -0.075  9.193   -8.706  1.00 17.72 ? 91  SER A O   1 
ATOM   752  C  CB  . SER A 1 95  ? -1.326  9.585   -11.532 1.00 17.83 ? 91  SER A CB  1 
ATOM   753  O  OG  . SER A 1 95  ? -1.786  8.285   -11.824 1.00 20.84 ? 91  SER A OG  1 
ATOM   754  N  N   . ASP A 1 96  ? 0.827   7.516   -9.912  1.00 13.94 ? 92  ASP A N   1 
ATOM   755  C  CA  . ASP A 1 96  ? 1.054   6.707   -8.712  1.00 12.83 ? 92  ASP A CA  1 
ATOM   756  C  C   . ASP A 1 96  ? 2.312   7.123   -7.958  1.00 14.26 ? 92  ASP A C   1 
ATOM   757  O  O   . ASP A 1 96  ? 2.529   6.717   -6.825  1.00 15.29 ? 92  ASP A O   1 
ATOM   758  C  CB  . ASP A 1 96  ? 1.203   5.223   -9.056  1.00 13.61 ? 92  ASP A CB  1 
ATOM   759  C  CG  . ASP A 1 96  ? -0.039  4.642   -9.679  1.00 13.38 ? 92  ASP A CG  1 
ATOM   760  O  OD1 . ASP A 1 96  ? -1.153  4.931   -9.185  1.00 17.33 ? 92  ASP A OD1 1 
ATOM   761  O  OD2 . ASP A 1 96  ? 0.082   3.867   -10.648 1.00 14.29 ? 92  ASP A OD2 1 
ATOM   762  N  N   . GLU A 1 97  ? 3.173   7.915   -8.580  1.00 13.03 ? 93  GLU A N   1 
ATOM   763  C  CA  . GLU A 1 97  ? 4.404   8.300   -7.938  1.00 13.75 ? 93  GLU A CA  1 
ATOM   764  C  C   . GLU A 1 97  ? 4.161   9.139   -6.692  1.00 12.76 ? 93  GLU A C   1 
ATOM   765  O  O   . GLU A 1 97  ? 3.216   9.928   -6.635  1.00 14.30 ? 93  GLU A O   1 
ATOM   766  C  CB  . GLU A 1 97  ? 5.274   9.103   -8.930  1.00 13.45 ? 93  GLU A CB  1 
ATOM   767  C  CG  . GLU A 1 97  ? 6.696   9.294   -8.438  1.00 14.50 ? 93  GLU A CG  1 
ATOM   768  C  CD  . GLU A 1 97  ? 7.627   9.891   -9.478  1.00 17.20 ? 93  GLU A CD  1 
ATOM   769  O  OE1 . GLU A 1 97  ? 7.160   10.799  -10.203 1.00 20.23 ? 93  GLU A OE1 1 
ATOM   770  O  OE2 . GLU A 1 97  ? 8.796   9.462   -9.556  1.00 16.50 ? 93  GLU A OE2 1 
ATOM   771  N  N   . GLY A 1 98  ? 5.013   8.938   -5.696  1.00 13.07 ? 94  GLY A N   1 
ATOM   772  C  CA  . GLY A 1 98  ? 4.924   9.755   -4.500  1.00 13.17 ? 94  GLY A CA  1 
ATOM   773  C  C   . GLY A 1 98  ? 4.664   9.022   -3.215  1.00 12.69 ? 94  GLY A C   1 
ATOM   774  O  O   . GLY A 1 98  ? 4.989   7.835   -3.069  1.00 13.80 ? 94  GLY A O   1 
ATOM   775  N  N   . GLY A 1 99  ? 4.025   9.737   -2.308  1.00 13.56 ? 95  GLY A N   1 
ATOM   776  C  CA  . GLY A 1 99  ? 3.795   9.206   -0.980  1.00 13.74 ? 95  GLY A CA  1 
ATOM   777  C  C   . GLY A 1 99  ? 2.531   8.404   -0.769  1.00 12.67 ? 95  GLY A C   1 
ATOM   778  O  O   . GLY A 1 99  ? 1.481   8.674   -1.362  1.00 14.19 ? 95  GLY A O   1 
ATOM   779  N  N   . TYR A 1 100 ? 2.666   7.413   0.118   1.00 14.26 ? 96  TYR A N   1 
ATOM   780  C  CA  . TYR A 1 100 ? 1.583   6.541   0.541   1.00 14.16 ? 96  TYR A CA  1 
ATOM   781  C  C   . TYR A 1 100 ? 1.696   6.435   2.041   1.00 15.51 ? 96  TYR A C   1 
ATOM   782  O  O   . TYR A 1 100 ? 2.772   6.616   2.606   1.00 15.75 ? 96  TYR A O   1 
ATOM   783  C  CB  . TYR A 1 100 ? 1.754   5.138   -0.035  1.00 13.52 ? 96  TYR A CB  1 
ATOM   784  C  CG  . TYR A 1 100 ? 1.518   5.075   -1.517  1.00 13.40 ? 96  TYR A CG  1 
ATOM   785  C  CD1 . TYR A 1 100 ? 2.481   5.533   -2.420  1.00 13.32 ? 96  TYR A CD1 1 
ATOM   786  C  CD2 . TYR A 1 100 ? 0.324   4.598   -2.019  1.00 14.28 ? 96  TYR A CD2 1 
ATOM   787  C  CE1 . TYR A 1 100 ? 2.239   5.522   -3.775  1.00 12.56 ? 96  TYR A CE1 1 
ATOM   788  C  CE2 . TYR A 1 100 ? 0.074   4.576   -3.390  1.00 13.79 ? 96  TYR A CE2 1 
ATOM   789  C  CZ  . TYR A 1 100 ? 1.044   5.057   -4.253  1.00 12.52 ? 96  TYR A CZ  1 
ATOM   790  O  OH  . TYR A 1 100 ? 0.774   5.102   -5.602  1.00 14.64 ? 96  TYR A OH  1 
ATOM   791  N  N   . THR A 1 101 ? 0.565   6.177   2.675   1.00 13.97 ? 97  THR A N   1 
ATOM   792  C  CA  . THR A 1 101 ? 0.541   5.962   4.105   1.00 14.00 ? 97  THR A CA  1 
ATOM   793  C  C   . THR A 1 101 ? -0.124  4.599   4.348   1.00 12.80 ? 97  THR A C   1 
ATOM   794  O  O   . THR A 1 101 ? -1.204  4.318   3.831   1.00 14.35 ? 97  THR A O   1 
ATOM   795  C  CB  . THR A 1 101 ? -0.296  7.029   4.854   1.00 15.56 ? 97  THR A CB  1 
ATOM   796  O  OG1 . THR A 1 101 ? 0.311   8.311   4.687   1.00 20.79 ? 97  THR A OG1 1 
ATOM   797  C  CG2 . THR A 1 101 ? -0.380  6.692   6.337   1.00 19.52 ? 97  THR A CG2 1 
ATOM   798  N  N   A CYS A 1 102 ? 0.572   3.739   5.094   0.50 13.63 ? 98  CYS A N   1 
ATOM   799  N  N   B CYS A 1 102 ? 0.558   3.741   5.091   0.50 12.36 ? 98  CYS A N   1 
ATOM   800  C  CA  A CYS A 1 102 ? 0.044   2.433   5.489   0.50 14.82 ? 98  CYS A CA  1 
ATOM   801  C  CA  B CYS A 1 102 ? -0.022  2.462   5.449   0.50 12.62 ? 98  CYS A CA  1 
ATOM   802  C  C   A CYS A 1 102 ? -0.317  2.503   6.967   0.50 14.58 ? 98  CYS A C   1 
ATOM   803  C  C   B CYS A 1 102 ? -0.383  2.580   6.928   0.50 13.18 ? 98  CYS A C   1 
ATOM   804  O  O   A CYS A 1 102 ? 0.436   3.070   7.771   0.50 14.95 ? 98  CYS A O   1 
ATOM   805  O  O   B CYS A 1 102 ? 0.282   3.277   7.686   0.50 14.04 ? 98  CYS A O   1 
ATOM   806  C  CB  A CYS A 1 102 ? 1.077   1.333   5.272   0.50 17.01 ? 98  CYS A CB  1 
ATOM   807  C  CB  B CYS A 1 102 ? 0.989   1.352   5.231   0.50 11.86 ? 98  CYS A CB  1 
ATOM   808  S  SG  A CYS A 1 102 ? 0.857   -0.122  6.356   0.50 20.73 ? 98  CYS A SG  1 
ATOM   809  S  SG  B CYS A 1 102 ? 2.434   1.492   6.318   0.50 9.76  ? 98  CYS A SG  1 
ATOM   810  N  N   . PHE A 1 103 ? -1.460  1.937   7.329   1.00 13.66 ? 99  PHE A N   1 
ATOM   811  C  CA  . PHE A 1 103 ? -1.850  1.962   8.743   1.00 14.37 ? 99  PHE A CA  1 
ATOM   812  C  C   . PHE A 1 103 ? -2.392  0.628   9.174   1.00 14.79 ? 99  PHE A C   1 
ATOM   813  O  O   . PHE A 1 103 ? -2.862  -0.167  8.359   1.00 14.86 ? 99  PHE A O   1 
ATOM   814  C  CB  . PHE A 1 103 ? -2.881  3.061   9.022   1.00 17.18 ? 99  PHE A CB  1 
ATOM   815  C  CG  . PHE A 1 103 ? -4.252  2.758   8.505   1.00 20.41 ? 99  PHE A CG  1 
ATOM   816  C  CD1 . PHE A 1 103 ? -5.175  2.070   9.298   1.00 21.20 ? 99  PHE A CD1 1 
ATOM   817  C  CD2 . PHE A 1 103 ? -4.647  3.199   7.245   1.00 22.98 ? 99  PHE A CD2 1 
ATOM   818  C  CE1 . PHE A 1 103 ? -6.475  1.833   8.843   1.00 23.35 ? 99  PHE A CE1 1 
ATOM   819  C  CE2 . PHE A 1 103 ? -5.955  2.962   6.780   1.00 25.07 ? 99  PHE A CE2 1 
ATOM   820  C  CZ  . PHE A 1 103 ? -6.869  2.274   7.596   1.00 24.31 ? 99  PHE A CZ  1 
ATOM   821  N  N   . PHE A 1 104 ? -2.237  0.365   10.468  1.00 14.42 ? 100 PHE A N   1 
ATOM   822  C  CA  . PHE A 1 104 ? -2.782  -0.830  11.104  1.00 13.80 ? 100 PHE A CA  1 
ATOM   823  C  C   . PHE A 1 104 ? -3.600  -0.322  12.285  1.00 14.96 ? 100 PHE A C   1 
ATOM   824  O  O   . PHE A 1 104 ? -3.100  0.482   13.087  1.00 15.82 ? 100 PHE A O   1 
ATOM   825  C  CB  . PHE A 1 104 ? -1.704  -1.766  11.663  1.00 13.71 ? 100 PHE A CB  1 
ATOM   826  C  CG  . PHE A 1 104 ? -0.949  -2.557  10.622  1.00 13.17 ? 100 PHE A CG  1 
ATOM   827  C  CD1 . PHE A 1 104 ? -0.012  -1.948  9.779   1.00 13.43 ? 100 PHE A CD1 1 
ATOM   828  C  CD2 . PHE A 1 104 ? -1.112  -3.936  10.566  1.00 13.97 ? 100 PHE A CD2 1 
ATOM   829  C  CE1 . PHE A 1 104 ? 0.743   -2.701  8.908   1.00 12.97 ? 100 PHE A CE1 1 
ATOM   830  C  CE2 . PHE A 1 104 ? -0.340  -4.721  9.679   1.00 13.45 ? 100 PHE A CE2 1 
ATOM   831  C  CZ  . PHE A 1 104 ? 0.582   -4.090  8.858   1.00 14.04 ? 100 PHE A CZ  1 
ATOM   832  N  N   . ARG A 1 105 ? -4.837  -0.792  12.386  1.00 13.93 ? 101 ARG A N   1 
ATOM   833  C  CA  . ARG A 1 105 ? -5.683  -0.362  13.481  1.00 16.05 ? 101 ARG A CA  1 
ATOM   834  C  C   . ARG A 1 105 ? -6.216  -1.590  14.207  1.00 15.23 ? 101 ARG A C   1 
ATOM   835  O  O   . ARG A 1 105 ? -6.790  -2.500  13.614  1.00 15.27 ? 101 ARG A O   1 
ATOM   836  C  CB  . ARG A 1 105 ? -6.829  0.491   12.953  1.00 17.17 ? 101 ARG A CB  1 
ATOM   837  C  CG  . ARG A 1 105 ? -7.813  0.909   14.070  1.00 20.98 ? 101 ARG A CG  1 
ATOM   838  C  CD  . ARG A 1 105 ? -8.924  1.808   13.543  1.00 23.98 ? 101 ARG A CD  1 
ATOM   839  N  NE  . ARG A 1 105 ? -9.880  1.110   12.690  1.00 28.58 ? 101 ARG A NE  1 
ATOM   840  C  CZ  . ARG A 1 105 ? -10.887 0.360   13.129  1.00 30.05 ? 101 ARG A CZ  1 
ATOM   841  N  NH1 . ARG A 1 105 ? -11.082 0.197   14.431  1.00 29.13 ? 101 ARG A NH1 1 
ATOM   842  N  NH2 . ARG A 1 105 ? -11.718 -0.213  12.264  1.00 31.96 ? 101 ARG A NH2 1 
ATOM   843  N  N   . ASP A 1 106 ? -5.982  -1.614  15.506  1.00 18.64 ? 102 ASP A N   1 
ATOM   844  C  CA  . ASP A 1 106 ? -6.437  -2.688  16.381  1.00 20.77 ? 102 ASP A CA  1 
ATOM   845  C  C   . ASP A 1 106 ? -7.388  -1.977  17.338  1.00 23.28 ? 102 ASP A C   1 
ATOM   846  O  O   . ASP A 1 106 ? -6.957  -1.358  18.311  1.00 24.39 ? 102 ASP A O   1 
ATOM   847  C  CB  . ASP A 1 106 ? -5.245  -3.266  17.139  1.00 22.46 ? 102 ASP A CB  1 
ATOM   848  C  CG  . ASP A 1 106 ? -5.615  -4.445  17.999  1.00 26.47 ? 102 ASP A CG  1 
ATOM   849  O  OD1 . ASP A 1 106 ? -6.796  -4.842  17.966  1.00 28.63 ? 102 ASP A OD1 1 
ATOM   850  O  OD2 . ASP A 1 106 ? -4.723  -4.965  18.707  1.00 28.31 ? 102 ASP A OD2 1 
ATOM   851  N  N   . HIS A 1 107 ? -8.671  -2.007  17.013  1.00 26.41 ? 103 HIS A N   1 
ATOM   852  C  CA  . HIS A 1 107 ? -9.686  -1.362  17.832  1.00 30.20 ? 103 HIS A CA  1 
ATOM   853  C  C   . HIS A 1 107 ? -9.513  0.151   17.824  1.00 31.52 ? 103 HIS A C   1 
ATOM   854  O  O   . HIS A 1 107 ? -9.633  0.792   16.778  1.00 33.12 ? 103 HIS A O   1 
ATOM   855  C  CB  . HIS A 1 107 ? -9.624  -1.920  19.255  1.00 32.82 ? 103 HIS A CB  1 
ATOM   856  C  CG  . HIS A 1 107 ? -9.999  -3.367  19.346  1.00 35.17 ? 103 HIS A CG  1 
ATOM   857  N  ND1 . HIS A 1 107 ? -11.300 -3.792  19.503  1.00 38.72 ? 103 HIS A ND1 1 
ATOM   858  C  CD2 . HIS A 1 107 ? -9.246  -4.489  19.262  1.00 37.16 ? 103 HIS A CD2 1 
ATOM   859  C  CE1 . HIS A 1 107 ? -11.333 -5.113  19.517  1.00 38.42 ? 103 HIS A CE1 1 
ATOM   860  N  NE2 . HIS A 1 107 ? -10.098 -5.562  19.371  1.00 40.17 ? 103 HIS A NE2 1 
ATOM   861  N  N   . SER A 1 108 ? -9.225  0.739   18.975  1.00 32.93 ? 104 SER A N   1 
ATOM   862  C  CA  . SER A 1 108 ? -9.078  2.184   19.023  1.00 33.58 ? 104 SER A CA  1 
ATOM   863  C  C   . SER A 1 108 ? -7.642  2.631   18.813  1.00 33.25 ? 104 SER A C   1 
ATOM   864  O  O   . SER A 1 108 ? -7.368  3.832   18.747  1.00 34.58 ? 104 SER A O   1 
ATOM   865  C  CB  . SER A 1 108 ? -9.584  2.718   20.369  1.00 34.74 ? 104 SER A CB  1 
ATOM   866  O  OG  . SER A 1 108 ? -8.841  2.140   21.427  1.00 37.75 ? 104 SER A OG  1 
ATOM   867  N  N   . TYR A 1 109 ? -6.732  1.668   18.701  1.00 29.36 ? 105 TYR A N   1 
ATOM   868  C  CA  . TYR A 1 109 ? -5.325  1.976   18.520  1.00 26.13 ? 105 TYR A CA  1 
ATOM   869  C  C   . TYR A 1 109 ? -4.900  1.881   17.062  1.00 25.92 ? 105 TYR A C   1 
ATOM   870  O  O   . TYR A 1 109 ? -5.146  0.875   16.399  1.00 24.53 ? 105 TYR A O   1 
ATOM   871  C  CB  . TYR A 1 109 ? -4.475  1.026   19.345  1.00 27.59 ? 105 TYR A CB  1 
ATOM   872  C  CG  . TYR A 1 109 ? -3.031  1.400   19.329  1.00 28.15 ? 105 TYR A CG  1 
ATOM   873  C  CD1 . TYR A 1 109 ? -2.561  2.472   20.088  1.00 30.46 ? 105 TYR A CD1 1 
ATOM   874  C  CD2 . TYR A 1 109 ? -2.123  0.704   18.535  1.00 29.49 ? 105 TYR A CD2 1 
ATOM   875  C  CE1 . TYR A 1 109 ? -1.217  2.836   20.057  1.00 32.06 ? 105 TYR A CE1 1 
ATOM   876  C  CE2 . TYR A 1 109 ? -0.785  1.059   18.499  1.00 29.62 ? 105 TYR A CE2 1 
ATOM   877  C  CZ  . TYR A 1 109 ? -0.337  2.119   19.261  1.00 30.53 ? 105 TYR A CZ  1 
ATOM   878  O  OH  . TYR A 1 109 ? 0.990   2.440   19.254  1.00 30.74 ? 105 TYR A OH  1 
ATOM   879  N  N   . GLN A 1 110 ? -4.249  2.920   16.573  1.00 23.27 ? 106 GLN A N   1 
ATOM   880  C  CA  . GLN A 1 110 ? -3.811  2.934   15.186  1.00 23.59 ? 106 GLN A CA  1 
ATOM   881  C  C   . GLN A 1 110 ? -2.439  3.564   15.066  1.00 23.43 ? 106 GLN A C   1 
ATOM   882  O  O   . GLN A 1 110 ? -2.125  4.536   15.753  1.00 23.71 ? 106 GLN A O   1 
ATOM   883  C  CB  . GLN A 1 110 ? -4.798  3.731   14.331  1.00 24.40 ? 106 GLN A CB  1 
ATOM   884  C  CG  . GLN A 1 110 ? -4.475  3.727   12.827  1.00 27.01 ? 106 GLN A CG  1 
ATOM   885  C  CD  . GLN A 1 110 ? -5.547  4.389   11.994  1.00 26.85 ? 106 GLN A CD  1 
ATOM   886  O  OE1 . GLN A 1 110 ? -6.727  4.035   12.071  1.00 30.67 ? 106 GLN A OE1 1 
ATOM   887  N  NE2 . GLN A 1 110 ? -5.146  5.349   11.178  1.00 30.64 ? 106 GLN A NE2 1 
ATOM   888  N  N   . GLU A 1 111 ? -1.604  2.993   14.210  1.00 18.96 ? 107 GLU A N   1 
ATOM   889  C  CA  . GLU A 1 111 ? -0.287  3.561   13.956  1.00 18.59 ? 107 GLU A CA  1 
ATOM   890  C  C   . GLU A 1 111 ? -0.096  3.514   12.444  1.00 16.41 ? 107 GLU A C   1 
ATOM   891  O  O   . GLU A 1 111 ? -0.795  2.773   11.726  1.00 16.68 ? 107 GLU A O   1 
ATOM   892  C  CB  . GLU A 1 111 ? 0.826   2.812   14.672  1.00 20.06 ? 107 GLU A CB  1 
ATOM   893  C  CG  . GLU A 1 111 ? 1.554   3.637   15.765  1.00 26.92 ? 107 GLU A CG  1 
ATOM   894  C  CD  . GLU A 1 111 ? 1.833   5.099   15.386  1.00 29.20 ? 107 GLU A CD  1 
ATOM   895  O  OE1 . GLU A 1 111 ? 2.216   5.411   14.228  1.00 28.78 ? 107 GLU A OE1 1 
ATOM   896  O  OE2 . GLU A 1 111 ? 1.677   5.968   16.270  1.00 33.77 ? 107 GLU A OE2 1 
ATOM   897  N  N   . GLU A 1 112 ? 0.851   4.306   11.954  1.00 16.77 ? 108 GLU A N   1 
ATOM   898  C  CA  . GLU A 1 112 ? 1.048   4.405   10.508  1.00 15.29 ? 108 GLU A CA  1 
ATOM   899  C  C   . GLU A 1 112 ? 2.483   4.649   10.118  1.00 15.11 ? 108 GLU A C   1 
ATOM   900  O  O   . GLU A 1 112 ? 3.323   4.983   10.950  1.00 16.36 ? 108 GLU A O   1 
ATOM   901  C  CB  . GLU A 1 112 ? 0.198   5.563   9.970   1.00 19.07 ? 108 GLU A CB  1 
ATOM   902  C  CG  . GLU A 1 112 ? 0.722   6.942   10.358  1.00 23.46 ? 108 GLU A CG  1 
ATOM   903  C  CD  . GLU A 1 112 ? -0.179  8.054   9.852   1.00 26.43 ? 108 GLU A CD  1 
ATOM   904  O  OE1 . GLU A 1 112 ? 0.348   9.101   9.415   1.00 28.91 ? 108 GLU A OE1 1 
ATOM   905  O  OE2 . GLU A 1 112 ? -1.415  7.870   9.897   1.00 30.76 ? 108 GLU A OE2 1 
ATOM   906  N  N   . ALA A 1 113 ? 2.763   4.482   8.825   1.00 13.33 ? 109 ALA A N   1 
ATOM   907  C  CA  . ALA A 1 113 ? 4.084   4.767   8.293   1.00 14.18 ? 109 ALA A CA  1 
ATOM   908  C  C   . ALA A 1 113 ? 3.948   5.288   6.887   1.00 14.50 ? 109 ALA A C   1 
ATOM   909  O  O   . ALA A 1 113 ? 2.958   5.045   6.188   1.00 15.03 ? 109 ALA A O   1 
ATOM   910  C  CB  . ALA A 1 113 ? 4.969   3.550   8.291   1.00 15.96 ? 109 ALA A CB  1 
ATOM   911  N  N   . ALA A 1 114 ? 4.964   6.036   6.492   1.00 15.78 ? 110 ALA A N   1 
ATOM   912  C  CA  . ALA A 1 114 ? 5.033   6.634   5.180   1.00 15.30 ? 110 ALA A CA  1 
ATOM   913  C  C   . ALA A 1 114 ? 5.918   5.784   4.283   1.00 15.25 ? 110 ALA A C   1 
ATOM   914  O  O   . ALA A 1 114 ? 6.973   5.297   4.697   1.00 17.59 ? 110 ALA A O   1 
ATOM   915  C  CB  . ALA A 1 114 ? 5.603   8.053   5.311   1.00 17.31 ? 110 ALA A CB  1 
ATOM   916  N  N   . VAL A 1 115 ? 5.461   5.599   3.043   1.00 14.00 ? 111 VAL A N   1 
ATOM   917  C  CA  . VAL A 1 115 ? 6.190   4.826   2.060   1.00 14.54 ? 111 VAL A CA  1 
ATOM   918  C  C   . VAL A 1 115 ? 6.177   5.607   0.760   1.00 15.00 ? 111 VAL A C   1 
ATOM   919  O  O   . VAL A 1 115 ? 5.154   6.168   0.401   1.00 17.17 ? 111 VAL A O   1 
ATOM   920  C  CB  . VAL A 1 115 ? 5.537   3.455   1.813   1.00 15.26 ? 111 VAL A CB  1 
ATOM   921  C  CG1 . VAL A 1 115 ? 6.425   2.643   0.914   1.00 15.38 ? 111 VAL A CG1 1 
ATOM   922  C  CG2 . VAL A 1 115 ? 5.275   2.730   3.157   1.00 16.24 ? 111 VAL A CG2 1 
ATOM   923  N  N   . GLU A 1 116 ? 7.313   5.631   0.074   1.00 13.04 ? 112 GLU A N   1 
ATOM   924  C  CA  . GLU A 1 116 ? 7.433   6.366   -1.179  1.00 14.37 ? 112 GLU A CA  1 
ATOM   925  C  C   . GLU A 1 116 ? 7.652   5.455   -2.384  1.00 13.70 ? 112 GLU A C   1 
ATOM   926  O  O   . GLU A 1 116 ? 8.403   4.469   -2.318  1.00 14.06 ? 112 GLU A O   1 
ATOM   927  C  CB  . GLU A 1 116 ? 8.613   7.349   -1.093  1.00 15.68 ? 112 GLU A CB  1 
ATOM   928  C  CG  . GLU A 1 116 ? 8.803   8.160   -2.402  1.00 21.39 ? 112 GLU A CG  1 
ATOM   929  C  CD  . GLU A 1 116 ? 10.014  9.085   -2.390  1.00 26.15 ? 112 GLU A CD  1 
ATOM   930  O  OE1 . GLU A 1 116 ? 10.767  9.096   -1.389  1.00 29.02 ? 112 GLU A OE1 1 
ATOM   931  O  OE2 . GLU A 1 116 ? 10.211  9.809   -3.393  1.00 26.04 ? 112 GLU A OE2 1 
ATOM   932  N  N   . LEU A 1 117 ? 7.000   5.812   -3.482  1.00 12.33 ? 113 LEU A N   1 
ATOM   933  C  CA  . LEU A 1 117 ? 7.144   5.097   -4.756  1.00 12.63 ? 113 LEU A CA  1 
ATOM   934  C  C   . LEU A 1 117 ? 7.740   6.067   -5.778  1.00 12.50 ? 113 LEU A C   1 
ATOM   935  O  O   . LEU A 1 117 ? 7.214   7.169   -5.926  1.00 13.67 ? 113 LEU A O   1 
ATOM   936  C  CB  . LEU A 1 117 ? 5.774   4.611   -5.276  1.00 13.30 ? 113 LEU A CB  1 
ATOM   937  C  CG  . LEU A 1 117 ? 5.781   3.913   -6.645  1.00 13.01 ? 113 LEU A CG  1 
ATOM   938  C  CD1 . LEU A 1 117 ? 6.687   2.698   -6.597  1.00 15.46 ? 113 LEU A CD1 1 
ATOM   939  C  CD2 . LEU A 1 117 ? 4.384   3.549   -7.066  1.00 15.74 ? 113 LEU A CD2 1 
ATOM   940  N  N   . LYS A 1 118 ? 8.813   5.655   -6.442  1.00 12.25 ? 114 LYS A N   1 
ATOM   941  C  CA  . LYS A 1 118 ? 9.487   6.452   -7.498  1.00 12.22 ? 114 LYS A CA  1 
ATOM   942  C  C   . LYS A 1 118 ? 9.148   5.752   -8.787  1.00 15.53 ? 114 LYS A C   1 
ATOM   943  O  O   . LYS A 1 118 ? 9.179   4.519   -8.842  1.00 16.59 ? 114 LYS A O   1 
ATOM   944  C  CB  . LYS A 1 118 ? 10.999  6.474   -7.246  1.00 14.81 ? 114 LYS A CB  1 
ATOM   945  C  CG  . LYS A 1 118 ? 11.340  7.375   -6.061  1.00 17.69 ? 114 LYS A CG  1 
ATOM   946  C  CD  . LYS A 1 118 ? 12.830  7.495   -5.754  1.00 22.69 ? 114 LYS A CD  1 
ATOM   947  C  CE  . LYS A 1 118 ? 13.077  8.712   -4.855  1.00 25.95 ? 114 LYS A CE  1 
ATOM   948  N  NZ  . LYS A 1 118 ? 12.767  10.020  -5.500  1.00 31.33 ? 114 LYS A NZ  1 
ATOM   949  N  N   . VAL A 1 119 ? 8.812   6.520   -9.821  1.00 13.04 ? 115 VAL A N   1 
ATOM   950  C  CA  . VAL A 1 119 ? 8.373   5.946   -11.112 1.00 13.90 ? 115 VAL A CA  1 
ATOM   951  C  C   . VAL A 1 119 ? 9.206   6.451   -12.296 1.00 13.79 ? 115 VAL A C   1 
ATOM   952  O  O   . VAL A 1 119 ? 9.426   7.650   -12.434 1.00 15.67 ? 115 VAL A O   1 
ATOM   953  C  CB  . VAL A 1 119 ? 6.892   6.298   -11.354 1.00 12.89 ? 115 VAL A CB  1 
ATOM   954  C  CG1 . VAL A 1 119 ? 6.434   5.784   -12.711 1.00 14.57 ? 115 VAL A CG1 1 
ATOM   955  C  CG2 . VAL A 1 119 ? 6.007   5.691   -10.233 1.00 12.82 ? 115 VAL A CG2 1 
ATOM   956  N  N   . GLU A 1 120 ? 9.664   5.522   -13.130 1.00 12.98 ? 116 GLU A N   1 
ATOM   957  C  CA  . GLU A 1 120 ? 10.468  5.842   -14.313 1.00 12.95 ? 116 GLU A CA  1 
ATOM   958  C  C   . GLU A 1 120 ? 9.715   5.303   -15.527 1.00 13.72 ? 116 GLU A C   1 
ATOM   959  O  O   . GLU A 1 120 ? 9.180   4.193   -15.461 1.00 13.99 ? 116 GLU A O   1 
ATOM   960  C  CB  . GLU A 1 120 ? 11.866  5.177   -14.221 1.00 14.83 ? 116 GLU A CB  1 
ATOM   961  C  CG  . GLU A 1 120 ? 12.591  5.033   -15.569 1.00 15.34 ? 116 GLU A CG  1 
ATOM   962  C  CD  . GLU A 1 120 ? 13.927  4.304   -15.462 1.00 20.01 ? 116 GLU A CD  1 
ATOM   963  O  OE1 . GLU A 1 120 ? 14.291  3.784   -14.376 1.00 21.72 ? 116 GLU A OE1 1 
ATOM   964  O  OE2 . GLU A 1 120 ? 14.622  4.259   -16.500 1.00 22.92 ? 116 GLU A OE2 1 
ATOM   965  N  N   . ASP A 1 121 ? 9.632   6.094   -16.598 1.00 12.05 ? 117 ASP A N   1 
ATOM   966  C  CA  . ASP A 1 121 ? 8.963   5.641   -17.833 1.00 12.74 ? 117 ASP A CA  1 
ATOM   967  C  C   . ASP A 1 121 ? 10.029  5.133   -18.806 1.00 14.39 ? 117 ASP A C   1 
ATOM   968  O  O   . ASP A 1 121 ? 10.766  5.915   -19.392 1.00 15.15 ? 117 ASP A O   1 
ATOM   969  C  CB  . ASP A 1 121 ? 8.193   6.805   -18.473 1.00 13.14 ? 117 ASP A CB  1 
ATOM   970  C  CG  . ASP A 1 121 ? 7.314   6.354   -19.615 1.00 14.90 ? 117 ASP A CG  1 
ATOM   971  O  OD1 . ASP A 1 121 ? 7.521   5.235   -20.094 1.00 15.92 ? 117 ASP A OD1 1 
ATOM   972  O  OD2 . ASP A 1 121 ? 6.411   7.104   -20.037 1.00 13.96 ? 117 ASP A OD2 1 
ATOM   973  N  N   . PRO A 1 122 ? 10.108  3.809   -19.003 1.00 14.57 ? 118 PRO A N   1 
ATOM   974  C  CA  . PRO A 1 122 ? 11.098  3.225   -19.911 1.00 15.83 ? 118 PRO A CA  1 
ATOM   975  C  C   . PRO A 1 122 ? 10.816  3.519   -21.382 1.00 15.66 ? 118 PRO A C   1 
ATOM   976  O  O   . PRO A 1 122 ? 11.665  3.304   -22.246 1.00 17.38 ? 118 PRO A O   1 
ATOM   977  C  CB  . PRO A 1 122 ? 10.999  1.738   -19.592 1.00 15.11 ? 118 PRO A CB  1 
ATOM   978  C  CG  . PRO A 1 122 ? 9.567   1.548   -19.320 1.00 17.41 ? 118 PRO A CG  1 
ATOM   979  C  CD  . PRO A 1 122 ? 9.198   2.778   -18.474 1.00 15.30 ? 118 PRO A CD  1 
ATOM   980  N  N   . PHE A 1 123 ? 9.626   4.031   -21.667 1.00 14.19 ? 119 PHE A N   1 
ATOM   981  C  CA  . PHE A 1 123 ? 9.241   4.376   -23.033 1.00 13.63 ? 119 PHE A CA  1 
ATOM   982  C  C   . PHE A 1 123 ? 8.958   5.859   -23.135 1.00 14.50 ? 119 PHE A C   1 
ATOM   983  O  O   . PHE A 1 123 ? 8.041   6.287   -23.827 1.00 13.59 ? 119 PHE A O   1 
ATOM   984  C  CB  . PHE A 1 123 ? 8.034   3.559   -23.458 1.00 14.30 ? 119 PHE A CB  1 
ATOM   985  C  CG  . PHE A 1 123 ? 8.398   2.157   -23.841 1.00 15.04 ? 119 PHE A CG  1 
ATOM   986  C  CD1 . PHE A 1 123 ? 9.064   1.909   -25.035 1.00 15.27 ? 119 PHE A CD1 1 
ATOM   987  C  CD2 . PHE A 1 123 ? 8.058   1.104   -23.040 1.00 14.53 ? 119 PHE A CD2 1 
ATOM   988  C  CE1 . PHE A 1 123 ? 9.382   0.628   -25.424 1.00 14.51 ? 119 PHE A CE1 1 
ATOM   989  C  CE2 . PHE A 1 123 ? 8.367   -0.203  -23.408 1.00 12.59 ? 119 PHE A CE2 1 
ATOM   990  C  CZ  . PHE A 1 123 ? 9.027   -0.449  -24.600 1.00 15.37 ? 119 PHE A CZ  1 
ATOM   991  N  N   . TYR A 1 124 ? 9.783   6.638   -22.456 1.00 12.83 ? 120 TYR A N   1 
ATOM   992  C  CA  . TYR A 1 124 ? 9.615   8.080   -22.424 1.00 13.38 ? 120 TYR A CA  1 
ATOM   993  C  C   . TYR A 1 124 ? 9.626   8.734   -23.791 1.00 15.11 ? 120 TYR A C   1 
ATOM   994  O  O   . TYR A 1 124 ? 9.063   9.807   -23.968 1.00 15.48 ? 120 TYR A O   1 
ATOM   995  C  CB  . TYR A 1 124 ? 10.717  8.698   -21.544 1.00 13.71 ? 120 TYR A CB  1 
ATOM   996  C  CG  . TYR A 1 124 ? 12.135  8.438   -22.023 1.00 13.29 ? 120 TYR A CG  1 
ATOM   997  C  CD1 . TYR A 1 124 ? 12.725  9.253   -22.987 1.00 14.14 ? 120 TYR A CD1 1 
ATOM   998  C  CD2 . TYR A 1 124 ? 12.866  7.363   -21.527 1.00 15.56 ? 120 TYR A CD2 1 
ATOM   999  C  CE1 . TYR A 1 124 ? 14.016  8.996   -23.449 1.00 15.74 ? 120 TYR A CE1 1 
ATOM   1000 C  CE2 . TYR A 1 124 ? 14.157  7.111   -21.973 1.00 14.61 ? 120 TYR A CE2 1 
ATOM   1001 C  CZ  . TYR A 1 124 ? 14.716  7.929   -22.932 1.00 18.67 ? 120 TYR A CZ  1 
ATOM   1002 O  OH  . TYR A 1 124 ? 15.996  7.688   -23.385 1.00 21.54 ? 120 TYR A OH  1 
ATOM   1003 N  N   . TRP A 1 125 ? 10.241  8.043   -24.750 1.00 13.72 ? 121 TRP A N   1 
ATOM   1004 C  CA  . TRP A 1 125 ? 10.423  8.530   -26.105 1.00 15.31 ? 121 TRP A CA  1 
ATOM   1005 C  C   . TRP A 1 125 ? 9.307   8.260   -27.106 1.00 16.04 ? 121 TRP A C   1 
ATOM   1006 O  O   . TRP A 1 125 ? 9.402   8.705   -28.256 1.00 17.89 ? 121 TRP A O   1 
ATOM   1007 C  CB  . TRP A 1 125 ? 11.738  7.955   -26.658 1.00 16.70 ? 121 TRP A CB  1 
ATOM   1008 C  CG  . TRP A 1 125 ? 11.910  6.448   -26.418 1.00 17.98 ? 121 TRP A CG  1 
ATOM   1009 C  CD1 . TRP A 1 125 ? 12.451  5.840   -25.312 1.00 18.99 ? 121 TRP A CD1 1 
ATOM   1010 C  CD2 . TRP A 1 125 ? 11.513  5.383   -27.300 1.00 20.99 ? 121 TRP A CD2 1 
ATOM   1011 N  NE1 . TRP A 1 125 ? 12.413  4.461   -25.456 1.00 22.82 ? 121 TRP A NE1 1 
ATOM   1012 C  CE2 . TRP A 1 125 ? 11.842  4.163   -26.665 1.00 21.34 ? 121 TRP A CE2 1 
ATOM   1013 C  CE3 . TRP A 1 125 ? 10.910  5.347   -28.562 1.00 23.51 ? 121 TRP A CE3 1 
ATOM   1014 C  CZ2 . TRP A 1 125 ? 11.590  2.918   -27.257 1.00 24.37 ? 121 TRP A CZ2 1 
ATOM   1015 C  CZ3 . TRP A 1 125 ? 10.660  4.102   -29.151 1.00 25.39 ? 121 TRP A CZ3 1 
ATOM   1016 C  CH2 . TRP A 1 125 ? 10.999  2.917   -28.498 1.00 23.52 ? 121 TRP A CH2 1 
ATOM   1017 N  N   . ILE A 1 126 ? 8.244   7.572   -26.704 1.00 13.53 ? 122 ILE A N   1 
ATOM   1018 C  CA  . ILE A 1 126 ? 7.188   7.288   -27.684 1.00 13.40 ? 122 ILE A CA  1 
ATOM   1019 C  C   . ILE A 1 126 ? 6.157   8.393   -27.798 1.00 14.45 ? 122 ILE A C   1 
ATOM   1020 O  O   . ILE A 1 126 ? 5.999   9.234   -26.890 1.00 14.69 ? 122 ILE A O   1 
ATOM   1021 C  CB  . ILE A 1 126 ? 6.452   5.960   -27.403 1.00 14.27 ? 122 ILE A CB  1 
ATOM   1022 C  CG1 . ILE A 1 126 ? 5.596   6.081   -26.146 1.00 13.87 ? 122 ILE A CG1 1 
ATOM   1023 C  CG2 . ILE A 1 126 ? 7.456   4.831   -27.330 1.00 17.17 ? 122 ILE A CG2 1 
ATOM   1024 C  CD1 . ILE A 1 126 ? 4.738   4.817   -25.881 1.00 16.05 ? 122 ILE A CD1 1 
ATOM   1025 N  N   . ASN A 1 127 ? 5.481   8.412   -28.939 1.00 13.34 ? 123 ASN A N   1 
ATOM   1026 C  CA  . ASN A 1 127 ? 4.421   9.386   -29.224 1.00 14.27 ? 123 ASN A CA  1 
ATOM   1027 C  C   . ASN A 1 127 ? 4.775   10.848  -28.966 1.00 14.12 ? 123 ASN A C   1 
ATOM   1028 O  O   . ASN A 1 127 ? 4.032   11.576  -28.312 1.00 13.86 ? 123 ASN A O   1 
ATOM   1029 C  CB  . ASN A 1 127 ? 3.158   9.004   -28.445 1.00 13.43 ? 123 ASN A CB  1 
ATOM   1030 C  CG  . ASN A 1 127 ? 2.639   7.654   -28.865 1.00 13.05 ? 123 ASN A CG  1 
ATOM   1031 O  OD1 . ASN A 1 127 ? 2.375   7.441   -30.048 1.00 15.14 ? 123 ASN A OD1 1 
ATOM   1032 N  ND2 . ASN A 1 127 ? 2.516   6.727   -27.916 1.00 13.19 ? 123 ASN A ND2 1 
ATOM   1033 N  N   . PRO A 1 128 ? 5.908   11.296  -29.503 1.00 14.70 ? 124 PRO A N   1 
ATOM   1034 C  CA  . PRO A 1 128 ? 6.304   12.693  -29.307 1.00 16.32 ? 124 PRO A CA  1 
ATOM   1035 C  C   . PRO A 1 128 ? 5.524   13.572  -30.273 1.00 20.47 ? 124 PRO A C   1 
ATOM   1036 O  O   . PRO A 1 128 ? 4.835   13.091  -31.195 1.00 20.31 ? 124 PRO A O   1 
ATOM   1037 C  CB  . PRO A 1 128 ? 7.798   12.678  -29.671 1.00 17.15 ? 124 PRO A CB  1 
ATOM   1038 C  CG  . PRO A 1 128 ? 8.191   11.197  -29.564 1.00 25.40 ? 124 PRO A CG  1 
ATOM   1039 C  CD  . PRO A 1 128 ? 6.992   10.524  -30.131 1.00 16.23 ? 124 PRO A CD  1 
ATOM   1040 N  N   . GLY A 1 129 ? 5.600   14.870  -30.025 1.00 22.90 ? 125 GLY A N   1 
ATOM   1041 C  CA  . GLY A 1 129 ? 5.014   15.831  -30.946 1.00 26.73 ? 125 GLY A CA  1 
ATOM   1042 C  C   . GLY A 1 129 ? 3.532   16.083  -31.020 1.00 29.28 ? 125 GLY A C   1 
ATOM   1043 O  O   . GLY A 1 129 ? 3.077   16.779  -31.936 1.00 32.06 ? 125 GLY A O   1 
ATOM   1044 N  N   . ARG A 1 130 ? 2.770   15.537  -30.084 1.00 30.38 ? 126 ARG A N   1 
ATOM   1045 C  CA  . ARG A 1 130 ? 1.330   15.742  -30.081 1.00 29.50 ? 126 ARG A CA  1 
ATOM   1046 C  C   . ARG A 1 130 ? 0.789   15.529  -28.672 1.00 30.03 ? 126 ARG A C   1 
ATOM   1047 O  O   . ARG A 1 130 ? 1.535   14.935  -27.875 1.00 25.29 ? 126 ARG A O   1 
ATOM   1048 C  CB  . ARG A 1 130 ? 0.661   14.771  -31.063 1.00 31.25 ? 126 ARG A CB  1 
HETATM 1049 O  O   . HOH B 2 .   ? -9.370  -8.262  9.843   1.00 13.90 ? 136 HOH A O   1 
HETATM 1050 O  O   . HOH B 2 .   ? 3.930   7.731   -19.055 1.00 15.96 ? 137 HOH A O   1 
HETATM 1051 O  O   . HOH B 2 .   ? 1.868   -10.516 3.953   1.00 14.38 ? 138 HOH A O   1 
HETATM 1052 O  O   . HOH B 2 .   ? 9.589   4.441   1.392   1.00 16.33 ? 139 HOH A O   1 
HETATM 1053 O  O   . HOH B 2 .   ? -3.455  -15.187 8.717   1.00 16.29 ? 140 HOH A O   1 
HETATM 1054 O  O   . HOH B 2 .   ? 5.589   7.066   -22.522 1.00 17.17 ? 141 HOH A O   1 
HETATM 1055 O  O   . HOH B 2 .   ? 8.931   3.503   8.269   1.00 18.10 ? 142 HOH A O   1 
HETATM 1056 O  O   . HOH B 2 .   ? 2.409   7.176   -16.709 1.00 16.43 ? 143 HOH A O   1 
HETATM 1057 O  O   . HOH B 2 .   ? -5.096  -10.135 14.739  1.00 17.84 ? 144 HOH A O   1 
HETATM 1058 O  O   . HOH B 2 .   ? 4.562   11.906  -11.118 1.00 17.53 ? 145 HOH A O   1 
HETATM 1059 O  O   . HOH B 2 .   ? 7.868   11.071  -26.110 1.00 18.15 ? 146 HOH A O   1 
HETATM 1060 O  O   . HOH B 2 .   ? -5.714  -8.500  -2.237  1.00 17.13 ? 147 HOH A O   1 
HETATM 1061 O  O   . HOH B 2 .   ? 1.176   -3.258  -17.470 1.00 21.28 ? 148 HOH A O   1 
HETATM 1062 O  O   . HOH B 2 .   ? -9.966  -1.771  -0.757  1.00 20.72 ? 149 HOH A O   1 
HETATM 1063 O  O   . HOH B 2 .   ? -5.149  -10.322 -4.398  1.00 21.93 ? 150 HOH A O   1 
HETATM 1064 O  O   . HOH B 2 .   ? 2.551   7.652   -25.123 1.00 20.67 ? 151 HOH A O   1 
HETATM 1065 O  O   . HOH B 2 .   ? 6.738   16.103  -28.049 1.00 23.76 ? 152 HOH A O   1 
HETATM 1066 O  O   . HOH B 2 .   ? -0.077  9.144   -15.150 1.00 21.87 ? 153 HOH A O   1 
HETATM 1067 O  O   . HOH B 2 .   ? -11.009 -6.131  11.415  1.00 19.82 ? 154 HOH A O   1 
HETATM 1068 O  O   . HOH B 2 .   ? 4.257   3.948   13.566  1.00 20.91 ? 155 HOH A O   1 
HETATM 1069 O  O   . HOH B 2 .   ? 9.297   3.777   4.232   1.00 23.23 ? 156 HOH A O   1 
HETATM 1070 O  O   . HOH B 2 .   ? 0.057   -12.938 -0.132  1.00 21.51 ? 157 HOH A O   1 
HETATM 1071 O  O   . HOH B 2 .   ? 10.755  9.764   -11.458 1.00 21.53 ? 158 HOH A O   1 
HETATM 1072 O  O   . HOH B 2 .   ? -10.520 -8.904  15.085  1.00 23.72 ? 159 HOH A O   1 
HETATM 1073 O  O   . HOH B 2 .   ? 14.052  5.250   -18.872 1.00 23.83 ? 160 HOH A O   1 
HETATM 1074 O  O   . HOH B 2 .   ? 5.975   -7.746  11.674  1.00 22.18 ? 161 HOH A O   1 
HETATM 1075 O  O   . HOH B 2 .   ? 12.817  -0.804  -5.405  1.00 25.35 ? 162 HOH A O   1 
HETATM 1076 O  O   . HOH B 2 .   ? 2.878   12.280  -8.081  1.00 24.95 ? 163 HOH A O   1 
HETATM 1077 O  O   . HOH B 2 .   ? 4.422   10.750  -32.570 1.00 26.43 ? 164 HOH A O   1 
HETATM 1078 O  O   . HOH B 2 .   ? -5.513  -15.502 13.073  1.00 22.91 ? 165 HOH A O   1 
HETATM 1079 O  O   . HOH B 2 .   ? 5.324   -9.858  -7.762  1.00 21.98 ? 166 HOH A O   1 
HETATM 1080 O  O   . HOH B 2 .   ? 9.514   -2.951  6.970   1.00 25.24 ? 167 HOH A O   1 
HETATM 1081 O  O   . HOH B 2 .   ? -2.398  2.280   -15.202 1.00 22.97 ? 168 HOH A O   1 
HETATM 1082 O  O   . HOH B 2 .   ? -3.298  -10.853 -2.363  1.00 23.06 ? 169 HOH A O   1 
HETATM 1083 O  O   . HOH B 2 .   ? 6.946   6.962   8.669   1.00 30.76 ? 170 HOH A O   1 
HETATM 1084 O  O   . HOH B 2 .   ? 7.574   4.309   10.883  1.00 27.41 ? 171 HOH A O   1 
HETATM 1085 O  O   . HOH B 2 .   ? -9.963  -3.992  -2.610  1.00 26.12 ? 172 HOH A O   1 
HETATM 1086 O  O   . HOH B 2 .   ? -2.696  7.126   -9.540  1.00 26.06 ? 173 HOH A O   1 
HETATM 1087 O  O   . HOH B 2 .   ? -16.785 -7.270  5.911   1.00 35.85 ? 174 HOH A O   1 
HETATM 1088 O  O   . HOH B 2 .   ? 8.361   -6.055  12.821  1.00 24.15 ? 175 HOH A O   1 
HETATM 1089 O  O   . HOH B 2 .   ? 0.645   -15.211 8.044   1.00 21.01 ? 176 HOH A O   1 
HETATM 1090 O  O   . HOH B 2 .   ? 6.108   -10.680 -3.876  1.00 24.36 ? 177 HOH A O   1 
HETATM 1091 O  O   . HOH B 2 .   ? 5.319   3.933   -21.029 1.00 25.76 ? 178 HOH A O   1 
HETATM 1092 O  O   . HOH B 2 .   ? 10.367  -5.271  14.842  1.00 30.11 ? 179 HOH A O   1 
HETATM 1093 O  O   . HOH B 2 .   ? 15.650  1.191   4.324   1.00 24.45 ? 180 HOH A O   1 
HETATM 1094 O  O   . HOH B 2 .   ? 7.162   -5.654  -8.545  1.00 26.31 ? 181 HOH A O   1 
HETATM 1095 O  O   . HOH B 2 .   ? 7.296   -0.868  18.828  1.00 36.71 ? 182 HOH A O   1 
HETATM 1096 O  O   . HOH B 2 .   ? 11.089  10.349  -29.553 1.00 36.31 ? 183 HOH A O   1 
HETATM 1097 O  O   . HOH B 2 .   ? 11.513  -3.105  -13.802 1.00 35.84 ? 184 HOH A O   1 
HETATM 1098 O  O   . HOH B 2 .   ? 13.610  2.981   -11.935 1.00 28.45 ? 185 HOH A O   1 
HETATM 1099 O  O   . HOH B 2 .   ? 8.306   5.719   6.971   1.00 28.70 ? 186 HOH A O   1 
HETATM 1100 O  O   . HOH B 2 .   ? 0.783   -4.798  -13.575 1.00 26.85 ? 187 HOH A O   1 
HETATM 1101 O  O   . HOH B 2 .   ? -11.398 7.379   -0.758  1.00 35.66 ? 188 HOH A O   1 
HETATM 1102 O  O   . HOH B 2 .   ? -8.104  -5.965  15.869  1.00 31.42 ? 189 HOH A O   1 
HETATM 1103 O  O   . HOH B 2 .   ? 3.529   12.440  -2.906  1.00 28.43 ? 190 HOH A O   1 
HETATM 1104 O  O   . HOH B 2 .   ? -1.625  -15.203 6.484   1.00 24.00 ? 191 HOH A O   1 
HETATM 1105 O  O   . HOH B 2 .   ? -10.459 -3.505  -6.505  1.00 35.39 ? 192 HOH A O   1 
HETATM 1106 O  O   . HOH B 2 .   ? 8.394   9.756   -5.479  1.00 25.28 ? 193 HOH A O   1 
HETATM 1107 O  O   . HOH B 2 .   ? -4.871  -7.667  18.368  1.00 28.15 ? 194 HOH A O   1 
HETATM 1108 O  O   . HOH B 2 .   ? 3.784   9.412   2.470   1.00 31.45 ? 195 HOH A O   1 
HETATM 1109 O  O   . HOH B 2 .   ? 6.663   4.978   14.525  1.00 33.73 ? 196 HOH A O   1 
HETATM 1110 O  O   . HOH B 2 .   ? -8.305  -4.650  -4.573  1.00 31.01 ? 197 HOH A O   1 
HETATM 1111 O  O   . HOH B 2 .   ? -9.375  -3.591  14.529  1.00 32.22 ? 198 HOH A O   1 
HETATM 1112 O  O   . HOH B 2 .   ? -1.206  11.446  -7.950  1.00 32.08 ? 199 HOH A O   1 
HETATM 1113 O  O   . HOH B 2 .   ? -1.315  6.748   16.781  1.00 42.51 ? 200 HOH A O   1 
HETATM 1114 O  O   . HOH B 2 .   ? 3.140   -5.474  -14.933 1.00 27.17 ? 201 HOH A O   1 
HETATM 1115 O  O   . HOH B 2 .   ? 6.153   1.579   -20.086 1.00 25.78 ? 202 HOH A O   1 
HETATM 1116 O  O   . HOH B 2 .   ? -9.071  3.900   10.437  1.00 37.28 ? 203 HOH A O   1 
HETATM 1117 O  O   . HOH B 2 .   ? 15.162  1.793   -17.343 1.00 34.18 ? 204 HOH A O   1 
HETATM 1118 O  O   . HOH B 2 .   ? 8.621   -2.847  -9.441  1.00 31.52 ? 205 HOH A O   1 
HETATM 1119 O  O   . HOH B 2 .   ? 11.102  -13.048 7.687   1.00 33.34 ? 206 HOH A O   1 
HETATM 1120 O  O   . HOH B 2 .   ? -9.137  -9.722  -3.152  1.00 35.59 ? 207 HOH A O   1 
HETATM 1121 O  O   . HOH B 2 .   ? -0.071  -12.931 -5.411  1.00 40.83 ? 208 HOH A O   1 
HETATM 1122 O  O   . HOH B 2 .   ? -8.266  3.818   -12.675 1.00 42.28 ? 209 HOH A O   1 
HETATM 1123 O  O   . HOH B 2 .   ? 14.105  0.199   -3.140  1.00 35.93 ? 210 HOH A O   1 
HETATM 1124 O  O   . HOH B 2 .   ? -16.715 -4.452  -0.645  1.00 38.95 ? 211 HOH A O   1 
HETATM 1125 O  O   . HOH B 2 .   ? 18.049  2.156   -8.244  1.00 46.49 ? 212 HOH A O   1 
HETATM 1126 O  O   . HOH B 2 .   ? -15.892 -9.701  6.677   1.00 35.72 ? 213 HOH A O   1 
HETATM 1127 O  O   . HOH B 2 .   ? 3.231   8.063   12.987  1.00 45.49 ? 214 HOH A O   1 
HETATM 1128 O  O   . HOH B 2 .   ? -13.132 -8.975  -0.645  1.00 33.90 ? 215 HOH A O   1 
HETATM 1129 O  O   . HOH B 2 .   ? -0.712  10.674  5.725   1.00 38.05 ? 216 HOH A O   1 
HETATM 1130 O  O   . HOH B 2 .   ? 11.840  4.487   -10.477 1.00 20.86 ? 217 HOH A O   1 
HETATM 1131 O  O   . HOH B 2 .   ? -6.673  -8.259  16.214  1.00 28.44 ? 218 HOH A O   1 
HETATM 1132 O  O   . HOH B 2 .   ? 10.614  11.978  -27.463 1.00 31.58 ? 219 HOH A O   1 
HETATM 1133 O  O   . HOH B 2 .   ? 4.430   -12.608 -2.759  1.00 31.56 ? 220 HOH A O   1 
HETATM 1134 O  O   . HOH B 2 .   ? 11.217  6.663   2.025   1.00 31.81 ? 221 HOH A O   1 
HETATM 1135 O  O   . HOH B 2 .   ? -8.382  6.381   -12.937 1.00 34.91 ? 222 HOH A O   1 
HETATM 1136 O  O   . HOH B 2 .   ? -12.114 -11.334 -0.258  1.00 27.50 ? 223 HOH A O   1 
HETATM 1137 O  O   . HOH B 2 .   ? -2.620  -16.766 10.919  1.00 30.50 ? 224 HOH A O   1 
HETATM 1138 O  O   . HOH B 2 .   ? 12.511  -3.255  -5.698  1.00 33.40 ? 225 HOH A O   1 
HETATM 1139 O  O   . HOH B 2 .   ? -16.452 -2.755  1.442   1.00 29.94 ? 226 HOH A O   1 
HETATM 1140 O  O   . HOH B 2 .   ? 12.743  0.092   -11.177 1.00 35.99 ? 227 HOH A O   1 
HETATM 1141 O  O   . HOH B 2 .   ? 8.926   -8.317  11.792  1.00 40.50 ? 228 HOH A O   1 
HETATM 1142 O  O   . HOH B 2 .   ? -11.405 -3.748  12.744  1.00 37.58 ? 229 HOH A O   1 
HETATM 1143 O  O   . HOH B 2 .   ? 3.856   4.737   -22.585 1.00 33.51 ? 230 HOH A O   1 
HETATM 1144 O  O   . HOH B 2 .   ? 13.678  -2.335  -2.109  1.00 35.05 ? 231 HOH A O   1 
HETATM 1145 O  O   . HOH B 2 .   ? 6.475   9.220   1.559   1.00 30.20 ? 232 HOH A O   1 
HETATM 1146 O  O   . HOH B 2 .   ? 7.220   -11.124 17.347  1.00 36.48 ? 233 HOH A O   1 
HETATM 1147 O  O   . HOH B 2 .   ? -8.609  -1.504  -12.884 1.00 41.79 ? 234 HOH A O   1 
HETATM 1148 O  O   . HOH B 2 .   ? 10.288  -10.248 10.412  1.00 39.38 ? 235 HOH A O   1 
HETATM 1149 O  O   . HOH B 2 .   ? 3.843   -16.337 -2.052  1.00 39.05 ? 236 HOH A O   1 
HETATM 1150 O  O   . HOH B 2 .   ? 6.122   -5.819  -12.679 1.00 39.79 ? 237 HOH A O   1 
HETATM 1151 O  O   . HOH B 2 .   ? -7.093  -5.705  -8.261  1.00 31.51 ? 238 HOH A O   1 
HETATM 1152 O  O   . HOH B 2 .   ? 9.269   -7.716  15.245  1.00 38.45 ? 239 HOH A O   1 
HETATM 1153 O  O   . HOH B 2 .   ? -8.522  -5.891  -12.014 1.00 39.68 ? 240 HOH A O   1 
HETATM 1154 O  O   . HOH B 2 .   ? -0.773  -6.648  -12.598 1.00 41.76 ? 241 HOH A O   1 
HETATM 1155 O  O   . HOH B 2 .   ? 8.343   8.406   3.088   1.00 40.10 ? 242 HOH A O   1 
HETATM 1156 O  O   . HOH B 2 .   ? -8.068  14.720  -2.086  1.00 41.98 ? 243 HOH A O   1 
HETATM 1157 O  O   . HOH B 2 .   ? 7.448   11.254  -2.309  1.00 41.08 ? 244 HOH A O   1 
HETATM 1158 O  O   . HOH B 2 .   ? -0.979  6.207   20.741  1.00 44.54 ? 245 HOH A O   1 
HETATM 1159 O  O   . HOH B 2 .   ? -6.303  -2.334  -16.949 1.00 35.71 ? 246 HOH A O   1 
HETATM 1160 O  O   . HOH B 2 .   ? 17.571  3.788   -0.911  1.00 41.19 ? 247 HOH A O   1 
# 
